data_6IPZ
# 
_entry.id   6IPZ 
# 
_audit_conform.dict_name       mmcif_pdbx.dic 
_audit_conform.dict_version    5.380 
_audit_conform.dict_location   http://mmcif.pdb.org/dictionaries/ascii/mmcif_pdbx.dic 
# 
loop_
_database_2.database_id 
_database_2.database_code 
_database_2.pdbx_database_accession 
_database_2.pdbx_DOI 
PDB   6IPZ         pdb_00006ipz 10.2210/pdb6ipz/pdb 
WWPDB D_1300009696 ?            ?                   
# 
_pdbx_database_related.db_name        PDB 
_pdbx_database_related.details        
'3H0F contains the same protein domain, but with different flanking sequences and without 18-crown-6' 
_pdbx_database_related.db_id          3H0F 
_pdbx_database_related.content_type   unspecified 
# 
_pdbx_database_status.status_code                     REL 
_pdbx_database_status.status_code_sf                  REL 
_pdbx_database_status.status_code_mr                  ? 
_pdbx_database_status.entry_id                        6IPZ 
_pdbx_database_status.recvd_initial_deposition_date   2018-11-05 
_pdbx_database_status.SG_entry                        N 
_pdbx_database_status.deposit_site                    PDBJ 
_pdbx_database_status.process_site                    PDBJ 
_pdbx_database_status.status_code_cs                  ? 
_pdbx_database_status.methods_development_category    ? 
_pdbx_database_status.pdb_format_compatible           Y 
_pdbx_database_status.status_code_nmr_data            ? 
# 
loop_
_audit_author.name 
_audit_author.pdbx_ordinal 
_audit_author.identifier_ORCID 
'Arold, S.T.'         1 0000-0001-5278-0668 
'Aljedani, S.S.'      2 0000-0002-9078-0391 
'Shahul Hameed, U.F.' 3 0000-0002-0552-7149 
# 
_citation.abstract                  ? 
_citation.abstract_id_CAS           ? 
_citation.book_id_ISBN              ? 
_citation.book_publisher            ? 
_citation.book_publisher_city       ? 
_citation.book_title                ? 
_citation.coordinate_linkage        ? 
_citation.country                   UK 
_citation.database_id_Medline       ? 
_citation.details                   ? 
_citation.id                        primary 
_citation.journal_abbrev            Biochem.J. 
_citation.journal_id_ASTM           BIJOAK 
_citation.journal_id_CSD            0043 
_citation.journal_id_ISSN           1470-8728 
_citation.journal_full              ? 
_citation.journal_issue             ? 
_citation.journal_volume            478 
_citation.language                  ? 
_citation.page_first                1525 
_citation.page_last                 1545 
_citation.title                     'Synergy and allostery in ligand binding by HIV-1 Nef.' 
_citation.year                      2021 
_citation.database_id_CSD           ? 
_citation.pdbx_database_id_DOI      10.1042/BCJ20201002 
_citation.pdbx_database_id_PubMed   33787846 
_citation.unpublished_flag          ? 
# 
loop_
_citation_author.citation_id 
_citation_author.name 
_citation_author.ordinal 
_citation_author.identifier_ORCID 
primary 'Aldehaiman, A.'      1  ? 
primary 'Momin, A.A.'         2  ? 
primary 'Restouin, A.'        3  ? 
primary 'Wang, L.'            4  ? 
primary 'Shi, X.'             5  ? 
primary 'Aljedani, S.'        6  ? 
primary 'Opi, S.'             7  ? 
primary 'Lugari, A.'          8  ? 
primary 'Shahul Hameed, U.F.' 9  ? 
primary 'Ponchon, L.'         10 ? 
primary 'Morelli, X.'         11 ? 
primary 'Huang, M.'           12 ? 
primary 'Dumas, C.'           13 ? 
primary 'Collette, Y.'        14 ? 
primary 'Arold, S.T.'         15 ? 
# 
_cell.angle_alpha                  90.000 
_cell.angle_alpha_esd              ? 
_cell.angle_beta                   90.000 
_cell.angle_beta_esd               ? 
_cell.angle_gamma                  90.000 
_cell.angle_gamma_esd              ? 
_cell.entry_id                     6IPZ 
_cell.details                      ? 
_cell.formula_units_Z              ? 
_cell.length_a                     51.490 
_cell.length_a_esd                 ? 
_cell.length_b                     51.490 
_cell.length_b_esd                 ? 
_cell.length_c                     51.850 
_cell.length_c_esd                 ? 
_cell.volume                       ? 
_cell.volume_esd                   ? 
_cell.Z_PDB                        8 
_cell.reciprocal_angle_alpha       ? 
_cell.reciprocal_angle_beta        ? 
_cell.reciprocal_angle_gamma       ? 
_cell.reciprocal_angle_alpha_esd   ? 
_cell.reciprocal_angle_beta_esd    ? 
_cell.reciprocal_angle_gamma_esd   ? 
_cell.reciprocal_length_a          ? 
_cell.reciprocal_length_b          ? 
_cell.reciprocal_length_c          ? 
_cell.reciprocal_length_a_esd      ? 
_cell.reciprocal_length_b_esd      ? 
_cell.reciprocal_length_c_esd      ? 
_cell.pdbx_unique_axis             ? 
# 
_symmetry.entry_id                         6IPZ 
_symmetry.cell_setting                     ? 
_symmetry.Int_Tables_number                92 
_symmetry.space_group_name_Hall            ? 
_symmetry.space_group_name_H-M             'P 41 21 2' 
_symmetry.pdbx_full_space_group_name_H-M   ? 
# 
loop_
_entity.id 
_entity.type 
_entity.src_method 
_entity.pdbx_description 
_entity.formula_weight 
_entity.pdbx_number_of_molecules 
_entity.pdbx_ec 
_entity.pdbx_mutation 
_entity.pdbx_fragment 
_entity.details 
1 polymer     man 'Tyrosine-protein kinase Fyn'         7849.575 1  2.7.10.2 R96W 'UNP residues 82-144' ? 
2 non-polymer syn 1,4,7,10,13,16-HEXAOXACYCLOOCTADECANE 264.315  2  ?        ?    ?                     ? 
3 water       nat water                                 18.015   23 ?        ?    ?                     ? 
# 
_entity_poly.entity_id                      1 
_entity_poly.type                           'polypeptide(L)' 
_entity_poly.nstd_linkage                   no 
_entity_poly.nstd_monomer                   no 
_entity_poly.pdbx_seq_one_letter_code       LLVPRGSTGVTLFVALYDYEAWTEDDLSFHKGEKFQILNSSEGDWWEARSLTTGETGYIPSNYVAPVDSI 
_entity_poly.pdbx_seq_one_letter_code_can   LLVPRGSTGVTLFVALYDYEAWTEDDLSFHKGEKFQILNSSEGDWWEARSLTTGETGYIPSNYVAPVDSI 
_entity_poly.pdbx_strand_id                 Z 
_entity_poly.pdbx_target_identifier         ? 
# 
loop_
_entity_poly_seq.entity_id 
_entity_poly_seq.num 
_entity_poly_seq.mon_id 
_entity_poly_seq.hetero 
1 1  LEU n 
1 2  LEU n 
1 3  VAL n 
1 4  PRO n 
1 5  ARG n 
1 6  GLY n 
1 7  SER n 
1 8  THR n 
1 9  GLY n 
1 10 VAL n 
1 11 THR n 
1 12 LEU n 
1 13 PHE n 
1 14 VAL n 
1 15 ALA n 
1 16 LEU n 
1 17 TYR n 
1 18 ASP n 
1 19 TYR n 
1 20 GLU n 
1 21 ALA n 
1 22 TRP n 
1 23 THR n 
1 24 GLU n 
1 25 ASP n 
1 26 ASP n 
1 27 LEU n 
1 28 SER n 
1 29 PHE n 
1 30 HIS n 
1 31 LYS n 
1 32 GLY n 
1 33 GLU n 
1 34 LYS n 
1 35 PHE n 
1 36 GLN n 
1 37 ILE n 
1 38 LEU n 
1 39 ASN n 
1 40 SER n 
1 41 SER n 
1 42 GLU n 
1 43 GLY n 
1 44 ASP n 
1 45 TRP n 
1 46 TRP n 
1 47 GLU n 
1 48 ALA n 
1 49 ARG n 
1 50 SER n 
1 51 LEU n 
1 52 THR n 
1 53 THR n 
1 54 GLY n 
1 55 GLU n 
1 56 THR n 
1 57 GLY n 
1 58 TYR n 
1 59 ILE n 
1 60 PRO n 
1 61 SER n 
1 62 ASN n 
1 63 TYR n 
1 64 VAL n 
1 65 ALA n 
1 66 PRO n 
1 67 VAL n 
1 68 ASP n 
1 69 SER n 
1 70 ILE n 
# 
_entity_src_gen.entity_id                          1 
_entity_src_gen.pdbx_src_id                        1 
_entity_src_gen.pdbx_alt_source_flag               sample 
_entity_src_gen.pdbx_seq_type                      'Biological sequence' 
_entity_src_gen.pdbx_beg_seq_num                   1 
_entity_src_gen.pdbx_end_seq_num                   70 
_entity_src_gen.gene_src_common_name               Human 
_entity_src_gen.gene_src_genus                     ? 
_entity_src_gen.pdbx_gene_src_gene                 FYN 
_entity_src_gen.gene_src_species                   ? 
_entity_src_gen.gene_src_strain                    ? 
_entity_src_gen.gene_src_tissue                    ? 
_entity_src_gen.gene_src_tissue_fraction           ? 
_entity_src_gen.gene_src_details                   ? 
_entity_src_gen.pdbx_gene_src_fragment             ? 
_entity_src_gen.pdbx_gene_src_scientific_name      'Homo sapiens' 
_entity_src_gen.pdbx_gene_src_ncbi_taxonomy_id     9606 
_entity_src_gen.pdbx_gene_src_variant              ? 
_entity_src_gen.pdbx_gene_src_cell_line            ? 
_entity_src_gen.pdbx_gene_src_atcc                 ? 
_entity_src_gen.pdbx_gene_src_organ                ? 
_entity_src_gen.pdbx_gene_src_organelle            ? 
_entity_src_gen.pdbx_gene_src_cell                 ? 
_entity_src_gen.pdbx_gene_src_cellular_location    ? 
_entity_src_gen.host_org_common_name               ? 
_entity_src_gen.pdbx_host_org_scientific_name      'Escherichia coli BL21' 
_entity_src_gen.pdbx_host_org_ncbi_taxonomy_id     511693 
_entity_src_gen.host_org_genus                     ? 
_entity_src_gen.pdbx_host_org_gene                 ? 
_entity_src_gen.pdbx_host_org_organ                ? 
_entity_src_gen.host_org_species                   ? 
_entity_src_gen.pdbx_host_org_tissue               ? 
_entity_src_gen.pdbx_host_org_tissue_fraction      ? 
_entity_src_gen.pdbx_host_org_strain               BL21 
_entity_src_gen.pdbx_host_org_variant              ? 
_entity_src_gen.pdbx_host_org_cell_line            ? 
_entity_src_gen.pdbx_host_org_atcc                 ? 
_entity_src_gen.pdbx_host_org_culture_collection   ? 
_entity_src_gen.pdbx_host_org_cell                 ? 
_entity_src_gen.pdbx_host_org_organelle            ? 
_entity_src_gen.pdbx_host_org_cellular_location    ? 
_entity_src_gen.pdbx_host_org_vector_type          ? 
_entity_src_gen.pdbx_host_org_vector               ? 
_entity_src_gen.host_org_details                   ? 
_entity_src_gen.expression_system_id               ? 
_entity_src_gen.plasmid_name                       ? 
_entity_src_gen.plasmid_details                    ? 
_entity_src_gen.pdbx_description                   ? 
# 
_struct_ref.id                         1 
_struct_ref.db_name                    UNP 
_struct_ref.db_code                    FYN_HUMAN 
_struct_ref.pdbx_db_accession          P06241 
_struct_ref.pdbx_db_isoform            ? 
_struct_ref.entity_id                  1 
_struct_ref.pdbx_seq_one_letter_code   TGVTLFVALYDYEARTEDDLSFHKGEKFQILNSSEGDWWEARSLTTGETGYIPSNYVAPVDSI 
_struct_ref.pdbx_align_begin           82 
# 
_struct_ref_seq.align_id                      1 
_struct_ref_seq.ref_id                        1 
_struct_ref_seq.pdbx_PDB_id_code              6IPZ 
_struct_ref_seq.pdbx_strand_id                Z 
_struct_ref_seq.seq_align_beg                 8 
_struct_ref_seq.pdbx_seq_align_beg_ins_code   ? 
_struct_ref_seq.seq_align_end                 70 
_struct_ref_seq.pdbx_seq_align_end_ins_code   ? 
_struct_ref_seq.pdbx_db_accession             P06241 
_struct_ref_seq.db_align_beg                  82 
_struct_ref_seq.pdbx_db_align_beg_ins_code    ? 
_struct_ref_seq.db_align_end                  144 
_struct_ref_seq.pdbx_db_align_end_ins_code    ? 
_struct_ref_seq.pdbx_auth_seq_align_beg       82 
_struct_ref_seq.pdbx_auth_seq_align_end       144 
# 
loop_
_struct_ref_seq_dif.align_id 
_struct_ref_seq_dif.pdbx_pdb_id_code 
_struct_ref_seq_dif.mon_id 
_struct_ref_seq_dif.pdbx_pdb_strand_id 
_struct_ref_seq_dif.seq_num 
_struct_ref_seq_dif.pdbx_pdb_ins_code 
_struct_ref_seq_dif.pdbx_seq_db_name 
_struct_ref_seq_dif.pdbx_seq_db_accession_code 
_struct_ref_seq_dif.db_mon_id 
_struct_ref_seq_dif.pdbx_seq_db_seq_num 
_struct_ref_seq_dif.details 
_struct_ref_seq_dif.pdbx_auth_seq_num 
_struct_ref_seq_dif.pdbx_ordinal 
1 6IPZ LEU Z 1  ? UNP P06241 ?   ?  'expression tag'      75 1 
1 6IPZ LEU Z 2  ? UNP P06241 ?   ?  'expression tag'      76 2 
1 6IPZ VAL Z 3  ? UNP P06241 ?   ?  'expression tag'      77 3 
1 6IPZ PRO Z 4  ? UNP P06241 ?   ?  'expression tag'      78 4 
1 6IPZ ARG Z 5  ? UNP P06241 ?   ?  'expression tag'      79 5 
1 6IPZ GLY Z 6  ? UNP P06241 ?   ?  'expression tag'      80 6 
1 6IPZ SER Z 7  ? UNP P06241 ?   ?  'expression tag'      81 7 
1 6IPZ TRP Z 22 ? UNP P06241 ARG 96 'engineered mutation' 96 8 
# 
loop_
_chem_comp.id 
_chem_comp.type 
_chem_comp.mon_nstd_flag 
_chem_comp.name 
_chem_comp.pdbx_synonyms 
_chem_comp.formula 
_chem_comp.formula_weight 
ALA 'L-peptide linking' y ALANINE                               ? 'C3 H7 N O2'     89.093  
ARG 'L-peptide linking' y ARGININE                              ? 'C6 H15 N4 O2 1' 175.209 
ASN 'L-peptide linking' y ASPARAGINE                            ? 'C4 H8 N2 O3'    132.118 
ASP 'L-peptide linking' y 'ASPARTIC ACID'                       ? 'C4 H7 N O4'     133.103 
GLN 'L-peptide linking' y GLUTAMINE                             ? 'C5 H10 N2 O3'   146.144 
GLU 'L-peptide linking' y 'GLUTAMIC ACID'                       ? 'C5 H9 N O4'     147.129 
GLY 'peptide linking'   y GLYCINE                               ? 'C2 H5 N O2'     75.067  
HIS 'L-peptide linking' y HISTIDINE                             ? 'C6 H10 N3 O2 1' 156.162 
HOH non-polymer         . WATER                                 ? 'H2 O'           18.015  
ILE 'L-peptide linking' y ISOLEUCINE                            ? 'C6 H13 N O2'    131.173 
LEU 'L-peptide linking' y LEUCINE                               ? 'C6 H13 N O2'    131.173 
LYS 'L-peptide linking' y LYSINE                                ? 'C6 H15 N2 O2 1' 147.195 
O4B non-polymer         . 1,4,7,10,13,16-HEXAOXACYCLOOCTADECANE ? 'C12 H24 O6'     264.315 
PHE 'L-peptide linking' y PHENYLALANINE                         ? 'C9 H11 N O2'    165.189 
PRO 'L-peptide linking' y PROLINE                               ? 'C5 H9 N O2'     115.130 
SER 'L-peptide linking' y SERINE                                ? 'C3 H7 N O3'     105.093 
THR 'L-peptide linking' y THREONINE                             ? 'C4 H9 N O3'     119.119 
TRP 'L-peptide linking' y TRYPTOPHAN                            ? 'C11 H12 N2 O2'  204.225 
TYR 'L-peptide linking' y TYROSINE                              ? 'C9 H11 N O3'    181.189 
VAL 'L-peptide linking' y VALINE                                ? 'C5 H11 N O2'    117.146 
# 
_exptl.absorpt_coefficient_mu     ? 
_exptl.absorpt_correction_T_max   ? 
_exptl.absorpt_correction_T_min   ? 
_exptl.absorpt_correction_type    ? 
_exptl.absorpt_process_details    ? 
_exptl.entry_id                   6IPZ 
_exptl.crystals_number            1 
_exptl.details                    ? 
_exptl.method                     'X-RAY DIFFRACTION' 
_exptl.method_details             ? 
# 
_exptl_crystal.colour                      ? 
_exptl_crystal.density_diffrn              ? 
_exptl_crystal.density_Matthews            2.22 
_exptl_crystal.density_method              ? 
_exptl_crystal.density_percent_sol         44.62 
_exptl_crystal.description                 ? 
_exptl_crystal.F_000                       ? 
_exptl_crystal.id                          1 
_exptl_crystal.preparation                 ? 
_exptl_crystal.size_max                    ? 
_exptl_crystal.size_mid                    ? 
_exptl_crystal.size_min                    ? 
_exptl_crystal.size_rad                    ? 
_exptl_crystal.colour_lustre               ? 
_exptl_crystal.colour_modifier             ? 
_exptl_crystal.colour_primary              ? 
_exptl_crystal.density_meas                ? 
_exptl_crystal.density_meas_esd            ? 
_exptl_crystal.density_meas_gt             ? 
_exptl_crystal.density_meas_lt             ? 
_exptl_crystal.density_meas_temp           ? 
_exptl_crystal.density_meas_temp_esd       ? 
_exptl_crystal.density_meas_temp_gt        ? 
_exptl_crystal.density_meas_temp_lt        ? 
_exptl_crystal.pdbx_crystal_image_url      ? 
_exptl_crystal.pdbx_crystal_image_format   ? 
_exptl_crystal.pdbx_mosaicity              ? 
_exptl_crystal.pdbx_mosaicity_esd          ? 
# 
_exptl_crystal_grow.apparatus       ? 
_exptl_crystal_grow.atmosphere      ? 
_exptl_crystal_grow.crystal_id      1 
_exptl_crystal_grow.details         ? 
_exptl_crystal_grow.method          'VAPOR DIFFUSION, SITTING DROP' 
_exptl_crystal_grow.method_ref      ? 
_exptl_crystal_grow.pH              4.6 
_exptl_crystal_grow.pressure        ? 
_exptl_crystal_grow.pressure_esd    ? 
_exptl_crystal_grow.seeding         ? 
_exptl_crystal_grow.seeding_ref     ? 
_exptl_crystal_grow.temp            295 
_exptl_crystal_grow.temp_details    ? 
_exptl_crystal_grow.temp_esd        ? 
_exptl_crystal_grow.time            ? 
_exptl_crystal_grow.pdbx_details    '0.08M Sodium acetate trihydrate pH 4.6, 1.6M Ammonium sulfate, 20%(v/v)  Glycerol' 
_exptl_crystal_grow.pdbx_pH_range   ? 
# 
_diffrn.ambient_environment              ? 
_diffrn.ambient_temp                     100 
_diffrn.ambient_temp_details             ? 
_diffrn.ambient_temp_esd                 ? 
_diffrn.crystal_id                       1 
_diffrn.crystal_support                  ? 
_diffrn.crystal_treatment                ? 
_diffrn.details                          ? 
_diffrn.id                               1 
_diffrn.ambient_pressure                 ? 
_diffrn.ambient_pressure_esd             ? 
_diffrn.ambient_pressure_gt              ? 
_diffrn.ambient_pressure_lt              ? 
_diffrn.ambient_temp_gt                  ? 
_diffrn.ambient_temp_lt                  ? 
_diffrn.pdbx_serial_crystal_experiment   N 
# 
_diffrn_detector.details                      ? 
_diffrn_detector.detector                     PIXEL 
_diffrn_detector.diffrn_id                    1 
_diffrn_detector.type                         'DECTRIS EIGER X 9M' 
_diffrn_detector.area_resol_mean              ? 
_diffrn_detector.dtime                        ? 
_diffrn_detector.pdbx_frames_total            ? 
_diffrn_detector.pdbx_collection_time_total   ? 
_diffrn_detector.pdbx_collection_date         2018-10-05 
_diffrn_detector.pdbx_frequency               ? 
# 
_diffrn_radiation.collimation                      ? 
_diffrn_radiation.diffrn_id                        1 
_diffrn_radiation.filter_edge                      ? 
_diffrn_radiation.inhomogeneity                    ? 
_diffrn_radiation.monochromator                    ? 
_diffrn_radiation.polarisn_norm                    ? 
_diffrn_radiation.polarisn_ratio                   ? 
_diffrn_radiation.probe                            ? 
_diffrn_radiation.type                             ? 
_diffrn_radiation.xray_symbol                      ? 
_diffrn_radiation.wavelength_id                    1 
_diffrn_radiation.pdbx_monochromatic_or_laue_m_l   M 
_diffrn_radiation.pdbx_wavelength_list             ? 
_diffrn_radiation.pdbx_wavelength                  ? 
_diffrn_radiation.pdbx_diffrn_protocol             'SINGLE WAVELENGTH' 
_diffrn_radiation.pdbx_analyzer                    ? 
_diffrn_radiation.pdbx_scattering_type             x-ray 
# 
_diffrn_radiation_wavelength.id           1 
_diffrn_radiation_wavelength.wavelength   0.980 
_diffrn_radiation_wavelength.wt           1.0 
# 
_diffrn_source.current                     ? 
_diffrn_source.details                     ? 
_diffrn_source.diffrn_id                   1 
_diffrn_source.power                       ? 
_diffrn_source.size                        ? 
_diffrn_source.source                      SYNCHROTRON 
_diffrn_source.target                      ? 
_diffrn_source.type                        'SOLEIL BEAMLINE PROXIMA 2' 
_diffrn_source.voltage                     ? 
_diffrn_source.take-off_angle              ? 
_diffrn_source.pdbx_wavelength_list        0.980 
_diffrn_source.pdbx_wavelength             ? 
_diffrn_source.pdbx_synchrotron_beamline   'PROXIMA 2' 
_diffrn_source.pdbx_synchrotron_site       SOLEIL 
# 
_reflns.B_iso_Wilson_estimate            34.14 
_reflns.entry_id                         6IPZ 
_reflns.data_reduction_details           ? 
_reflns.data_reduction_method            ? 
_reflns.d_resolution_high                1.576 
_reflns.d_resolution_low                 36.536 
_reflns.details                          ? 
_reflns.limit_h_max                      ? 
_reflns.limit_h_min                      ? 
_reflns.limit_k_max                      ? 
_reflns.limit_k_min                      ? 
_reflns.limit_l_max                      ? 
_reflns.limit_l_min                      ? 
_reflns.number_all                       ? 
_reflns.number_obs                       10112 
_reflns.observed_criterion               ? 
_reflns.observed_criterion_F_max         ? 
_reflns.observed_criterion_F_min         ? 
_reflns.observed_criterion_I_max         ? 
_reflns.observed_criterion_I_min         ? 
_reflns.observed_criterion_sigma_F       ? 
_reflns.observed_criterion_sigma_I       ? 
_reflns.percent_possible_obs             99.83 
_reflns.R_free_details                   ? 
_reflns.Rmerge_F_all                     ? 
_reflns.Rmerge_F_obs                     ? 
_reflns.Friedel_coverage                 ? 
_reflns.number_gt                        ? 
_reflns.threshold_expression             ? 
_reflns.pdbx_redundancy                  25.6 
_reflns.pdbx_Rmerge_I_obs                0.06273 
_reflns.pdbx_Rmerge_I_all                ? 
_reflns.pdbx_Rsym_value                  ? 
_reflns.pdbx_netI_over_av_sigmaI         ? 
_reflns.pdbx_netI_over_sigmaI            29.66 
_reflns.pdbx_res_netI_over_av_sigmaI_2   ? 
_reflns.pdbx_res_netI_over_sigmaI_2      ? 
_reflns.pdbx_chi_squared                 ? 
_reflns.pdbx_scaling_rejects             ? 
_reflns.pdbx_d_res_high_opt              ? 
_reflns.pdbx_d_res_low_opt               ? 
_reflns.pdbx_d_res_opt_method            ? 
_reflns.phase_calculation_details        ? 
_reflns.pdbx_Rrim_I_all                  0.06403 
_reflns.pdbx_Rpim_I_all                  0.01267 
_reflns.pdbx_d_opt                       ? 
_reflns.pdbx_number_measured_all         ? 
_reflns.pdbx_diffrn_id                   1 
_reflns.pdbx_ordinal                     1 
_reflns.pdbx_CC_half                     1 
_reflns.pdbx_R_split                     ? 
# 
_reflns_shell.d_res_high                  1.576 
_reflns_shell.d_res_low                   1.633 
_reflns_shell.meanI_over_sigI_all         ? 
_reflns_shell.meanI_over_sigI_obs         0.91 
_reflns_shell.number_measured_all         ? 
_reflns_shell.number_measured_obs         ? 
_reflns_shell.number_possible             ? 
_reflns_shell.number_unique_all           ? 
_reflns_shell.number_unique_obs           988 
_reflns_shell.percent_possible_all        98.38 
_reflns_shell.percent_possible_obs        ? 
_reflns_shell.Rmerge_F_all                ? 
_reflns_shell.Rmerge_F_obs                ? 
_reflns_shell.Rmerge_I_all                ? 
_reflns_shell.Rmerge_I_obs                2.542 
_reflns_shell.meanI_over_sigI_gt          ? 
_reflns_shell.meanI_over_uI_all           ? 
_reflns_shell.meanI_over_uI_gt            ? 
_reflns_shell.number_measured_gt          ? 
_reflns_shell.number_unique_gt            ? 
_reflns_shell.percent_possible_gt         ? 
_reflns_shell.Rmerge_F_gt                 ? 
_reflns_shell.Rmerge_I_gt                 ? 
_reflns_shell.pdbx_redundancy             24.9 
_reflns_shell.pdbx_Rsym_value             ? 
_reflns_shell.pdbx_chi_squared            ? 
_reflns_shell.pdbx_netI_over_sigmaI_all   ? 
_reflns_shell.pdbx_netI_over_sigmaI_obs   ? 
_reflns_shell.pdbx_Rrim_I_all             2.595 
_reflns_shell.pdbx_Rpim_I_all             0.5147 
_reflns_shell.pdbx_rejects                ? 
_reflns_shell.pdbx_ordinal                1 
_reflns_shell.pdbx_diffrn_id              1 
_reflns_shell.pdbx_CC_half                0.565 
_reflns_shell.pdbx_R_split                ? 
# 
_refine.aniso_B[1][1]                            ? 
_refine.aniso_B[1][2]                            ? 
_refine.aniso_B[1][3]                            ? 
_refine.aniso_B[2][2]                            ? 
_refine.aniso_B[2][3]                            ? 
_refine.aniso_B[3][3]                            ? 
_refine.B_iso_max                                113.960 
_refine.B_iso_mean                               49.1487 
_refine.B_iso_min                                27.370 
_refine.correlation_coeff_Fo_to_Fc               ? 
_refine.correlation_coeff_Fo_to_Fc_free          ? 
_refine.details                                  ? 
_refine.diff_density_max                         ? 
_refine.diff_density_max_esd                     ? 
_refine.diff_density_min                         ? 
_refine.diff_density_min_esd                     ? 
_refine.diff_density_rms                         ? 
_refine.diff_density_rms_esd                     ? 
_refine.entry_id                                 6IPZ 
_refine.pdbx_refine_id                           'X-RAY DIFFRACTION' 
_refine.ls_abs_structure_details                 ? 
_refine.ls_abs_structure_Flack                   ? 
_refine.ls_abs_structure_Flack_esd               ? 
_refine.ls_abs_structure_Rogers                  ? 
_refine.ls_abs_structure_Rogers_esd              ? 
_refine.ls_d_res_high                            1.5760 
_refine.ls_d_res_low                             36.5360 
_refine.ls_extinction_coef                       ? 
_refine.ls_extinction_coef_esd                   ? 
_refine.ls_extinction_expression                 ? 
_refine.ls_extinction_method                     ? 
_refine.ls_goodness_of_fit_all                   ? 
_refine.ls_goodness_of_fit_all_esd               ? 
_refine.ls_goodness_of_fit_obs                   ? 
_refine.ls_goodness_of_fit_obs_esd               ? 
_refine.ls_hydrogen_treatment                    ? 
_refine.ls_matrix_type                           ? 
_refine.ls_number_constraints                    ? 
_refine.ls_number_parameters                     ? 
_refine.ls_number_reflns_all                     ? 
_refine.ls_number_reflns_obs                     10095 
_refine.ls_number_reflns_R_free                  506 
_refine.ls_number_reflns_R_work                  ? 
_refine.ls_number_restraints                     ? 
_refine.ls_percent_reflns_obs                    99.8300 
_refine.ls_percent_reflns_R_free                 5.0100 
_refine.ls_R_factor_all                          ? 
_refine.ls_R_factor_obs                          0.1912 
_refine.ls_R_factor_R_free                       0.2088 
_refine.ls_R_factor_R_free_error                 ? 
_refine.ls_R_factor_R_free_error_details         ? 
_refine.ls_R_factor_R_work                       0.1902 
_refine.ls_R_Fsqd_factor_obs                     ? 
_refine.ls_R_I_factor_obs                        ? 
_refine.ls_redundancy_reflns_all                 ? 
_refine.ls_redundancy_reflns_obs                 ? 
_refine.ls_restrained_S_all                      ? 
_refine.ls_restrained_S_obs                      ? 
_refine.ls_shift_over_esd_max                    ? 
_refine.ls_shift_over_esd_mean                   ? 
_refine.ls_structure_factor_coef                 ? 
_refine.ls_weighting_details                     ? 
_refine.ls_weighting_scheme                      ? 
_refine.ls_wR_factor_all                         ? 
_refine.ls_wR_factor_obs                         ? 
_refine.ls_wR_factor_R_free                      ? 
_refine.ls_wR_factor_R_work                      ? 
_refine.occupancy_max                            ? 
_refine.occupancy_min                            ? 
_refine.solvent_model_details                    ? 
_refine.solvent_model_param_bsol                 ? 
_refine.solvent_model_param_ksol                 ? 
_refine.ls_R_factor_gt                           ? 
_refine.ls_goodness_of_fit_gt                    ? 
_refine.ls_goodness_of_fit_ref                   ? 
_refine.ls_shift_over_su_max                     ? 
_refine.ls_shift_over_su_max_lt                  ? 
_refine.ls_shift_over_su_mean                    ? 
_refine.ls_shift_over_su_mean_lt                 ? 
_refine.pdbx_ls_sigma_I                          ? 
_refine.pdbx_ls_sigma_F                          1.350 
_refine.pdbx_ls_sigma_Fsqd                       ? 
_refine.pdbx_data_cutoff_high_absF               ? 
_refine.pdbx_data_cutoff_high_rms_absF           ? 
_refine.pdbx_data_cutoff_low_absF                ? 
_refine.pdbx_isotropic_thermal_model             ? 
_refine.pdbx_ls_cross_valid_method               THROUGHOUT 
_refine.pdbx_method_to_determine_struct          'MOLECULAR REPLACEMENT' 
_refine.pdbx_starting_model                      3H0F 
_refine.pdbx_stereochemistry_target_values       ? 
_refine.pdbx_R_Free_selection_details            ? 
_refine.pdbx_stereochem_target_val_spec_case     ? 
_refine.pdbx_overall_ESU_R                       ? 
_refine.pdbx_overall_ESU_R_Free                  ? 
_refine.pdbx_solvent_vdw_probe_radii             1.1100 
_refine.pdbx_solvent_ion_probe_radii             ? 
_refine.pdbx_solvent_shrinkage_radii             0.9000 
_refine.pdbx_real_space_R                        ? 
_refine.pdbx_density_correlation                 ? 
_refine.pdbx_pd_number_of_powder_patterns        ? 
_refine.pdbx_pd_number_of_points                 ? 
_refine.pdbx_pd_meas_number_of_points            ? 
_refine.pdbx_pd_proc_ls_prof_R_factor            ? 
_refine.pdbx_pd_proc_ls_prof_wR_factor           ? 
_refine.pdbx_pd_Marquardt_correlation_coeff      ? 
_refine.pdbx_pd_Fsqrd_R_factor                   ? 
_refine.pdbx_pd_ls_matrix_band_width             ? 
_refine.pdbx_overall_phase_error                 28.4500 
_refine.pdbx_overall_SU_R_free_Cruickshank_DPI   ? 
_refine.pdbx_overall_SU_R_free_Blow_DPI          ? 
_refine.pdbx_overall_SU_R_Blow_DPI               ? 
_refine.pdbx_TLS_residual_ADP_flag               ? 
_refine.pdbx_diffrn_id                           1 
_refine.overall_SU_B                             ? 
_refine.overall_SU_ML                            0.1800 
_refine.overall_SU_R_Cruickshank_DPI             ? 
_refine.overall_SU_R_free                        ? 
_refine.overall_FOM_free_R_set                   ? 
_refine.overall_FOM_work_R_set                   ? 
_refine.pdbx_average_fsc_overall                 ? 
_refine.pdbx_average_fsc_work                    ? 
_refine.pdbx_average_fsc_free                    ? 
# 
_refine_hist.cycle_id                         final 
_refine_hist.pdbx_refine_id                   'X-RAY DIFFRACTION' 
_refine_hist.d_res_high                       1.5760 
_refine_hist.d_res_low                        36.5360 
_refine_hist.pdbx_number_atoms_ligand         84 
_refine_hist.number_atoms_solvent             23 
_refine_hist.number_atoms_total               610 
_refine_hist.pdbx_number_residues_total       63 
_refine_hist.pdbx_B_iso_mean_ligand           78.08 
_refine_hist.pdbx_B_iso_mean_solvent          46.87 
_refine_hist.pdbx_number_atoms_protein        503 
_refine_hist.pdbx_number_atoms_nucleic_acid   0 
# 
loop_
_refine_ls_shell.pdbx_refine_id 
_refine_ls_shell.d_res_high 
_refine_ls_shell.d_res_low 
_refine_ls_shell.number_reflns_all 
_refine_ls_shell.number_reflns_obs 
_refine_ls_shell.number_reflns_R_free 
_refine_ls_shell.number_reflns_R_work 
_refine_ls_shell.percent_reflns_obs 
_refine_ls_shell.percent_reflns_R_free 
_refine_ls_shell.R_factor_all 
_refine_ls_shell.R_factor_obs 
_refine_ls_shell.R_factor_R_free 
_refine_ls_shell.R_factor_R_free_error 
_refine_ls_shell.R_factor_R_work 
_refine_ls_shell.redundancy_reflns_all 
_refine_ls_shell.redundancy_reflns_obs 
_refine_ls_shell.wR_factor_all 
_refine_ls_shell.wR_factor_obs 
_refine_ls_shell.wR_factor_R_free 
_refine_ls_shell.wR_factor_R_work 
_refine_ls_shell.pdbx_total_number_of_bins_used 
_refine_ls_shell.pdbx_phase_error 
_refine_ls_shell.pdbx_fsc_work 
_refine_ls_shell.pdbx_fsc_free 
'X-RAY DIFFRACTION' 1.5763 1.7349  2457 . 124 2333 99.0000  . . . 0.3015 0.0000 0.2819 . . . . . . 4 . . . 
'X-RAY DIFFRACTION' 1.7349 1.9860  2481 . 124 2357 100.0000 . . . 0.2540 0.0000 0.2275 . . . . . . 4 . . . 
'X-RAY DIFFRACTION' 1.9860 2.5020  2503 . 125 2378 100.0000 . . . 0.2210 0.0000 0.2018 . . . . . . 4 . . . 
'X-RAY DIFFRACTION' 2.5020 36.5453 2654 . 133 2521 100.0000 . . . 0.1960 0.0000 0.1776 . . . . . . 4 . . . 
# 
_struct.entry_id                     6IPZ 
_struct.title                        'Fyn SH3 domain R96W mutant, crystallized with 18-crown-6' 
_struct.pdbx_model_details           ? 
_struct.pdbx_formula_weight          ? 
_struct.pdbx_formula_weight_method   ? 
_struct.pdbx_model_type_details      ? 
_struct.pdbx_CASP_flag               N 
# 
_struct_keywords.entry_id        6IPZ 
_struct_keywords.text            'kinase, SH3 domain, 18-crown-6, crown ether, PROTEIN BINDING' 
_struct_keywords.pdbx_keywords   'PROTEIN BINDING' 
# 
loop_
_struct_asym.id 
_struct_asym.pdbx_blank_PDB_chainid_flag 
_struct_asym.pdbx_modified 
_struct_asym.entity_id 
_struct_asym.details 
A N N 1 ? 
B N N 2 ? 
C N N 2 ? 
D N N 3 ? 
# 
_struct_sheet.id               AA1 
_struct_sheet.type             ? 
_struct_sheet.number_strands   5 
_struct_sheet.details          ? 
# 
loop_
_struct_sheet_order.sheet_id 
_struct_sheet_order.range_id_1 
_struct_sheet_order.range_id_2 
_struct_sheet_order.offset 
_struct_sheet_order.sense 
AA1 1 2 ? anti-parallel 
AA1 2 3 ? anti-parallel 
AA1 3 4 ? anti-parallel 
AA1 4 5 ? anti-parallel 
# 
loop_
_struct_sheet_range.sheet_id 
_struct_sheet_range.id 
_struct_sheet_range.beg_label_comp_id 
_struct_sheet_range.beg_label_asym_id 
_struct_sheet_range.beg_label_seq_id 
_struct_sheet_range.pdbx_beg_PDB_ins_code 
_struct_sheet_range.end_label_comp_id 
_struct_sheet_range.end_label_asym_id 
_struct_sheet_range.end_label_seq_id 
_struct_sheet_range.pdbx_end_PDB_ins_code 
_struct_sheet_range.beg_auth_comp_id 
_struct_sheet_range.beg_auth_asym_id 
_struct_sheet_range.beg_auth_seq_id 
_struct_sheet_range.end_auth_comp_id 
_struct_sheet_range.end_auth_asym_id 
_struct_sheet_range.end_auth_seq_id 
AA1 1 THR A 56 ? PRO A 60 ? THR Z 130 PRO Z 134 
AA1 2 TRP A 45 ? SER A 50 ? TRP Z 119 SER Z 124 
AA1 3 LYS A 34 ? ASN A 39 ? LYS Z 108 ASN Z 113 
AA1 4 LEU A 12 ? ALA A 15 ? LEU Z 86  ALA Z 89  
AA1 5 VAL A 64 ? PRO A 66 ? VAL Z 138 PRO Z 140 
# 
loop_
_pdbx_struct_sheet_hbond.sheet_id 
_pdbx_struct_sheet_hbond.range_id_1 
_pdbx_struct_sheet_hbond.range_id_2 
_pdbx_struct_sheet_hbond.range_1_label_atom_id 
_pdbx_struct_sheet_hbond.range_1_label_comp_id 
_pdbx_struct_sheet_hbond.range_1_label_asym_id 
_pdbx_struct_sheet_hbond.range_1_label_seq_id 
_pdbx_struct_sheet_hbond.range_1_PDB_ins_code 
_pdbx_struct_sheet_hbond.range_1_auth_atom_id 
_pdbx_struct_sheet_hbond.range_1_auth_comp_id 
_pdbx_struct_sheet_hbond.range_1_auth_asym_id 
_pdbx_struct_sheet_hbond.range_1_auth_seq_id 
_pdbx_struct_sheet_hbond.range_2_label_atom_id 
_pdbx_struct_sheet_hbond.range_2_label_comp_id 
_pdbx_struct_sheet_hbond.range_2_label_asym_id 
_pdbx_struct_sheet_hbond.range_2_label_seq_id 
_pdbx_struct_sheet_hbond.range_2_PDB_ins_code 
_pdbx_struct_sheet_hbond.range_2_auth_atom_id 
_pdbx_struct_sheet_hbond.range_2_auth_comp_id 
_pdbx_struct_sheet_hbond.range_2_auth_asym_id 
_pdbx_struct_sheet_hbond.range_2_auth_seq_id 
AA1 1 2 O GLY A 57 ? O GLY Z 131 N ALA A 48 ? N ALA Z 122 
AA1 2 3 O GLU A 47 ? O GLU Z 121 N LEU A 38 ? N LEU Z 112 
AA1 3 4 O PHE A 35 ? O PHE Z 109 N PHE A 13 ? N PHE Z 87  
AA1 4 5 N VAL A 14 ? N VAL Z 88  O ALA A 65 ? O ALA Z 139 
# 
loop_
_struct_site.id 
_struct_site.pdbx_evidence_code 
_struct_site.pdbx_auth_asym_id 
_struct_site.pdbx_auth_comp_id 
_struct_site.pdbx_auth_seq_id 
_struct_site.pdbx_auth_ins_code 
_struct_site.pdbx_num_residues 
_struct_site.details 
AC1 Software Z O4B 201 ? 2 'binding site for residue O4B Z 201' 
AC2 Software Z O4B 202 ? 8 'binding site for residue O4B Z 202' 
# 
loop_
_struct_site_gen.id 
_struct_site_gen.site_id 
_struct_site_gen.pdbx_num_res 
_struct_site_gen.label_comp_id 
_struct_site_gen.label_asym_id 
_struct_site_gen.label_seq_id 
_struct_site_gen.pdbx_auth_ins_code 
_struct_site_gen.auth_comp_id 
_struct_site_gen.auth_asym_id 
_struct_site_gen.auth_seq_id 
_struct_site_gen.label_atom_id 
_struct_site_gen.label_alt_id 
_struct_site_gen.symmetry 
_struct_site_gen.details 
1  AC1 2 LYS A 31 ? LYS Z 105 . ? 1_555 ? 
2  AC1 2 GLY A 32 ? GLY Z 106 . ? 1_555 ? 
3  AC2 8 THR A 23 ? THR Z 97  . ? 1_555 ? 
4  AC2 8 THR A 23 ? THR Z 97  . ? 7_465 ? 
5  AC2 8 GLU A 42 ? GLU Z 116 . ? 1_555 ? 
6  AC2 8 GLU A 42 ? GLU Z 116 . ? 7_465 ? 
7  AC2 8 TRP A 45 ? TRP Z 119 . ? 7_465 ? 
8  AC2 8 TRP A 45 ? TRP Z 119 . ? 1_555 ? 
9  AC2 8 TYR A 58 ? TYR Z 132 . ? 7_465 ? 
10 AC2 8 TYR A 58 ? TYR Z 132 . ? 1_555 ? 
# 
_atom_sites.entry_id                    6IPZ 
_atom_sites.fract_transf_matrix[1][1]   0.01419674 
_atom_sites.fract_transf_matrix[1][2]   0.01297089 
_atom_sites.fract_transf_matrix[1][3]   -0.00271735 
_atom_sites.fract_transf_matrix[2][1]   0.01113467 
_atom_sites.fract_transf_matrix[2][2]   -0.00951513 
_atom_sites.fract_transf_matrix[2][3]   0.01275370 
_atom_sites.fract_transf_matrix[3][1]   0.00713663 
_atom_sites.fract_transf_matrix[3][2]   -0.01080525 
_atom_sites.fract_transf_matrix[3][3]   -0.01429212 
_atom_sites.fract_transf_vector[1]      0.272650 
_atom_sites.fract_transf_vector[2]      0.872472 
_atom_sites.fract_transf_vector[3]      0.020248 
# 
loop_
_atom_type.symbol 
C 
H 
N 
O 
# 
loop_
_atom_site.group_PDB 
_atom_site.id 
_atom_site.type_symbol 
_atom_site.label_atom_id 
_atom_site.label_alt_id 
_atom_site.label_comp_id 
_atom_site.label_asym_id 
_atom_site.label_entity_id 
_atom_site.label_seq_id 
_atom_site.pdbx_PDB_ins_code 
_atom_site.Cartn_x 
_atom_site.Cartn_y 
_atom_site.Cartn_z 
_atom_site.occupancy 
_atom_site.B_iso_or_equiv 
_atom_site.pdbx_formal_charge 
_atom_site.auth_seq_id 
_atom_site.auth_comp_id 
_atom_site.auth_asym_id 
_atom_site.auth_atom_id 
_atom_site.pdbx_PDB_model_num 
ATOM   1    N N    . SER A 1 7  ? -14.413 3.156   -8.771  1.00 62.70  ? 81  SER Z N    1 
ATOM   2    C CA   . SER A 1 7  ? -15.794 3.012   -9.268  1.00 74.94  ? 81  SER Z CA   1 
ATOM   3    C C    . SER A 1 7  ? -15.845 3.219   -10.802 1.00 72.96  ? 81  SER Z C    1 
ATOM   4    O O    . SER A 1 7  ? -16.393 2.380   -11.521 1.00 68.71  ? 81  SER Z O    1 
ATOM   5    C CB   . SER A 1 7  ? -16.712 3.965   -8.506  1.00 81.32  ? 81  SER Z CB   1 
ATOM   6    O OG   . SER A 1 7  ? -18.064 3.733   -8.854  1.00 85.59  ? 81  SER Z OG   1 
ATOM   7    H HA   . SER A 1 7  ? -16.131 2.116   -9.108  1.00 90.07  ? 81  SER Z HA   1 
ATOM   8    H HB2  . SER A 1 7  ? -16.600 3.821   -7.553  1.00 97.73  ? 81  SER Z HB2  1 
ATOM   9    H HB3  . SER A 1 7  ? -16.478 4.879   -8.732  1.00 97.73  ? 81  SER Z HB3  1 
ATOM   10   H HG   . SER A 1 7  ? -18.572 4.070   -8.275  1.00 102.85 ? 81  SER Z HG   1 
ATOM   11   N N    . THR A 1 8  ? -15.318 4.346   -11.276 1.00 71.00  ? 82  THR Z N    1 
ATOM   12   C CA   . THR A 1 8  ? -14.845 4.417   -12.652 1.00 67.55  ? 82  THR Z CA   1 
ATOM   13   C C    . THR A 1 8  ? -13.321 4.428   -12.719 1.00 60.25  ? 82  THR Z C    1 
ATOM   14   O O    . THR A 1 8  ? -12.762 4.555   -13.811 1.00 50.51  ? 82  THR Z O    1 
ATOM   15   C CB   . THR A 1 8  ? -15.375 5.651   -13.406 1.00 65.74  ? 82  THR Z CB   1 
ATOM   16   O OG1  . THR A 1 8  ? -15.025 6.849   -12.703 1.00 63.40  ? 82  THR Z OG1  1 
ATOM   17   C CG2  . THR A 1 8  ? -16.876 5.583   -13.588 1.00 66.25  ? 82  THR Z CG2  1 
ATOM   18   H H    . THR A 1 8  ? -15.227 5.072   -10.823 1.00 85.34  ? 82  THR Z H    1 
ATOM   19   H HA   . THR A 1 8  ? -15.199 3.644   -13.119 1.00 81.21  ? 82  THR Z HA   1 
ATOM   20   H HB   . THR A 1 8  ? -14.972 5.671   -14.287 1.00 79.03  ? 82  THR Z HB   1 
ATOM   21   H HG1  . THR A 1 8  ? -15.139 7.516   -13.201 1.00 76.23  ? 82  THR Z HG1  1 
ATOM   22   H HG21 . THR A 1 8  ? -17.182 6.351   -14.096 1.00 79.64  ? 82  THR Z HG21 1 
ATOM   23   H HG22 . THR A 1 8  ? -17.115 4.774   -14.065 1.00 79.64  ? 82  THR Z HG22 1 
ATOM   24   H HG23 . THR A 1 8  ? -17.315 5.582   -12.724 1.00 79.64  ? 82  THR Z HG23 1 
ATOM   25   N N    . GLY A 1 9  ? -12.644 4.328   -11.579 1.00 55.11  ? 83  GLY Z N    1 
ATOM   26   C CA   . GLY A 1 9  ? -11.191 4.349   -11.516 1.00 52.42  ? 83  GLY Z CA   1 
ATOM   27   C C    . GLY A 1 9  ? -10.737 3.987   -10.118 1.00 54.24  ? 83  GLY Z C    1 
ATOM   28   O O    . GLY A 1 9  ? -11.531 3.919   -9.178  1.00 57.99  ? 83  GLY Z O    1 
ATOM   29   H H    . GLY A 1 9  ? -13.014 4.245   -10.807 1.00 66.28  ? 83  GLY Z H    1 
ATOM   30   H HA2  . GLY A 1 9  ? -10.823 3.708   -12.144 1.00 63.05  ? 83  GLY Z HA2  1 
ATOM   31   H HA3  . GLY A 1 9  ? -10.862 5.234   -11.737 1.00 63.05  ? 83  GLY Z HA3  1 
ATOM   32   N N    . VAL A 1 10 ? -9.432  3.761   -9.991  1.00 56.46  ? 84  VAL Z N    1 
ATOM   33   C CA   . VAL A 1 10 ? -8.875  3.344   -8.715  1.00 57.69  ? 84  VAL Z CA   1 
ATOM   34   C C    . VAL A 1 10 ? -8.902  4.503   -7.726  1.00 64.57  ? 84  VAL Z C    1 
ATOM   35   O O    . VAL A 1 10 ? -8.583  5.649   -8.071  1.00 70.46  ? 84  VAL Z O    1 
ATOM   36   C CB   . VAL A 1 10 ? -7.445  2.825   -8.927  1.00 55.87  ? 84  VAL Z CB   1 
ATOM   37   C CG1  . VAL A 1 10 ? -6.722  2.586   -7.595  1.00 53.10  ? 84  VAL Z CG1  1 
ATOM   38   C CG2  . VAL A 1 10 ? -7.484  1.557   -9.755  1.00 58.62  ? 84  VAL Z CG2  1 
ATOM   39   H H    . VAL A 1 10 ? -8.854  3.841   -10.623 1.00 67.90  ? 84  VAL Z H    1 
ATOM   40   H HA   . VAL A 1 10 ? -9.419  2.632   -8.344  1.00 69.37  ? 84  VAL Z HA   1 
ATOM   41   H HB   . VAL A 1 10 ? -6.936  3.500   -9.403  1.00 67.19  ? 84  VAL Z HB   1 
ATOM   42   H HG11 . VAL A 1 10 ? -5.846  2.212   -7.773  1.00 63.87  ? 84  VAL Z HG11 1 
ATOM   43   H HG12 . VAL A 1 10 ? -6.632  3.432   -7.129  1.00 63.87  ? 84  VAL Z HG12 1 
ATOM   44   H HG13 . VAL A 1 10 ? -7.243  1.967   -7.059  1.00 63.87  ? 84  VAL Z HG13 1 
ATOM   45   H HG21 . VAL A 1 10 ? -6.579  1.233   -9.880  1.00 70.49  ? 84  VAL Z HG21 1 
ATOM   46   H HG22 . VAL A 1 10 ? -8.013  0.892   -9.288  1.00 70.49  ? 84  VAL Z HG22 1 
ATOM   47   H HG23 . VAL A 1 10 ? -7.886  1.756   -10.616 1.00 70.49  ? 84  VAL Z HG23 1 
ATOM   48   N N    . THR A 1 11 ? -9.285  4.205   -6.484  1.00 62.52  ? 85  THR Z N    1 
ATOM   49   C CA   . THR A 1 11 ? -9.106  5.138   -5.374  1.00 58.00  ? 85  THR Z CA   1 
ATOM   50   C C    . THR A 1 11 ? -7.669  5.030   -4.862  1.00 56.78  ? 85  THR Z C    1 
ATOM   51   O O    . THR A 1 11 ? -7.274  4.007   -4.289  1.00 55.24  ? 85  THR Z O    1 
ATOM   52   C CB   . THR A 1 11 ? -10.095 4.837   -4.260  1.00 54.67  ? 85  THR Z CB   1 
ATOM   53   O OG1  . THR A 1 11 ? -11.406 4.996   -4.759  1.00 56.14  ? 85  THR Z OG1  1 
ATOM   54   C CG2  . THR A 1 11 ? -9.850  5.775   -3.070  1.00 52.32  ? 85  THR Z CG2  1 
ATOM   55   H H    . THR A 1 11 ? -9.653  3.461   -6.257  1.00 75.17  ? 85  THR Z H    1 
ATOM   56   H HA   . THR A 1 11 ? -9.261  6.041   -5.690  1.00 69.75  ? 85  THR Z HA   1 
ATOM   57   H HB   . THR A 1 11 ? -9.988  3.928   -3.940  1.00 65.75  ? 85  THR Z HB   1 
ATOM   58   H HG1  . THR A 1 11 ? -11.964 4.875   -4.144  1.00 67.52  ? 85  THR Z HG1  1 
ATOM   59   H HG21 . THR A 1 11 ? -10.490 5.590   -2.364  1.00 62.93  ? 85  THR Z HG21 1 
ATOM   60   H HG22 . THR A 1 11 ? -8.954  5.645   -2.724  1.00 62.93  ? 85  THR Z HG22 1 
ATOM   61   H HG23 . THR A 1 11 ? -9.949  6.699   -3.350  1.00 62.93  ? 85  THR Z HG23 1 
ATOM   62   N N    . LEU A 1 12 ? -6.884  6.080   -5.051  1.00 59.31  ? 86  LEU Z N    1 
ATOM   63   C CA   . LEU A 1 12 ? -5.448  5.986   -4.863  1.00 62.73  ? 86  LEU Z CA   1 
ATOM   64   C C    . LEU A 1 12 ? -5.034  6.343   -3.442  1.00 58.55  ? 86  LEU Z C    1 
ATOM   65   O O    . LEU A 1 12 ? -5.541  7.294   -2.849  1.00 56.57  ? 86  LEU Z O    1 
ATOM   66   C CB   . LEU A 1 12 ? -4.739  6.910   -5.851  1.00 68.60  ? 86  LEU Z CB   1 
ATOM   67   C CG   . LEU A 1 12 ? -5.011  6.657   -7.334  1.00 67.02  ? 86  LEU Z CG   1 
ATOM   68   C CD1  . LEU A 1 12 ? -4.690  7.896   -8.165  1.00 70.24  ? 86  LEU Z CD1  1 
ATOM   69   C CD2  . LEU A 1 12 ? -4.197  5.465   -7.809  1.00 66.67  ? 86  LEU Z CD2  1 
ATOM   70   H H    . LEU A 1 12 ? -7.162  6.858   -5.290  1.00 71.32  ? 86  LEU Z H    1 
ATOM   71   H HA   . LEU A 1 12 ? -5.174  5.068   -5.017  1.00 75.42  ? 86  LEU Z HA   1 
ATOM   72   H HB2  . LEU A 1 12 ? -5.015  7.821   -5.662  1.00 82.46  ? 86  LEU Z HB2  1 
ATOM   73   H HB3  . LEU A 1 12 ? -3.782  6.819   -5.716  1.00 82.46  ? 86  LEU Z HB3  1 
ATOM   74   H HG   . LEU A 1 12 ? -5.951  6.458   -7.459  1.00 80.57  ? 86  LEU Z HG   1 
ATOM   75   H HD11 . LEU A 1 12 ? -4.870  7.706   -9.098  1.00 84.43  ? 86  LEU Z HD11 1 
ATOM   76   H HD12 . LEU A 1 12 ? -5.248  8.630   -7.864  1.00 84.43  ? 86  LEU Z HD12 1 
ATOM   77   H HD13 . LEU A 1 12 ? -3.754  8.122   -8.046  1.00 84.43  ? 86  LEU Z HD13 1 
ATOM   78   H HD21 . LEU A 1 12 ? -4.428  5.273   -8.732  1.00 80.15  ? 86  LEU Z HD21 1 
ATOM   79   H HD22 . LEU A 1 12 ? -3.254  5.680   -7.742  1.00 80.15  ? 86  LEU Z HD22 1 
ATOM   80   H HD23 . LEU A 1 12 ? -4.403  4.699   -7.251  1.00 80.15  ? 86  LEU Z HD23 1 
ATOM   81   N N    . PHE A 1 13 ? -4.089  5.579   -2.917  1.00 38.49  ? 87  PHE Z N    1 
ATOM   82   C CA   . PHE A 1 13 ? -3.366  5.918   -1.702  1.00 35.22  ? 87  PHE Z CA   1 
ATOM   83   C C    . PHE A 1 13 ? -1.912  6.104   -2.100  1.00 34.64  ? 87  PHE Z C    1 
ATOM   84   O O    . PHE A 1 13 ? -1.479  5.598   -3.136  1.00 37.40  ? 87  PHE Z O    1 
ATOM   85   C CB   . PHE A 1 13 ? -3.497  4.845   -0.643  1.00 35.56  ? 87  PHE Z CB   1 
ATOM   86   C CG   . PHE A 1 13 ? -4.761  4.937   0.143   1.00 39.87  ? 87  PHE Z CG   1 
ATOM   87   C CD1  . PHE A 1 13 ? -4.751  5.381   1.450   1.00 41.17  ? 87  PHE Z CD1  1 
ATOM   88   C CD2  . PHE A 1 13 ? -5.956  4.608   -0.447  1.00 46.65  ? 87  PHE Z CD2  1 
ATOM   89   C CE1  . PHE A 1 13 ? -5.927  5.466   2.172   1.00 46.79  ? 87  PHE Z CE1  1 
ATOM   90   C CE2  . PHE A 1 13 ? -7.142  4.715   0.265   1.00 45.16  ? 87  PHE Z CE2  1 
ATOM   91   C CZ   . PHE A 1 13 ? -7.118  5.134   1.559   1.00 42.18  ? 87  PHE Z CZ   1 
ATOM   92   H H    . PHE A 1 13 ? -3.841  4.830   -3.261  1.00 46.33  ? 87  PHE Z H    1 
ATOM   93   H HA   . PHE A 1 13 ? -3.717  6.728   -1.299  1.00 42.41  ? 87  PHE Z HA   1 
ATOM   94   H HB2  . PHE A 1 13 ? -3.477  3.977   -1.074  1.00 42.82  ? 87  PHE Z HB2  1 
ATOM   95   H HB3  . PHE A 1 13 ? -2.755  4.926   -0.023  1.00 42.82  ? 87  PHE Z HB3  1 
ATOM   96   H HD1  . PHE A 1 13 ? -3.947  5.626   1.849   1.00 49.55  ? 87  PHE Z HD1  1 
ATOM   97   H HD2  . PHE A 1 13 ? -5.971  4.313   -1.329  1.00 56.12  ? 87  PHE Z HD2  1 
ATOM   98   H HE1  . PHE A 1 13 ? -5.916  5.743   3.059   1.00 56.29  ? 87  PHE Z HE1  1 
ATOM   99   H HE2  . PHE A 1 13 ? -7.951  4.500   -0.141  1.00 54.34  ? 87  PHE Z HE2  1 
ATOM   100  H HZ   . PHE A 1 13 ? -7.913  5.197   2.038   1.00 50.76  ? 87  PHE Z HZ   1 
ATOM   101  N N    . VAL A 1 14 ? -1.177  6.884   -1.306  1.00 34.93  ? 88  VAL Z N    1 
ATOM   102  C CA   . VAL A 1 14 ? 0.213   7.203   -1.614  1.00 34.16  ? 88  VAL Z CA   1 
ATOM   103  C C    . VAL A 1 14 ? 1.058   6.939   -0.381  1.00 30.03  ? 88  VAL Z C    1 
ATOM   104  O O    . VAL A 1 14 ? 0.626   7.204   0.744   1.00 36.48  ? 88  VAL Z O    1 
ATOM   105  C CB   . VAL A 1 14 ? 0.378   8.662   -2.086  1.00 34.36  ? 88  VAL Z CB   1 
ATOM   106  C CG1  . VAL A 1 14 ? -0.102  9.637   -1.024  1.00 37.01  ? 88  VAL Z CG1  1 
ATOM   107  C CG2  . VAL A 1 14 ? 1.833   8.947   -2.454  1.00 35.32  ? 88  VAL Z CG2  1 
ATOM   108  H H    . VAL A 1 14 ? -1.468  7.242   -0.580  1.00 42.06  ? 88  VAL Z H    1 
ATOM   109  H HA   . VAL A 1 14 ? 0.520   6.620   -2.326  1.00 41.14  ? 88  VAL Z HA   1 
ATOM   110  H HB   . VAL A 1 14 ? -0.168  8.790   -2.878  1.00 41.37  ? 88  VAL Z HB   1 
ATOM   111  H HG11 . VAL A 1 14 ? 0.008   10.542  -1.354  1.00 44.56  ? 88  VAL Z HG11 1 
ATOM   112  H HG12 . VAL A 1 14 ? -1.038  9.464   -0.836  1.00 44.56  ? 88  VAL Z HG12 1 
ATOM   113  H HG13 . VAL A 1 14 ? 0.426   9.512   -0.219  1.00 44.56  ? 88  VAL Z HG13 1 
ATOM   114  H HG21 . VAL A 1 14 ? 1.906   9.861   -2.771  1.00 42.53  ? 88  VAL Z HG21 1 
ATOM   115  H HG22 . VAL A 1 14 ? 2.388   8.825   -1.668  1.00 42.53  ? 88  VAL Z HG22 1 
ATOM   116  H HG23 . VAL A 1 14 ? 2.109   8.333   -3.152  1.00 42.53  ? 88  VAL Z HG23 1 
ATOM   117  N N    . ALA A 1 15 ? 2.266   6.424   -0.604  1.00 32.35  ? 89  ALA Z N    1 
ATOM   118  C CA   . ALA A 1 15 ? 3.189   6.140   0.493   1.00 29.91  ? 89  ALA Z CA   1 
ATOM   119  C C    . ALA A 1 15 ? 3.786   7.434   1.028   1.00 35.04  ? 89  ALA Z C    1 
ATOM   120  O O    . ALA A 1 15 ? 4.346   8.234   0.259   1.00 34.68  ? 89  ALA Z O    1 
ATOM   121  C CB   . ALA A 1 15 ? 4.317   5.240   0.010   1.00 33.35  ? 89  ALA Z CB   1 
ATOM   122  H H    . ALA A 1 15 ? 2.576   6.229   -1.383  1.00 38.96  ? 89  ALA Z H    1 
ATOM   123  H HA   . ALA A 1 15 ? 2.704   5.696   1.206   1.00 36.04  ? 89  ALA Z HA   1 
ATOM   124  H HB1  . ALA A 1 15 ? 4.924   5.070   0.748   1.00 40.16  ? 89  ALA Z HB1  1 
ATOM   125  H HB2  . ALA A 1 15 ? 3.940   4.404   -0.305  1.00 40.16  ? 89  ALA Z HB2  1 
ATOM   126  H HB3  . ALA A 1 15 ? 4.789   5.683   -0.711  1.00 40.16  ? 89  ALA Z HB3  1 
ATOM   127  N N    . LEU A 1 16 ? 3.726   7.603   2.360   1.00 34.76  ? 90  LEU Z N    1 
ATOM   128  C CA   . LEU A 1 16 ? 4.340   8.762   3.016   1.00 33.49  ? 90  LEU Z CA   1 
ATOM   129  C C    . LEU A 1 16 ? 5.814   8.541   3.329   1.00 34.75  ? 90  LEU Z C    1 
ATOM   130  O O    . LEU A 1 16 ? 6.591   9.512   3.408   1.00 36.68  ? 90  LEU Z O    1 
ATOM   131  C CB   . LEU A 1 16 ? 3.597   9.087   4.317   1.00 37.90  ? 90  LEU Z CB   1 
ATOM   132  C CG   . LEU A 1 16 ? 2.079   9.227   4.132   1.00 41.67  ? 90  LEU Z CG   1 
ATOM   133  C CD1  . LEU A 1 16 ? 1.380   9.183   5.493   1.00 44.96  ? 90  LEU Z CD1  1 
ATOM   134  C CD2  . LEU A 1 16 ? 1.775   10.514  3.425   1.00 41.38  ? 90  LEU Z CD2  1 
ATOM   135  H H    . LEU A 1 16 ? 3.336   7.062   2.903   1.00 41.86  ? 90  LEU Z H    1 
ATOM   136  H HA   . LEU A 1 16 ? 4.266   9.520   2.415   1.00 40.34  ? 90  LEU Z HA   1 
ATOM   137  H HB2  . LEU A 1 16 ? 3.755   8.372   4.953   1.00 45.63  ? 90  LEU Z HB2  1 
ATOM   138  H HB3  . LEU A 1 16 ? 3.933   9.925   4.668   1.00 45.63  ? 90  LEU Z HB3  1 
ATOM   139  H HG   . LEU A 1 16 ? 1.742   8.493   3.594   1.00 50.15  ? 90  LEU Z HG   1 
ATOM   140  H HD11 . LEU A 1 16 ? 0.423   9.271   5.361   1.00 54.10  ? 90  LEU Z HD11 1 
ATOM   141  H HD12 . LEU A 1 16 ? 1.577   8.335   5.922   1.00 54.10  ? 90  LEU Z HD12 1 
ATOM   142  H HD13 . LEU A 1 16 ? 1.707   9.914   6.040   1.00 54.10  ? 90  LEU Z HD13 1 
ATOM   143  H HD21 . LEU A 1 16 ? 0.815   10.589  3.307   1.00 49.80  ? 90  LEU Z HD21 1 
ATOM   144  H HD22 . LEU A 1 16 ? 2.100   11.253  3.961   1.00 49.80  ? 90  LEU Z HD22 1 
ATOM   145  H HD23 . LEU A 1 16 ? 2.216   10.512  2.561   1.00 49.80  ? 90  LEU Z HD23 1 
ATOM   146  N N    . TYR A 1 17 ? 6.203   7.283   3.513   1.00 33.03  ? 91  TYR Z N    1 
ATOM   147  C CA   . TYR A 1 17 ? 7.517   6.903   3.999   1.00 31.60  ? 91  TYR Z CA   1 
ATOM   148  C C    . TYR A 1 17 ? 7.984   5.668   3.229   1.00 30.63  ? 91  TYR Z C    1 
ATOM   149  O O    . TYR A 1 17 ? 7.164   4.914   2.666   1.00 32.81  ? 91  TYR Z O    1 
ATOM   150  C CB   . TYR A 1 17 ? 7.484   6.612   5.500   1.00 32.29  ? 91  TYR Z CB   1 
ATOM   151  C CG   . TYR A 1 17 ? 6.685   7.583   6.310   1.00 33.88  ? 91  TYR Z CG   1 
ATOM   152  C CD1  . TYR A 1 17 ? 7.079   8.884   6.404   1.00 35.44  ? 91  TYR Z CD1  1 
ATOM   153  C CD2  . TYR A 1 17 ? 5.536   7.189   6.970   1.00 38.34  ? 91  TYR Z CD2  1 
ATOM   154  C CE1  . TYR A 1 17 ? 6.344   9.795   7.129   1.00 41.56  ? 91  TYR Z CE1  1 
ATOM   155  C CE2  . TYR A 1 17 ? 4.804   8.099   7.726   1.00 37.83  ? 91  TYR Z CE2  1 
ATOM   156  C CZ   . TYR A 1 17 ? 5.218   9.374   7.801   1.00 41.21  ? 91  TYR Z CZ   1 
ATOM   157  O OH   . TYR A 1 17 ? 4.495   10.304  8.531   1.00 51.88  ? 91  TYR Z OH   1 
ATOM   158  H H    . TYR A 1 17 ? 5.698   6.605   3.355   1.00 39.78  ? 91  TYR Z H    1 
ATOM   159  H HA   . TYR A 1 17 ? 8.153   7.619   3.840   1.00 38.07  ? 91  TYR Z HA   1 
ATOM   160  H HB2  . TYR A 1 17 ? 7.097   5.733   5.634   1.00 38.89  ? 91  TYR Z HB2  1 
ATOM   161  H HB3  . TYR A 1 17 ? 8.393   6.629   5.837   1.00 38.89  ? 91  TYR Z HB3  1 
ATOM   162  H HD1  . TYR A 1 17 ? 7.854   9.161   5.972   1.00 42.68  ? 91  TYR Z HD1  1 
ATOM   163  H HD2  . TYR A 1 17 ? 5.250   6.306   6.907   1.00 46.15  ? 91  TYR Z HD2  1 
ATOM   164  H HE1  . TYR A 1 17 ? 6.607   10.686  7.165   1.00 50.01  ? 91  TYR Z HE1  1 
ATOM   165  H HE2  . TYR A 1 17 ? 4.037   7.826   8.174   1.00 45.54  ? 91  TYR Z HE2  1 
ATOM   166  H HH   . TYR A 1 17 ? 3.830   9.935   8.889   1.00 62.40  ? 91  TYR Z HH   1 
ATOM   167  N N    . ASP A 1 18 ? 9.300   5.424   3.257   1.00 31.78  ? 92  ASP Z N    1 
ATOM   168  C CA   . ASP A 1 18 ? 9.833   4.166   2.754   1.00 31.49  ? 92  ASP Z CA   1 
ATOM   169  C C    . ASP A 1 18 ? 9.506   3.044   3.739   1.00 30.61  ? 92  ASP Z C    1 
ATOM   170  O O    . ASP A 1 18 ? 9.463   3.263   4.961   1.00 34.99  ? 92  ASP Z O    1 
ATOM   171  C CB   . ASP A 1 18 ? 11.338  4.270   2.579   1.00 34.49  ? 92  ASP Z CB   1 
ATOM   172  C CG   . ASP A 1 18 ? 11.731  4.876   1.235   1.00 52.98  ? 92  ASP Z CG   1 
ATOM   173  O OD1  . ASP A 1 18 ? 11.130  5.891   0.813   1.00 51.40  ? 92  ASP Z OD1  1 
ATOM   174  O OD2  . ASP A 1 18 ? 12.641  4.318   0.581   1.00 59.04  ? 92  ASP Z OD2  1 
ATOM   175  H H    . ASP A 1 18 ? 9.896   5.966   3.561   1.00 38.28  ? 92  ASP Z H    1 
ATOM   176  H HA   . ASP A 1 18 ? 9.441   3.958   1.892   1.00 37.93  ? 92  ASP Z HA   1 
ATOM   177  H HB2  . ASP A 1 18 ? 11.701  4.833   3.280   1.00 41.53  ? 92  ASP Z HB2  1 
ATOM   178  H HB3  . ASP A 1 18 ? 11.725  3.382   2.632   1.00 41.53  ? 92  ASP Z HB3  1 
ATOM   179  N N    . TYR A 1 19 ? 9.349   1.820   3.207   1.00 32.49  ? 93  TYR Z N    1 
ATOM   180  C CA   . TYR A 1 19 ? 9.133   0.632   4.005   1.00 30.20  ? 93  TYR Z CA   1 
ATOM   181  C C    . TYR A 1 19 ? 9.851   -0.549  3.382   1.00 31.66  ? 93  TYR Z C    1 
ATOM   182  O O    . TYR A 1 19 ? 9.737   -0.778  2.178   1.00 31.63  ? 93  TYR Z O    1 
ATOM   183  C CB   . TYR A 1 19 ? 7.632   0.351   4.139   1.00 30.80  ? 93  TYR Z CB   1 
ATOM   184  C CG   . TYR A 1 19 ? 7.354   -0.921  4.892   1.00 29.97  ? 93  TYR Z CG   1 
ATOM   185  C CD1  . TYR A 1 19 ? 7.394   -0.975  6.281   1.00 29.81  ? 93  TYR Z CD1  1 
ATOM   186  C CD2  . TYR A 1 19 ? 7.049   -2.082  4.180   1.00 29.43  ? 93  TYR Z CD2  1 
ATOM   187  C CE1  . TYR A 1 19 ? 7.149   -2.155  6.960   1.00 29.85  ? 93  TYR Z CE1  1 
ATOM   188  C CE2  . TYR A 1 19 ? 6.742   -3.283  4.850   1.00 30.61  ? 93  TYR Z CE2  1 
ATOM   189  C CZ   . TYR A 1 19 ? 6.852   -3.308  6.229   1.00 28.33  ? 93  TYR Z CZ   1 
ATOM   190  O OH   . TYR A 1 19 ? 6.594   -4.452  6.930   1.00 37.80  ? 93  TYR Z OH   1 
ATOM   191  H H    . TYR A 1 19 ? 9.365   1.664   2.362   1.00 39.13  ? 93  TYR Z H    1 
ATOM   192  H HA   . TYR A 1 19 ? 9.512   0.757   4.888   1.00 36.39  ? 93  TYR Z HA   1 
ATOM   193  H HB2  . TYR A 1 19 ? 7.213   1.083   4.618   1.00 37.11  ? 93  TYR Z HB2  1 
ATOM   194  H HB3  . TYR A 1 19 ? 7.244   0.268   3.254   1.00 37.11  ? 93  TYR Z HB3  1 
ATOM   195  H HD1  . TYR A 1 19 ? 7.590   -0.203  6.762   1.00 35.92  ? 93  TYR Z HD1  1 
ATOM   196  H HD2  . TYR A 1 19 ? 7.048   -2.062  3.250   1.00 35.46  ? 93  TYR Z HD2  1 
ATOM   197  H HE1  . TYR A 1 19 ? 7.181   -2.179  7.889   1.00 35.97  ? 93  TYR Z HE1  1 
ATOM   198  H HE2  . TYR A 1 19 ? 6.473   -4.039  4.378   1.00 36.88  ? 93  TYR Z HE2  1 
ATOM   199  H HH   . TYR A 1 19 ? 6.764   -5.124  6.455   1.00 45.50  ? 93  TYR Z HH   1 
ATOM   200  N N    . GLU A 1 20 ? 10.615  -1.276  4.209   1.00 31.66  ? 94  GLU Z N    1 
ATOM   201  C CA   . GLU A 1 20 ? 11.300  -2.489  3.785   1.00 31.58  ? 94  GLU Z CA   1 
ATOM   202  C C    . GLU A 1 20 ? 10.599  -3.725  4.338   1.00 33.42  ? 94  GLU Z C    1 
ATOM   203  O O    . GLU A 1 20 ? 10.459  -3.876  5.559   1.00 30.02  ? 94  GLU Z O    1 
ATOM   204  C CB   . GLU A 1 20 ? 12.748  -2.451  4.269   1.00 34.62  ? 94  GLU Z CB   1 
ATOM   205  C CG   . GLU A 1 20 ? 13.592  -3.641  3.817   1.00 55.82  ? 94  GLU Z CG   1 
ATOM   206  C CD   . GLU A 1 20 ? 15.016  -3.620  4.369   1.00 77.71  ? 94  GLU Z CD   1 
ATOM   207  O OE1  . GLU A 1 20 ? 15.527  -2.514  4.657   1.00 84.98  ? 94  GLU Z OE1  1 
ATOM   208  O OE2  . GLU A 1 20 ? 15.620  -4.713  4.508   1.00 82.38  ? 94  GLU Z OE2  1 
ATOM   209  H H    . GLU A 1 20 ? 10.750  -1.075  5.034   1.00 38.14  ? 94  GLU Z H    1 
ATOM   210  H HA   . GLU A 1 20 ? 11.265  -2.551  2.817   1.00 38.04  ? 94  GLU Z HA   1 
ATOM   211  H HB2  . GLU A 1 20 ? 13.167  -1.646  3.928   1.00 41.69  ? 94  GLU Z HB2  1 
ATOM   212  H HB3  . GLU A 1 20 ? 12.749  -2.441  5.239   1.00 41.69  ? 94  GLU Z HB3  1 
ATOM   213  H HG2  . GLU A 1 20 ? 13.169  -4.459  4.118   1.00 67.12  ? 94  GLU Z HG2  1 
ATOM   214  H HG3  . GLU A 1 20 ? 13.649  -3.634  2.848   1.00 67.12  ? 94  GLU Z HG3  1 
ATOM   215  N N    . ALA A 1 21 ? 10.144  -4.584  3.431   1.00 30.48  ? 95  ALA Z N    1 
ATOM   216  C CA   . ALA A 1 21 ? 9.518   -5.828  3.819   1.00 30.01  ? 95  ALA Z CA   1 
ATOM   217  C C    . ALA A 1 21 ? 10.482  -6.695  4.611   1.00 32.27  ? 95  ALA Z C    1 
ATOM   218  O O    . ALA A 1 21 ? 11.691  -6.749  4.322   1.00 33.48  ? 95  ALA Z O    1 
ATOM   219  C CB   . ALA A 1 21 ? 9.070   -6.589  2.574   1.00 30.69  ? 95  ALA Z CB   1 
ATOM   220  H H    . ALA A 1 21 ? 10.187  -4.464  2.581   1.00 36.72  ? 95  ALA Z H    1 
ATOM   221  H HA   . ALA A 1 21 ? 8.746   -5.639  4.374   1.00 36.15  ? 95  ALA Z HA   1 
ATOM   222  H HB1  . ALA A 1 21 ? 8.658   -7.424  2.846   1.00 36.97  ? 95  ALA Z HB1  1 
ATOM   223  H HB2  . ALA A 1 21 ? 8.430   -6.048  2.086   1.00 36.97  ? 95  ALA Z HB2  1 
ATOM   224  H HB3  . ALA A 1 21 ? 9.844   -6.769  2.019   1.00 36.97  ? 95  ALA Z HB3  1 
ATOM   225  N N    . TRP A 1 22 ? 9.925   -7.439  5.571   1.00 30.51  ? 96  TRP Z N    1 
ATOM   226  C CA   . TRP A 1 22 ? 10.734  -8.279  6.461   1.00 30.49  ? 96  TRP Z CA   1 
ATOM   227  C C    . TRP A 1 22 ? 9.995   -9.551  6.887   1.00 33.69  ? 96  TRP Z C    1 
ATOM   228  O O    . TRP A 1 22 ? 10.526  -10.306 7.721   1.00 36.01  ? 96  TRP Z O    1 
ATOM   229  C CB   . TRP A 1 22 ? 11.177  -7.500  7.685   1.00 30.42  ? 96  TRP Z CB   1 
ATOM   230  C CG   . TRP A 1 22 ? 10.075  -6.984  8.526   1.00 31.42  ? 96  TRP Z CG   1 
ATOM   231  C CD1  . TRP A 1 22 ? 9.238   -5.960  8.228   1.00 30.32  ? 96  TRP Z CD1  1 
ATOM   232  C CD2  . TRP A 1 22 ? 9.606   -7.542  9.763   1.00 29.25  ? 96  TRP Z CD2  1 
ATOM   233  N NE1  . TRP A 1 22 ? 8.306   -5.803  9.246   1.00 29.74  ? 96  TRP Z NE1  1 
ATOM   234  C CE2  . TRP A 1 22 ? 8.536   -6.735  10.207  1.00 31.42  ? 96  TRP Z CE2  1 
ATOM   235  C CE3  . TRP A 1 22 ? 10.056  -8.581  10.594  1.00 32.02  ? 96  TRP Z CE3  1 
ATOM   236  C CZ2  . TRP A 1 22 ? 7.843   -6.996  11.381  1.00 31.34  ? 96  TRP Z CZ2  1 
ATOM   237  C CZ3  . TRP A 1 22 ? 9.367   -8.833  11.771  1.00 33.00  ? 96  TRP Z CZ3  1 
ATOM   238  C CH2  . TRP A 1 22 ? 8.281   -8.005  12.165  1.00 30.26  ? 96  TRP Z CH2  1 
ATOM   239  H H    . TRP A 1 22 ? 9.081   -7.479  5.732   1.00 36.76  ? 96  TRP Z H    1 
ATOM   240  H HA   . TRP A 1 22 ? 11.539  -8.543  5.989   1.00 36.73  ? 96  TRP Z HA   1 
ATOM   241  H HB2  . TRP A 1 22 ? 11.720  -8.083  8.240   1.00 36.65  ? 96  TRP Z HB2  1 
ATOM   242  H HB3  . TRP A 1 22 ? 11.702  -6.738  7.392   1.00 36.65  ? 96  TRP Z HB3  1 
ATOM   243  H HD1  . TRP A 1 22 ? 9.281   -5.441  7.457   1.00 36.53  ? 96  TRP Z HD1  1 
ATOM   244  H HE1  . TRP A 1 22 ? 7.683   -5.211  9.264   1.00 35.84  ? 96  TRP Z HE1  1 
ATOM   245  H HE3  . TRP A 1 22 ? 10.799  -9.090  10.361  1.00 38.57  ? 96  TRP Z HE3  1 
ATOM   246  H HZ2  . TRP A 1 22 ? 7.099   -6.491  11.619  1.00 37.75  ? 96  TRP Z HZ2  1 
ATOM   247  H HZ3  . TRP A 1 22 ? 9.618   -9.549  12.307  1.00 39.75  ? 96  TRP Z HZ3  1 
ATOM   248  H HH2  . TRP A 1 22 ? 7.863   -8.161  12.981  1.00 36.46  ? 96  TRP Z HH2  1 
ATOM   249  N N    . THR A 1 23 ? 8.790   -9.824  6.358   1.00 35.24  ? 97  THR Z N    1 
ATOM   250  C CA   . THR A 1 23 ? 7.977   -10.960 6.757   1.00 33.01  ? 97  THR Z CA   1 
ATOM   251  C C    . THR A 1 23 ? 7.623   -11.744 5.523   1.00 37.31  ? 97  THR Z C    1 
ATOM   252  O O    . THR A 1 23 ? 8.152   -11.489 4.445   1.00 40.85  ? 97  THR Z O    1 
ATOM   253  C CB   . THR A 1 23 ? 6.735   -10.544 7.506   1.00 37.13  ? 97  THR Z CB   1 
ATOM   254  O OG1  . THR A 1 23 ? 5.822   -9.866  6.646   1.00 42.82  ? 97  THR Z OG1  1 
ATOM   255  C CG2  . THR A 1 23 ? 7.076   -9.649  8.688   1.00 46.08  ? 97  THR Z CG2  1 
ATOM   256  H H    . THR A 1 23 ? 8.417   -9.346  5.747   1.00 42.44  ? 97  THR Z H    1 
ATOM   257  H HA   . THR A 1 23 ? 8.478   -11.517 7.374   1.00 39.75  ? 97  THR Z HA   1 
ATOM   258  H HB   . THR A 1 23 ? 6.305   -11.344 7.845   1.00 44.70  ? 97  THR Z HB   1 
ATOM   259  H HG1  . THR A 1 23 ? 5.758   -9.060  6.872   1.00 51.53  ? 97  THR Z HG1  1 
ATOM   260  H HG21 . THR A 1 23 ? 6.264   -9.369  9.137   1.00 55.44  ? 97  THR Z HG21 1 
ATOM   261  H HG22 . THR A 1 23 ? 7.635   -10.131 9.318   1.00 55.44  ? 97  THR Z HG22 1 
ATOM   262  H HG23 . THR A 1 23 ? 7.554   -8.862  8.382   1.00 55.44  ? 97  THR Z HG23 1 
ATOM   263  N N    A GLU A 1 24 ? 6.684   -12.673 5.663   0.55 39.84  ? 98  GLU Z N    1 
ATOM   264  N N    B GLU A 1 24 ? 6.705   -12.696 5.661   0.45 39.88  ? 98  GLU Z N    1 
ATOM   265  C CA   A GLU A 1 24 ? 6.384   -13.586 4.579   0.55 42.49  ? 98  GLU Z CA   1 
ATOM   266  C CA   B GLU A 1 24 ? 6.411   -13.580 4.548   0.45 42.42  ? 98  GLU Z CA   1 
ATOM   267  C C    A GLU A 1 24 ? 5.622   -12.912 3.453   0.55 41.04  ? 98  GLU Z C    1 
ATOM   268  C C    B GLU A 1 24 ? 5.690   -12.848 3.427   0.45 40.82  ? 98  GLU Z C    1 
ATOM   269  O O    A GLU A 1 24 ? 5.817   -13.264 2.288   0.55 40.30  ? 98  GLU Z O    1 
ATOM   270  O O    B GLU A 1 24 ? 5.967   -13.089 2.251   0.45 39.98  ? 98  GLU Z O    1 
ATOM   271  C CB   A GLU A 1 24 ? 5.584   -14.761 5.139   0.55 45.77  ? 98  GLU Z CB   1 
ATOM   272  C CB   B GLU A 1 24 ? 5.571   -14.758 5.039   0.45 45.91  ? 98  GLU Z CB   1 
ATOM   273  C CG   A GLU A 1 24 ? 6.222   -15.403 6.367   0.55 47.90  ? 98  GLU Z CG   1 
ATOM   274  C CG   B GLU A 1 24 ? 5.262   -15.782 3.951   0.45 50.33  ? 98  GLU Z CG   1 
ATOM   275  C CD   A GLU A 1 24 ? 5.355   -16.481 7.013   0.55 53.17  ? 98  GLU Z CD   1 
ATOM   276  C CD   B GLU A 1 24 ? 4.445   -16.961 4.449   0.45 57.08  ? 98  GLU Z CD   1 
ATOM   277  O OE1  A GLU A 1 24 ? 4.668   -17.211 6.267   0.55 57.15  ? 98  GLU Z OE1  1 
ATOM   278  O OE1  B GLU A 1 24 ? 4.097   -16.985 5.650   0.45 59.45  ? 98  GLU Z OE1  1 
ATOM   279  O OE2  A GLU A 1 24 ? 5.386   -16.600 8.263   0.55 45.13  ? 98  GLU Z OE2  1 
ATOM   280  O OE2  B GLU A 1 24 ? 4.148   -17.861 3.635   0.45 56.02  ? 98  GLU Z OE2  1 
ATOM   281  H H    A GLU A 1 24 ? 6.210   -12.793 6.370   0.55 47.95  ? 98  GLU Z H    1 
ATOM   282  H H    B GLU A 1 24 ? 6.247   -12.845 6.374   0.45 48.00  ? 98  GLU Z H    1 
ATOM   283  H HA   A GLU A 1 24 ? 7.214   -13.918 4.200   0.55 51.14  ? 98  GLU Z HA   1 
ATOM   284  H HA   B GLU A 1 24 ? 7.246   -13.921 4.192   0.45 51.05  ? 98  GLU Z HA   1 
ATOM   285  H HB2  A GLU A 1 24 ? 4.702   -14.446 5.393   0.55 55.07  ? 98  GLU Z HB2  1 
ATOM   286  H HB2  B GLU A 1 24 ? 6.054   -15.213 5.746   0.45 55.24  ? 98  GLU Z HB2  1 
ATOM   287  H HB3  A GLU A 1 24 ? 5.508   -15.443 4.453   0.55 55.07  ? 98  GLU Z HB3  1 
ATOM   288  H HB3  B GLU A 1 24 ? 4.727   -14.421 5.377   0.45 55.24  ? 98  GLU Z HB3  1 
ATOM   289  H HG2  A GLU A 1 24 ? 7.059   -15.816 6.104   0.55 57.63  ? 98  GLU Z HG2  1 
ATOM   290  H HG2  B GLU A 1 24 ? 4.758   -15.348 3.246   0.45 60.54  ? 98  GLU Z HG2  1 
ATOM   291  H HG3  A GLU A 1 24 ? 6.385   -14.716 7.031   0.55 57.63  ? 98  GLU Z HG3  1 
ATOM   292  H HG3  B GLU A 1 24 ? 6.097   -16.127 3.598   0.45 60.54  ? 98  GLU Z HG3  1 
ATOM   293  N N    . ASP A 1 25 ? 4.770   -11.939 3.764   1.00 37.79  ? 99  ASP Z N    1 
ATOM   294  C CA   . ASP A 1 25 ? 3.801   -11.452 2.791   1.00 39.15  ? 99  ASP Z CA   1 
ATOM   295  C C    . ASP A 1 25 ? 3.662   -9.944  2.731   1.00 36.61  ? 99  ASP Z C    1 
ATOM   296  O O    . ASP A 1 25 ? 2.726   -9.457  2.099   1.00 33.13  ? 99  ASP Z O    1 
ATOM   297  C CB   . ASP A 1 25 ? 2.434   -12.077 3.110   1.00 44.30  ? 99  ASP Z CB   1 
ATOM   298  C CG   . ASP A 1 25 ? 2.401   -13.569 2.824   1.00 56.09  ? 99  ASP Z CG   1 
ATOM   299  O OD1  . ASP A 1 25 ? 2.688   -13.949 1.669   1.00 59.07  ? 99  ASP Z OD1  1 
ATOM   300  O OD2  . ASP A 1 25 ? 2.101   -14.370 3.743   1.00 60.38  ? 99  ASP Z OD2  1 
ATOM   301  H H    A ASP A 1 25 ? 4.735   -11.548 4.528   0.55 45.49  ? 99  ASP Z H    1 
ATOM   302  H H    B ASP A 1 25 ? 4.691   -11.594 4.547   0.45 45.49  ? 99  ASP Z H    1 
ATOM   303  H HA   . ASP A 1 25 ? 4.099   -11.721 1.909   1.00 47.12  ? 99  ASP Z HA   1 
ATOM   304  H HB2  . ASP A 1 25 ? 2.236   -11.945 4.051   1.00 53.30  ? 99  ASP Z HB2  1 
ATOM   305  H HB3  . ASP A 1 25 ? 1.755   -11.649 2.566   1.00 53.30  ? 99  ASP Z HB3  1 
ATOM   306  N N    . ASP A 1 26 ? 4.612   -9.204  3.273   1.00 33.67  ? 100 ASP Z N    1 
ATOM   307  C CA   . ASP A 1 26 ? 4.565   -7.754  3.197   1.00 30.96  ? 100 ASP Z CA   1 
ATOM   308  C C    . ASP A 1 26 ? 5.340   -7.263  1.985   1.00 29.72  ? 100 ASP Z C    1 
ATOM   309  O O    . ASP A 1 26 ? 6.096   -8.034  1.343   1.00 31.99  ? 100 ASP Z O    1 
ATOM   310  C CB   . ASP A 1 26 ? 5.109   -7.057  4.475   1.00 30.19  ? 100 ASP Z CB   1 
ATOM   311  C CG   . ASP A 1 26 ? 6.489   -7.505  4.922   1.00 31.93  ? 100 ASP Z CG   1 
ATOM   312  O OD1  . ASP A 1 26 ? 6.939   -8.555  4.478   1.00 35.85  ? 100 ASP Z OD1  1 
ATOM   313  O OD2  . ASP A 1 26 ? 7.128   -6.761  5.739   1.00 30.39  ? 100 ASP Z OD2  1 
ATOM   314  H H    . ASP A 1 26 ? 5.293   -9.517  3.693   1.00 40.55  ? 100 ASP Z H    1 
ATOM   315  H HA   . ASP A 1 26 ? 3.634   -7.498  3.114   1.00 37.30  ? 100 ASP Z HA   1 
ATOM   316  H HB2  . ASP A 1 26 ? 5.155   -6.104  4.308   1.00 36.37  ? 100 ASP Z HB2  1 
ATOM   317  H HB3  . ASP A 1 26 ? 4.496   -7.237  5.205   1.00 36.37  ? 100 ASP Z HB3  1 
ATOM   318  N N    . LEU A 1 27 ? 5.024   -6.014  1.602   1.00 32.38  ? 101 LEU Z N    1 
ATOM   319  C CA   . LEU A 1 27 ? 5.479   -5.384  0.369   1.00 31.35  ? 101 LEU Z CA   1 
ATOM   320  C C    . LEU A 1 27 ? 6.376   -4.206  0.661   1.00 31.24  ? 101 LEU Z C    1 
ATOM   321  O O    . LEU A 1 27 ? 5.963   -3.280  1.345   1.00 33.24  ? 101 LEU Z O    1 
ATOM   322  C CB   . LEU A 1 27 ? 4.267   -4.932  -0.443  1.00 33.04  ? 101 LEU Z CB   1 
ATOM   323  C CG   . LEU A 1 27 ? 4.501   -4.068  -1.657  1.00 33.79  ? 101 LEU Z CG   1 
ATOM   324  C CD1  . LEU A 1 27 ? 5.235   -4.820  -2.721  1.00 35.06  ? 101 LEU Z CD1  1 
ATOM   325  C CD2  . LEU A 1 27 ? 3.155   -3.572  -2.111  1.00 36.07  ? 101 LEU Z CD2  1 
ATOM   326  H H    . LEU A 1 27 ? 4.523   -5.495  2.070   1.00 39.00  ? 101 LEU Z H    1 
ATOM   327  H HA   . LEU A 1 27 ? 6.013   -6.020  -0.131  1.00 37.76  ? 101 LEU Z HA   1 
ATOM   328  H HB2  . LEU A 1 27 ? 3.809   -5.729  -0.755  1.00 39.79  ? 101 LEU Z HB2  1 
ATOM   329  H HB3  . LEU A 1 27 ? 3.688   -4.427  0.148   1.00 39.79  ? 101 LEU Z HB3  1 
ATOM   330  H HG   . LEU A 1 27 ? 5.068   -3.308  -1.454  1.00 40.69  ? 101 LEU Z HG   1 
ATOM   331  H HD11 . LEU A 1 27 ? 5.370   -4.237  -3.483  1.00 42.21  ? 101 LEU Z HD11 1 
ATOM   332  H HD12 . LEU A 1 27 ? 6.092   -5.108  -2.369  1.00 42.21  ? 101 LEU Z HD12 1 
ATOM   333  H HD13 . LEU A 1 27 ? 4.708   -5.591  -2.983  1.00 42.21  ? 101 LEU Z HD13 1 
ATOM   334  H HD21 . LEU A 1 27 ? 3.270   -3.031  -2.907  1.00 43.43  ? 101 LEU Z HD21 1 
ATOM   335  H HD22 . LEU A 1 27 ? 2.588   -4.334  -2.308  1.00 43.43  ? 101 LEU Z HD22 1 
ATOM   336  H HD23 . LEU A 1 27 ? 2.759   -3.040  -1.403  1.00 43.43  ? 101 LEU Z HD23 1 
ATOM   337  N N    . SER A 1 28 ? 7.593   -4.236  0.124   1.00 29.48  ? 102 SER Z N    1 
ATOM   338  C CA   . SER A 1 28 ? 8.465   -3.082  0.210   1.00 28.79  ? 102 SER Z CA   1 
ATOM   339  C C    . SER A 1 28 ? 7.973   -1.970  -0.706  1.00 27.57  ? 102 SER Z C    1 
ATOM   340  O O    . SER A 1 28 ? 7.470   -2.230  -1.809  1.00 33.30  ? 102 SER Z O    1 
ATOM   341  C CB   . SER A 1 28 ? 9.871   -3.465  -0.205  1.00 30.97  ? 102 SER Z CB   1 
ATOM   342  O OG   . SER A 1 28 ? 10.524  -4.378  0.642   1.00 33.13  ? 102 SER Z OG   1 
ATOM   343  H H    . SER A 1 28 ? 7.932   -4.909  -0.289  1.00 35.52  ? 102 SER Z H    1 
ATOM   344  H HA   . SER A 1 28 ? 8.475   -2.755  1.124   1.00 34.70  ? 102 SER Z HA   1 
ATOM   345  H HB2  . SER A 1 28 ? 9.822   -3.863  -1.088  1.00 37.31  ? 102 SER Z HB2  1 
ATOM   346  H HB3  . SER A 1 28 ? 10.403  -2.655  -0.235  1.00 37.31  ? 102 SER Z HB3  1 
ATOM   347  H HG   . SER A 1 28 ? 11.309  -4.508  0.373   1.00 39.90  ? 102 SER Z HG   1 
ATOM   348  N N    . PHE A 1 29 ? 8.247   -0.720  -0.311  1.00 29.98  ? 103 PHE Z N    1 
ATOM   349  C CA   . PHE A 1 29 ? 7.890   0.408   -1.175  1.00 29.11  ? 103 PHE Z CA   1 
ATOM   350  C C    . PHE A 1 29 ? 8.680   1.649   -0.748  1.00 29.92  ? 103 PHE Z C    1 
ATOM   351  O O    . PHE A 1 29 ? 9.207   1.747   0.373   1.00 27.97  ? 103 PHE Z O    1 
ATOM   352  C CB   . PHE A 1 29 ? 6.371   0.695   -1.181  1.00 32.89  ? 103 PHE Z CB   1 
ATOM   353  C CG   . PHE A 1 29 ? 5.773   0.891   0.219   1.00 30.61  ? 103 PHE Z CG   1 
ATOM   354  C CD1  . PHE A 1 29 ? 5.774   2.128   0.834   1.00 28.53  ? 103 PHE Z CD1  1 
ATOM   355  C CD2  . PHE A 1 29 ? 5.196   -0.158  0.869   1.00 28.92  ? 103 PHE Z CD2  1 
ATOM   356  C CE1  . PHE A 1 29 ? 5.276   2.322   2.088   1.00 31.03  ? 103 PHE Z CE1  1 
ATOM   357  C CE2  . PHE A 1 29 ? 4.655   -0.001  2.110   1.00 28.77  ? 103 PHE Z CE2  1 
ATOM   358  C CZ   . PHE A 1 29 ? 4.673   1.266   2.738   1.00 31.01  ? 103 PHE Z CZ   1 
ATOM   359  H H    . PHE A 1 29 ? 8.628   -0.508  0.430   1.00 36.12  ? 103 PHE Z H    1 
ATOM   360  H HA   . PHE A 1 29 ? 8.149   0.188   -2.083  1.00 35.08  ? 103 PHE Z HA   1 
ATOM   361  H HB2  . PHE A 1 29 ? 6.208   1.504   -1.688  1.00 39.62  ? 103 PHE Z HB2  1 
ATOM   362  H HB3  . PHE A 1 29 ? 5.914   -0.054  -1.594  1.00 39.62  ? 103 PHE Z HB3  1 
ATOM   363  H HD1  . PHE A 1 29 ? 6.128   2.855   0.376   1.00 34.38  ? 103 PHE Z HD1  1 
ATOM   364  H HD2  . PHE A 1 29 ? 5.169   -0.993  0.461   1.00 34.85  ? 103 PHE Z HD2  1 
ATOM   365  H HE1  . PHE A 1 29 ? 5.342   3.153   2.499   1.00 37.39  ? 103 PHE Z HE1  1 
ATOM   366  H HE2  . PHE A 1 29 ? 4.275   -0.728  2.546   1.00 34.67  ? 103 PHE Z HE2  1 
ATOM   367  H HZ   . PHE A 1 29 ? 4.284   1.385   3.575   1.00 37.36  ? 103 PHE Z HZ   1 
ATOM   368  N N    . HIS A 1 30 ? 8.754   2.601   -1.670  1.00 30.82  ? 104 HIS Z N    1 
ATOM   369  C CA   . HIS A 1 30 ? 9.393   3.869   -1.419  1.00 30.79  ? 104 HIS Z CA   1 
ATOM   370  C C    . HIS A 1 30 ? 8.363   4.986   -1.370  1.00 32.65  ? 104 HIS Z C    1 
ATOM   371  O O    . HIS A 1 30 ? 7.237   4.867   -1.871  1.00 32.69  ? 104 HIS Z O    1 
ATOM   372  C CB   . HIS A 1 30 ? 10.444  4.135   -2.487  1.00 32.43  ? 104 HIS Z CB   1 
ATOM   373  C CG   . HIS A 1 30 ? 11.462  3.046   -2.580  1.00 32.25  ? 104 HIS Z CG   1 
ATOM   374  N ND1  . HIS A 1 30 ? 12.416  2.830   -1.602  1.00 34.67  ? 104 HIS Z ND1  1 
ATOM   375  C CD2  . HIS A 1 30 ? 11.669  2.104   -3.530  1.00 35.35  ? 104 HIS Z CD2  1 
ATOM   376  C CE1  . HIS A 1 30 ? 13.167  1.803   -1.955  1.00 38.55  ? 104 HIS Z CE1  1 
ATOM   377  N NE2  . HIS A 1 30 ? 12.720  1.325   -3.103  1.00 40.55  ? 104 HIS Z NE2  1 
ATOM   378  H H    . HIS A 1 30 ? 8.433   2.524   -2.464  1.00 37.13  ? 104 HIS Z H    1 
ATOM   379  H HA   . HIS A 1 30 ? 9.833   3.860   -0.555  1.00 37.10  ? 104 HIS Z HA   1 
ATOM   380  H HB2  . HIS A 1 30 ? 10.006  4.210   -3.349  1.00 39.06  ? 104 HIS Z HB2  1 
ATOM   381  H HB3  . HIS A 1 30 ? 10.907  4.961   -2.276  1.00 39.06  ? 104 HIS Z HB3  1 
ATOM   382  H HD1  . HIS A 1 30 ? 12.504  3.290   -0.881  1.00 41.75  ? 104 HIS Z HD1  1 
ATOM   383  H HD2  . HIS A 1 30 ? 11.191  2.003   -4.321  1.00 42.57  ? 104 HIS Z HD2  1 
ATOM   384  H HE1  . HIS A 1 30 ? 13.892  1.472   -1.475  1.00 46.40  ? 104 HIS Z HE1  1 
ATOM   385  N N    . LYS A 1 31 ? 8.754   6.059   -0.689  1.00 34.54  ? 105 LYS Z N    1 
ATOM   386  C CA   . LYS A 1 31 ? 7.916   7.239   -0.586  1.00 32.06  ? 105 LYS Z CA   1 
ATOM   387  C C    . LYS A 1 31 ? 7.441   7.661   -1.959  1.00 35.24  ? 105 LYS Z C    1 
ATOM   388  O O    . LYS A 1 31 ? 8.230   7.768   -2.913  1.00 36.74  ? 105 LYS Z O    1 
ATOM   389  C CB   . LYS A 1 31 ? 8.702   8.383   0.057   1.00 35.80  ? 105 LYS Z CB   1 
ATOM   390  C CG   . LYS A 1 31 ? 7.890   9.599   0.288   1.00 41.41  ? 105 LYS Z CG   1 
ATOM   391  C CD   . LYS A 1 31 ? 8.702   10.613  1.112   1.00 60.61  ? 105 LYS Z CD   1 
ATOM   392  C CE   . LYS A 1 31 ? 7.842   11.767  1.581   1.00 73.72  ? 105 LYS Z CE   1 
ATOM   393  N NZ   . LYS A 1 31 ? 7.456   12.638  0.448   1.00 84.06  ? 105 LYS Z NZ   1 
ATOM   394  H H    . LYS A 1 31 ? 9.505   6.126   -0.275  1.00 41.60  ? 105 LYS Z H    1 
ATOM   395  H HA   . LYS A 1 31 ? 7.146   7.040   -0.031  1.00 38.61  ? 105 LYS Z HA   1 
ATOM   396  H HB2  . LYS A 1 31 ? 9.042   8.086   0.916   1.00 43.10  ? 105 LYS Z HB2  1 
ATOM   397  H HB3  . LYS A 1 31 ? 9.439   8.623   -0.526  1.00 43.10  ? 105 LYS Z HB3  1 
ATOM   398  H HG2  . LYS A 1 31 ? 7.655   10.003  -0.561  1.00 49.83  ? 105 LYS Z HG2  1 
ATOM   399  H HG3  . LYS A 1 31 ? 7.085   9.368   0.780   1.00 49.83  ? 105 LYS Z HG3  1 
ATOM   400  H HD2  . LYS A 1 31 ? 9.070   10.170  1.893   1.00 72.88  ? 105 LYS Z HD2  1 
ATOM   401  H HD3  . LYS A 1 31 ? 9.419   10.970  0.566   1.00 72.88  ? 105 LYS Z HD3  1 
ATOM   402  H HE2  . LYS A 1 31 ? 7.033   11.421  1.991   1.00 88.60  ? 105 LYS Z HE2  1 
ATOM   403  H HE3  . LYS A 1 31 ? 8.337   12.300  2.222   1.00 88.60  ? 105 LYS Z HE3  1 
ATOM   404  H HZ1  . LYS A 1 31 ? 7.664   13.483  0.631   1.00 101.02 ? 105 LYS Z HZ1  1 
ATOM   405  H HZ2  . LYS A 1 31 ? 7.886   12.387  -0.289  1.00 101.02 ? 105 LYS Z HZ2  1 
ATOM   406  H HZ3  . LYS A 1 31 ? 6.579   12.581  0.305   1.00 101.02 ? 105 LYS Z HZ3  1 
ATOM   407  N N    . GLY A 1 32 ? 6.151   7.952   -2.042  1.00 35.59  ? 106 GLY Z N    1 
ATOM   408  C CA   . GLY A 1 32 ? 5.543   8.411   -3.274  1.00 38.00  ? 106 GLY Z CA   1 
ATOM   409  C C    . GLY A 1 32 ? 4.909   7.348   -4.151  1.00 35.38  ? 106 GLY Z C    1 
ATOM   410  O O    . GLY A 1 32 ? 4.254   7.712   -5.130  1.00 37.63  ? 106 GLY Z O    1 
ATOM   411  H H    . GLY A 1 32 ? 5.600   7.889   -1.384  1.00 42.85  ? 106 GLY Z H    1 
ATOM   412  H HA2  . GLY A 1 32 ? 4.850   9.053   -3.053  1.00 45.74  ? 106 GLY Z HA2  1 
ATOM   413  H HA3  . GLY A 1 32 ? 6.225   8.854   -3.804  1.00 45.74  ? 106 GLY Z HA3  1 
ATOM   414  N N    . GLU A 1 33 ? 5.138   6.063   -3.881  1.00 32.79  ? 107 GLU Z N    1 
ATOM   415  C CA   . GLU A 1 33 ? 4.445   5.029   -4.620  1.00 31.45  ? 107 GLU Z CA   1 
ATOM   416  C C    . GLU A 1 33 ? 2.950   5.149   -4.349  1.00 33.96  ? 107 GLU Z C    1 
ATOM   417  O O    . GLU A 1 33 ? 2.520   5.538   -3.260  1.00 35.57  ? 107 GLU Z O    1 
ATOM   418  C CB   . GLU A 1 33 ? 4.946   3.655   -4.217  1.00 34.66  ? 107 GLU Z CB   1 
ATOM   419  C CG   . GLU A 1 33 ? 6.372   3.383   -4.733  1.00 33.76  ? 107 GLU Z CG   1 
ATOM   420  C CD   . GLU A 1 33 ? 6.781   1.929   -4.632  1.00 34.72  ? 107 GLU Z CD   1 
ATOM   421  O OE1  . GLU A 1 33 ? 5.923   1.023   -4.789  1.00 34.15  ? 107 GLU Z OE1  1 
ATOM   422  O OE2  . GLU A 1 33 ? 7.957   1.669   -4.346  1.00 34.73  ? 107 GLU Z OE2  1 
ATOM   423  H H    . GLU A 1 33 ? 5.683   5.773   -3.281  1.00 39.50  ? 107 GLU Z H    1 
ATOM   424  H HA   . GLU A 1 33 ? 4.607   5.125   -5.571  1.00 37.88  ? 107 GLU Z HA   1 
ATOM   425  H HB2  . GLU A 1 33 ? 4.957   3.591   -3.249  1.00 41.74  ? 107 GLU Z HB2  1 
ATOM   426  H HB3  . GLU A 1 33 ? 4.356   2.980   -4.586  1.00 41.74  ? 107 GLU Z HB3  1 
ATOM   427  H HG2  . GLU A 1 33 ? 6.422   3.641   -5.666  1.00 40.66  ? 107 GLU Z HG2  1 
ATOM   428  H HG3  . GLU A 1 33 ? 7.000   3.905   -4.209  1.00 40.66  ? 107 GLU Z HG3  1 
ATOM   429  N N    . LYS A 1 34 ? 2.152   4.835   -5.361  1.00 34.41  ? 108 LYS Z N    1 
ATOM   430  C CA   . LYS A 1 34 ? 0.705   4.824   -5.232  1.00 36.48  ? 108 LYS Z CA   1 
ATOM   431  C C    . LYS A 1 34 ? 0.214   3.384   -5.189  1.00 29.89  ? 108 LYS Z C    1 
ATOM   432  O O    . LYS A 1 34 ? 0.880   2.472   -5.701  1.00 33.92  ? 108 LYS Z O    1 
ATOM   433  C CB   . LYS A 1 34 ? 0.059   5.602   -6.381  1.00 39.86  ? 108 LYS Z CB   1 
ATOM   434  C CG   . LYS A 1 34 ? 0.378   7.124   -6.226  1.00 46.72  ? 108 LYS Z CG   1 
ATOM   435  C CD   . LYS A 1 34 ? -0.089  7.928   -7.419  1.00 57.42  ? 108 LYS Z CD   1 
ATOM   436  C CE   . LYS A 1 34 ? 0.206   9.398   -7.166  1.00 60.65  ? 108 LYS Z CE   1 
ATOM   437  N NZ   . LYS A 1 34 ? -0.049  10.234  -8.381  1.00 65.95  ? 108 LYS Z NZ   1 
ATOM   438  H H    . LYS A 1 34 ? 2.434   4.621   -6.145  1.00 41.43  ? 108 LYS Z H    1 
ATOM   439  H HA   . LYS A 1 34 ? 0.426   5.250   -4.406  1.00 43.92  ? 108 LYS Z HA   1 
ATOM   440  H HB2  . LYS A 1 34 ? 0.416   5.291   -7.227  1.00 47.98  ? 108 LYS Z HB2  1 
ATOM   441  H HB3  . LYS A 1 34 ? -0.903  5.479   -6.361  1.00 47.98  ? 108 LYS Z HB3  1 
ATOM   442  H HG2  . LYS A 1 34 ? -0.072  7.465   -5.437  1.00 56.21  ? 108 LYS Z HG2  1 
ATOM   443  H HG3  . LYS A 1 34 ? 1.337   7.242   -6.138  1.00 56.21  ? 108 LYS Z HG3  1 
ATOM   444  H HD2  . LYS A 1 34 ? 0.385   7.644   -8.217  1.00 69.05  ? 108 LYS Z HD2  1 
ATOM   445  H HD3  . LYS A 1 34 ? -1.044  7.814   -7.542  1.00 69.05  ? 108 LYS Z HD3  1 
ATOM   446  H HE2  . LYS A 1 34 ? -0.364  9.720   -6.451  1.00 72.92  ? 108 LYS Z HE2  1 
ATOM   447  H HE3  . LYS A 1 34 ? 1.138   9.499   -6.918  1.00 72.92  ? 108 LYS Z HE3  1 
ATOM   448  H HZ1  . LYS A 1 34 ? 0.126   11.089  -8.206  1.00 79.28  ? 108 LYS Z HZ1  1 
ATOM   449  H HZ2  . LYS A 1 34 ? 0.472   9.964   -9.051  1.00 79.28  ? 108 LYS Z HZ2  1 
ATOM   450  H HZ3  . LYS A 1 34 ? -0.900  10.159  -8.629  1.00 79.28  ? 108 LYS Z HZ3  1 
ATOM   451  N N    . PHE A 1 35 ? -0.925  3.177   -4.533  1.00 32.36  ? 109 PHE Z N    1 
ATOM   452  C CA   . PHE A 1 35 ? -1.477  1.853   -4.292  1.00 32.65  ? 109 PHE Z CA   1 
ATOM   453  C C    . PHE A 1 35 ? -2.968  1.848   -4.579  1.00 36.54  ? 109 PHE Z C    1 
ATOM   454  O O    . PHE A 1 35 ? -3.666  2.851   -4.372  1.00 37.88  ? 109 PHE Z O    1 
ATOM   455  C CB   . PHE A 1 35 ? -1.307  1.355   -2.819  1.00 29.70  ? 109 PHE Z CB   1 
ATOM   456  C CG   . PHE A 1 35 ? 0.082   1.396   -2.318  1.00 32.03  ? 109 PHE Z CG   1 
ATOM   457  C CD1  . PHE A 1 35 ? 0.906   0.312   -2.456  1.00 32.32  ? 109 PHE Z CD1  1 
ATOM   458  C CD2  . PHE A 1 35 ? 0.592   2.550   -1.746  1.00 38.70  ? 109 PHE Z CD2  1 
ATOM   459  C CE1  . PHE A 1 35 ? 2.223   0.365   -2.040  1.00 32.69  ? 109 PHE Z CE1  1 
ATOM   460  C CE2  . PHE A 1 35 ? 1.895   2.598   -1.296  1.00 39.48  ? 109 PHE Z CE2  1 
ATOM   461  C CZ   . PHE A 1 35 ? 2.718   1.490   -1.451  1.00 33.92  ? 109 PHE Z CZ   1 
ATOM   462  H H    . PHE A 1 35 ? -1.407  3.810   -4.207  1.00 38.97  ? 109 PHE Z H    1 
ATOM   463  H HA   . PHE A 1 35 ? -1.008  1.248   -4.888  1.00 39.33  ? 109 PHE Z HA   1 
ATOM   464  H HB2  . PHE A 1 35 ? -1.844  1.916   -2.239  1.00 35.78  ? 109 PHE Z HB2  1 
ATOM   465  H HB3  . PHE A 1 35 ? -1.611  0.436   -2.765  1.00 35.78  ? 109 PHE Z HB3  1 
ATOM   466  H HD1  . PHE A 1 35 ? 0.575   -0.470  -2.835  1.00 38.93  ? 109 PHE Z HD1  1 
ATOM   467  H HD2  . PHE A 1 35 ? 0.049   3.301   -1.666  1.00 46.58  ? 109 PHE Z HD2  1 
ATOM   468  H HE1  . PHE A 1 35 ? 2.775   -0.372  -2.161  1.00 39.38  ? 109 PHE Z HE1  1 
ATOM   469  H HE2  . PHE A 1 35 ? 2.221   3.369   -0.890  1.00 47.52  ? 109 PHE Z HE2  1 
ATOM   470  H HZ   . PHE A 1 35 ? 3.600   1.516   -1.156  1.00 40.85  ? 109 PHE Z HZ   1 
ATOM   471  N N    . GLN A 1 36 ? -3.448  0.691   -5.051  1.00 32.47  ? 110 GLN Z N    1 
ATOM   472  C CA   . GLN A 1 36 ? -4.825  0.279   -4.905  1.00 37.03  ? 110 GLN Z CA   1 
ATOM   473  C C    . GLN A 1 36 ? -4.876  -0.577  -3.653  1.00 35.21  ? 110 GLN Z C    1 
ATOM   474  O O    . GLN A 1 36 ? -4.090  -1.525  -3.510  1.00 34.19  ? 110 GLN Z O    1 
ATOM   475  C CB   . GLN A 1 36 ? -5.301  -0.506  -6.126  1.00 39.45  ? 110 GLN Z CB   1 
ATOM   476  C CG   . GLN A 1 36 ? -6.751  -0.991  -6.003  1.00 45.65  ? 110 GLN Z CG   1 
ATOM   477  C CD   . GLN A 1 36 ? -7.234  -1.727  -7.224  1.00 48.00  ? 110 GLN Z CD   1 
ATOM   478  O OE1  . GLN A 1 36 ? -6.466  -2.374  -7.934  1.00 49.22  ? 110 GLN Z OE1  1 
ATOM   479  N NE2  . GLN A 1 36 ? -8.528  -1.646  -7.463  1.00 53.01  ? 110 GLN Z NE2  1 
ATOM   480  H H    . GLN A 1 36 ? -2.968  0.115   -5.473  1.00 39.11  ? 110 GLN Z H    1 
ATOM   481  H HA   . GLN A 1 36 ? -5.422  1.039   -4.823  1.00 44.58  ? 110 GLN Z HA   1 
ATOM   482  H HB2  . GLN A 1 36 ? -5.243  0.066   -6.908  1.00 47.49  ? 110 GLN Z HB2  1 
ATOM   483  H HB3  . GLN A 1 36 ? -4.734  -1.284  -6.239  1.00 47.49  ? 110 GLN Z HB3  1 
ATOM   484  H HG2  . GLN A 1 36 ? -6.818  -1.593  -5.246  1.00 54.93  ? 110 GLN Z HG2  1 
ATOM   485  H HG3  . GLN A 1 36 ? -7.330  -0.224  -5.869  1.00 54.93  ? 110 GLN Z HG3  1 
ATOM   486  H HE21 . GLN A 1 36 ? -9.036  -1.194  -6.937  1.00 63.76  ? 110 GLN Z HE21 1 
ATOM   487  H HE22 . GLN A 1 36 ? -8.865  -2.046  -8.147  1.00 63.76  ? 110 GLN Z HE22 1 
ATOM   488  N N    . ILE A 1 37 ? -5.824  -0.278  -2.776  1.00 37.57  ? 111 ILE Z N    1 
ATOM   489  C CA   . ILE A 1 37 ? -6.005  -1.054  -1.557  1.00 38.11  ? 111 ILE Z CA   1 
ATOM   490  C C    . ILE A 1 37 ? -6.975  -2.180  -1.884  1.00 38.46  ? 111 ILE Z C    1 
ATOM   491  O O    . ILE A 1 37 ? -8.077  -1.931  -2.375  1.00 42.74  ? 111 ILE Z O    1 
ATOM   492  C CB   . ILE A 1 37 ? -6.521  -0.187  -0.405  1.00 38.69  ? 111 ILE Z CB   1 
ATOM   493  C CG1  . ILE A 1 37 ? -5.593  0.998   -0.135  1.00 35.35  ? 111 ILE Z CG1  1 
ATOM   494  C CG2  . ILE A 1 37 ? -6.652  -1.054  0.853   1.00 41.07  ? 111 ILE Z CG2  1 
ATOM   495  C CD1  . ILE A 1 37 ? -4.167  0.609   0.072   1.00 39.55  ? 111 ILE Z CD1  1 
ATOM   496  H H    . ILE A 1 37 ? -6.377  0.374   -2.865  1.00 45.22  ? 111 ILE Z H    1 
ATOM   497  H HA   . ILE A 1 37 ? -5.157  -1.434  -1.277  1.00 45.87  ? 111 ILE Z HA   1 
ATOM   498  H HB   . ILE A 1 37 ? -7.387  0.173   -0.655  1.00 46.57  ? 111 ILE Z HB   1 
ATOM   499  H HG12 . ILE A 1 37 ? -5.628  1.601   -0.893  1.00 42.57  ? 111 ILE Z HG12 1 
ATOM   500  H HG13 . ILE A 1 37 ? -5.895  1.455   0.666   1.00 42.57  ? 111 ILE Z HG13 1 
ATOM   501  H HG21 . ILE A 1 37 ? -6.938  -0.495  1.592   1.00 49.42  ? 111 ILE Z HG21 1 
ATOM   502  H HG22 . ILE A 1 37 ? -7.308  -1.749  0.690   1.00 49.42  ? 111 ILE Z HG22 1 
ATOM   503  H HG23 . ILE A 1 37 ? -5.790  -1.452  1.052   1.00 49.42  ? 111 ILE Z HG23 1 
ATOM   504  H HD11 . ILE A 1 37 ? -3.650  1.403   0.278   1.00 47.61  ? 111 ILE Z HD11 1 
ATOM   505  H HD12 . ILE A 1 37 ? -4.116  -0.018  0.810   1.00 47.61  ? 111 ILE Z HD12 1 
ATOM   506  H HD13 . ILE A 1 37 ? -3.833  0.196   -0.738  1.00 47.61  ? 111 ILE Z HD13 1 
ATOM   507  N N    . LEU A 1 38 ? -6.543  -3.422  -1.676  1.00 36.74  ? 112 LEU Z N    1 
ATOM   508  C CA   . LEU A 1 38 ? -7.340  -4.594  -2.017  1.00 38.75  ? 112 LEU Z CA   1 
ATOM   509  C C    . LEU A 1 38 ? -8.132  -5.154  -0.847  1.00 41.39  ? 112 LEU Z C    1 
ATOM   510  O O    . LEU A 1 38 ? -9.180  -5.778  -1.069  1.00 44.94  ? 112 LEU Z O    1 
ATOM   511  C CB   . LEU A 1 38 ? -6.427  -5.696  -2.567  1.00 37.44  ? 112 LEU Z CB   1 
ATOM   512  C CG   . LEU A 1 38 ? -5.441  -5.251  -3.643  1.00 39.31  ? 112 LEU Z CG   1 
ATOM   513  C CD1  . LEU A 1 38 ? -4.559  -6.439  -3.997  1.00 41.58  ? 112 LEU Z CD1  1 
ATOM   514  C CD2  . LEU A 1 38 ? -6.211  -4.766  -4.865  1.00 41.24  ? 112 LEU Z CD2  1 
ATOM   515  H H    . LEU A 1 38 ? -5.778  -3.613  -1.333  1.00 44.23  ? 112 LEU Z H    1 
ATOM   516  H HA   . LEU A 1 38 ? -7.977  -4.347  -2.706  1.00 46.64  ? 112 LEU Z HA   1 
ATOM   517  H HB2  . LEU A 1 38 ? -5.910  -6.058  -1.831  1.00 45.07  ? 112 LEU Z HB2  1 
ATOM   518  H HB3  . LEU A 1 38 ? -6.985  -6.389  -2.953  1.00 45.07  ? 112 LEU Z HB3  1 
ATOM   519  H HG   . LEU A 1 38 ? -4.883  -4.521  -3.332  1.00 47.32  ? 112 LEU Z HG   1 
ATOM   520  H HD11 . LEU A 1 38 ? -3.919  -6.167  -4.673  1.00 50.05  ? 112 LEU Z HD11 1 
ATOM   521  H HD12 . LEU A 1 38 ? -4.093  -6.735  -3.200  1.00 50.05  ? 112 LEU Z HD12 1 
ATOM   522  H HD13 . LEU A 1 38 ? -5.117  -7.157  -4.338  1.00 50.05  ? 112 LEU Z HD13 1 
ATOM   523  H HD21 . LEU A 1 38 ? -5.580  -4.492  -5.547  1.00 49.63  ? 112 LEU Z HD21 1 
ATOM   524  H HD22 . LEU A 1 38 ? -6.765  -5.490  -5.197  1.00 49.63  ? 112 LEU Z HD22 1 
ATOM   525  H HD23 . LEU A 1 38 ? -6.768  -4.015  -4.609  1.00 49.63  ? 112 LEU Z HD23 1 
ATOM   526  N N    . ASN A 1 39 ? -7.676  -4.941  0.390   1.00 40.06  ? 113 ASN Z N    1 
ATOM   527  C CA   . ASN A 1 39 ? -8.346  -5.514  1.552   1.00 43.33  ? 113 ASN Z CA   1 
ATOM   528  C C    . ASN A 1 39 ? -7.879  -4.757  2.782   1.00 41.23  ? 113 ASN Z C    1 
ATOM   529  O O    . ASN A 1 39 ? -6.668  -4.698  3.045   1.00 46.64  ? 113 ASN Z O    1 
ATOM   530  C CB   . ASN A 1 39 ? -8.038  -7.015  1.657   1.00 47.64  ? 113 ASN Z CB   1 
ATOM   531  C CG   . ASN A 1 39 ? -8.918  -7.718  2.649   1.00 58.35  ? 113 ASN Z CG   1 
ATOM   532  O OD1  . ASN A 1 39 ? -9.171  -7.204  3.729   1.00 60.46  ? 113 ASN Z OD1  1 
ATOM   533  N ND2  . ASN A 1 39 ? -9.391  -8.899  2.291   1.00 64.86  ? 113 ASN Z ND2  1 
ATOM   534  H H    . ASN A 1 39 ? -6.981  -4.470  0.579   1.00 48.21  ? 113 ASN Z H    1 
ATOM   535  H HA   . ASN A 1 39 ? -9.307  -5.407  1.480   1.00 52.14  ? 113 ASN Z HA   1 
ATOM   536  H HB2  . ASN A 1 39 ? -8.174  -7.429  0.790   1.00 57.32  ? 113 ASN Z HB2  1 
ATOM   537  H HB3  . ASN A 1 39 ? -7.116  -7.131  1.939   1.00 57.32  ? 113 ASN Z HB3  1 
ATOM   538  H HD21 . ASN A 1 39 ? -9.900  -9.339  2.827   1.00 77.98  ? 113 ASN Z HD21 1 
ATOM   539  H HD22 . ASN A 1 39 ? -9.191  -9.227  1.522   1.00 77.98  ? 113 ASN Z HD22 1 
ATOM   540  N N    . SER A 1 40 ? -8.817  -4.164  3.513   1.00 57.75  ? 114 SER Z N    1 
ATOM   541  C CA   . SER A 1 40 ? -8.538  -3.390  4.707   1.00 59.54  ? 114 SER Z CA   1 
ATOM   542  C C    . SER A 1 40 ? -9.067  -4.068  5.963   1.00 67.31  ? 114 SER Z C    1 
ATOM   543  O O    . SER A 1 40 ? -8.890  -3.539  7.063   1.00 69.07  ? 114 SER Z O    1 
ATOM   544  C CB   . SER A 1 40 ? -9.172  -2.011  4.543   1.00 60.11  ? 114 SER Z CB   1 
ATOM   545  O OG   . SER A 1 40 ? -10.520 -2.157  4.112   1.00 65.33  ? 114 SER Z OG   1 
ATOM   546  H H    . SER A 1 40 ? -9.656  -4.202  3.326   1.00 69.45  ? 114 SER Z H    1 
ATOM   547  H HA   . SER A 1 40 ? -7.581  -3.275  4.822   1.00 71.59  ? 114 SER Z HA   1 
ATOM   548  H HB2  . SER A 1 40 ? -9.156  -1.547  5.394   1.00 72.28  ? 114 SER Z HB2  1 
ATOM   549  H HB3  . SER A 1 40 ? -8.676  -1.506  3.879   1.00 72.28  ? 114 SER Z HB3  1 
ATOM   550  H HG   . SER A 1 40 ? -10.895 -1.405  4.083   1.00 78.54  ? 114 SER Z HG   1 
ATOM   551  N N    . SER A 1 41 ? -9.668  -5.252  5.825   1.00 76.07  ? 115 SER Z N    1 
ATOM   552  C CA   . SER A 1 41 ? -10.372 -5.913  6.919   1.00 81.34  ? 115 SER Z CA   1 
ATOM   553  C C    . SER A 1 41 ? -9.476  -6.227  8.110   1.00 85.52  ? 115 SER Z C    1 
ATOM   554  O O    . SER A 1 41 ? -9.981  -6.371  9.222   1.00 87.20  ? 115 SER Z O    1 
ATOM   555  C CB   . SER A 1 41 ? -11.008 -7.208  6.390   1.00 82.77  ? 115 SER Z CB   1 
ATOM   556  O OG   . SER A 1 41 ? -10.020 -8.179  6.057   1.00 80.46  ? 115 SER Z OG   1 
ATOM   557  H H    . SER A 1 41 ? -9.684  -5.702  5.093   1.00 91.42  ? 115 SER Z H    1 
ATOM   558  H HA   . SER A 1 41 ? -11.070 -5.322  7.242   1.00 97.76  ? 115 SER Z HA   1 
ATOM   559  H HB2  . SER A 1 41 ? -11.588 -7.575  7.076   1.00 99.47  ? 115 SER Z HB2  1 
ATOM   560  H HB3  . SER A 1 41 ? -11.524 -7.002  5.595   1.00 99.47  ? 115 SER Z HB3  1 
ATOM   561  H HG   . SER A 1 41 ? -9.401  -7.820  5.620   1.00 96.70  ? 115 SER Z HG   1 
ATOM   562  N N    . GLU A 1 42 ? -8.169  -6.348  7.914   1.00 87.98  ? 116 GLU Z N    1 
ATOM   563  C CA   . GLU A 1 42 ? -7.265  -6.852  8.943   1.00 85.07  ? 116 GLU Z CA   1 
ATOM   564  C C    . GLU A 1 42 ? -6.852  -5.780  9.940   1.00 77.54  ? 116 GLU Z C    1 
ATOM   565  O O    . GLU A 1 42 ? -6.246  -6.116  10.959  1.00 78.06  ? 116 GLU Z O    1 
ATOM   566  C CB   . GLU A 1 42 ? -6.056  -7.501  8.241   1.00 87.07  ? 116 GLU Z CB   1 
ATOM   567  C CG   . GLU A 1 42 ? -4.769  -7.539  9.015   1.00 92.52  ? 116 GLU Z CG   1 
ATOM   568  C CD   . GLU A 1 42 ? -4.677  -8.753  9.924   1.00 104.36 ? 116 GLU Z CD   1 
ATOM   569  O OE1  . GLU A 1 42 ? -5.252  -9.813  9.581   1.00 108.30 ? 116 GLU Z OE1  1 
ATOM   570  O OE2  . GLU A 1 42 ? -4.028  -8.640  10.990  1.00 107.18 ? 116 GLU Z OE2  1 
ATOM   571  H H    . GLU A 1 42 ? -7.771  -6.141  7.179   1.00 105.72 ? 116 GLU Z H    1 
ATOM   572  H HA   . GLU A 1 42 ? -7.692  -7.543  9.475   1.00 102.22 ? 116 GLU Z HA   1 
ATOM   573  H HB2  . GLU A 1 42 ? -6.288  -8.419  8.031   1.00 104.62 ? 116 GLU Z HB2  1 
ATOM   574  H HB3  . GLU A 1 42 ? -5.882  -7.008  7.425   1.00 104.62 ? 116 GLU Z HB3  1 
ATOM   575  H HG2  . GLU A 1 42 ? -4.025  -7.571  8.394   1.00 111.17 ? 116 GLU Z HG2  1 
ATOM   576  H HG3  . GLU A 1 42 ? -4.706  -6.744  9.567   1.00 111.17 ? 116 GLU Z HG3  1 
ATOM   577  N N    . GLY A 1 43 ? -7.166  -4.514  9.684   1.00 70.58  ? 117 GLY Z N    1 
ATOM   578  C CA   . GLY A 1 43 ? -6.873  -3.472  10.640  1.00 65.22  ? 117 GLY Z CA   1 
ATOM   579  C C    . GLY A 1 43 ? -5.729  -2.598  10.197  1.00 59.73  ? 117 GLY Z C    1 
ATOM   580  O O    . GLY A 1 43 ? -5.840  -1.879  9.204   1.00 64.97  ? 117 GLY Z O    1 
ATOM   581  H H    . GLY A 1 43 ? -7.547  -4.241  8.963   1.00 84.84  ? 117 GLY Z H    1 
ATOM   582  H HA2  . GLY A 1 43 ? -7.658  -2.915  10.758  1.00 78.41  ? 117 GLY Z HA2  1 
ATOM   583  H HA3  . GLY A 1 43 ? -6.640  -3.874  11.492  1.00 78.41  ? 117 GLY Z HA3  1 
ATOM   584  N N    . ASP A 1 44 ? -4.620  -2.658  10.920  1.00 58.04  ? 118 ASP Z N    1 
ATOM   585  C CA   . ASP A 1 44 ? -3.490  -1.787  10.641  1.00 59.33  ? 118 ASP Z CA   1 
ATOM   586  C C    . ASP A 1 44 ? -2.562  -2.324  9.554   1.00 53.82  ? 118 ASP Z C    1 
ATOM   587  O O    . ASP A 1 44 ? -1.574  -1.665  9.235   1.00 53.91  ? 118 ASP Z O    1 
ATOM   588  C CB   . ASP A 1 44 ? -2.675  -1.538  11.917  1.00 69.22  ? 118 ASP Z CB   1 
ATOM   589  C CG   . ASP A 1 44 ? -2.470  -2.788  12.745  1.00 77.48  ? 118 ASP Z CG   1 
ATOM   590  O OD1  . ASP A 1 44 ? -2.610  -3.901  12.191  1.00 81.35  ? 118 ASP Z OD1  1 
ATOM   591  O OD2  . ASP A 1 44 ? -2.176  -2.652  13.953  1.00 76.85  ? 118 ASP Z OD2  1 
ATOM   592  H H    . ASP A 1 44 ? -4.499  -3.198  11.579  1.00 69.80  ? 118 ASP Z H    1 
ATOM   593  H HA   . ASP A 1 44 ? -3.844  -0.937  10.337  1.00 71.35  ? 118 ASP Z HA   1 
ATOM   594  H HB2  . ASP A 1 44 ? -1.801  -1.197  11.670  1.00 83.20  ? 118 ASP Z HB2  1 
ATOM   595  H HB3  . ASP A 1 44 ? -3.141  -0.888  12.466  1.00 83.20  ? 118 ASP Z HB3  1 
ATOM   596  N N    . TRP A 1 45 ? -2.814  -3.519  9.025   1.00 34.86  ? 119 TRP Z N    1 
ATOM   597  C CA   . TRP A 1 45 ? -2.133  -4.035  7.844   1.00 33.90  ? 119 TRP Z CA   1 
ATOM   598  C C    . TRP A 1 45 ? -3.152  -4.222  6.720   1.00 32.29  ? 119 TRP Z C    1 
ATOM   599  O O    . TRP A 1 45 ? -4.166  -4.922  6.869   1.00 35.26  ? 119 TRP Z O    1 
ATOM   600  C CB   . TRP A 1 45 ? -1.413  -5.347  8.135   1.00 33.06  ? 119 TRP Z CB   1 
ATOM   601  C CG   . TRP A 1 45 ? -0.250  -5.214  9.023   1.00 32.47  ? 119 TRP Z CG   1 
ATOM   602  C CD1  . TRP A 1 45 ? -0.242  -5.357  10.386  1.00 35.24  ? 119 TRP Z CD1  1 
ATOM   603  C CD2  . TRP A 1 45 ? 1.091   -4.883  8.657   1.00 29.09  ? 119 TRP Z CD2  1 
ATOM   604  N NE1  . TRP A 1 45 ? 1.027   -5.173  10.874  1.00 36.09  ? 119 TRP Z NE1  1 
ATOM   605  C CE2  . TRP A 1 45 ? 1.864   -4.888  9.838   1.00 30.62  ? 119 TRP Z CE2  1 
ATOM   606  C CE3  . TRP A 1 45 ? 1.730   -4.627  7.445   1.00 30.06  ? 119 TRP Z CE3  1 
ATOM   607  C CZ2  . TRP A 1 45 ? 3.232   -4.618  9.832   1.00 31.02  ? 119 TRP Z CZ2  1 
ATOM   608  C CZ3  . TRP A 1 45 ? 3.106   -4.357  7.438   1.00 30.64  ? 119 TRP Z CZ3  1 
ATOM   609  C CH2  . TRP A 1 45 ? 3.839   -4.329  8.644   1.00 32.22  ? 119 TRP Z CH2  1 
ATOM   610  H H    . TRP A 1 45 ? -3.396  -4.065  9.347   1.00 41.98  ? 119 TRP Z H    1 
ATOM   611  H HA   . TRP A 1 45 ? -1.473  -3.385  7.556   1.00 40.82  ? 119 TRP Z HA   1 
ATOM   612  H HB2  . TRP A 1 45 ? -2.038  -5.956  8.558   1.00 39.82  ? 119 TRP Z HB2  1 
ATOM   613  H HB3  . TRP A 1 45 ? -1.100  -5.721  7.296   1.00 39.82  ? 119 TRP Z HB3  1 
ATOM   614  H HD1  . TRP A 1 45 ? -0.989  -5.551  10.906  1.00 42.43  ? 119 TRP Z HD1  1 
ATOM   615  H HE1  . TRP A 1 45 ? 1.256   -5.229  11.701  1.00 43.45  ? 119 TRP Z HE1  1 
ATOM   616  H HE3  . TRP A 1 45 ? 1.249   -4.635  6.649   1.00 36.22  ? 119 TRP Z HE3  1 
ATOM   617  H HZ2  . TRP A 1 45 ? 3.722   -4.633  10.622  1.00 37.37  ? 119 TRP Z HZ2  1 
ATOM   618  H HZ3  . TRP A 1 45 ? 3.540   -4.193  6.632   1.00 36.92  ? 119 TRP Z HZ3  1 
ATOM   619  H HH2  . TRP A 1 45 ? 4.743   -4.114  8.629   1.00 38.81  ? 119 TRP Z HH2  1 
ATOM   620  N N    . TRP A 1 46 ? -2.876  -3.601  5.586   1.00 32.94  ? 120 TRP Z N    1 
ATOM   621  C CA   . TRP A 1 46 ? -3.739  -3.613  4.424   1.00 34.53  ? 120 TRP Z CA   1 
ATOM   622  C C    . TRP A 1 46 ? -3.071  -4.381  3.300   1.00 31.88  ? 120 TRP Z C    1 
ATOM   623  O O    . TRP A 1 46 ? -1.903  -4.156  3.009   1.00 31.99  ? 120 TRP Z O    1 
ATOM   624  C CB   . TRP A 1 46 ? -4.016  -2.197  3.929   1.00 34.49  ? 120 TRP Z CB   1 
ATOM   625  C CG   . TRP A 1 46 ? -4.840  -1.349  4.874   1.00 37.59  ? 120 TRP Z CG   1 
ATOM   626  C CD1  . TRP A 1 46 ? -5.473  -1.750  6.031   1.00 38.44  ? 120 TRP Z CD1  1 
ATOM   627  C CD2  . TRP A 1 46 ? -5.144  0.033   4.707   1.00 35.03  ? 120 TRP Z CD2  1 
ATOM   628  N NE1  . TRP A 1 46 ? -6.144  -0.680  6.591   1.00 37.12  ? 120 TRP Z NE1  1 
ATOM   629  C CE2  . TRP A 1 46 ? -5.972  0.417   5.795   1.00 33.99  ? 120 TRP Z CE2  1 
ATOM   630  C CE3  . TRP A 1 46 ? -4.819  0.981   3.733   1.00 37.97  ? 120 TRP Z CE3  1 
ATOM   631  C CZ2  . TRP A 1 46 ? -6.437  1.723   5.955   1.00 35.66  ? 120 TRP Z CZ2  1 
ATOM   632  C CZ3  . TRP A 1 46 ? -5.290  2.283   3.892   1.00 41.42  ? 120 TRP Z CZ3  1 
ATOM   633  C CH2  . TRP A 1 46 ? -6.092  2.632   5.000   1.00 36.41  ? 120 TRP Z CH2  1 
ATOM   634  H H    . TRP A 1 46 ? -2.157  -3.146  5.463   1.00 39.67  ? 120 TRP Z H    1 
ATOM   635  H HA   . TRP A 1 46 ? -4.577  -4.040  4.661   1.00 41.58  ? 120 TRP Z HA   1 
ATOM   636  H HB2  . TRP A 1 46 ? -3.167  -1.745  3.794   1.00 41.53  ? 120 TRP Z HB2  1 
ATOM   637  H HB3  . TRP A 1 46 ? -4.499  -2.252  3.089   1.00 41.53  ? 120 TRP Z HB3  1 
ATOM   638  H HD1  . TRP A 1 46 ? -5.451  -2.612  6.381   1.00 46.27  ? 120 TRP Z HD1  1 
ATOM   639  H HE1  . TRP A 1 46 ? -6.598  -0.702  7.321   1.00 44.69  ? 120 TRP Z HE1  1 
ATOM   640  H HE3  . TRP A 1 46 ? -4.301  0.749   2.996   1.00 45.71  ? 120 TRP Z HE3  1 
ATOM   641  H HZ2  . TRP A 1 46 ? -6.962  1.963   6.684   1.00 42.94  ? 120 TRP Z HZ2  1 
ATOM   642  H HZ3  . TRP A 1 46 ? -5.074  2.930   3.260   1.00 49.85  ? 120 TRP Z HZ3  1 
ATOM   643  H HH2  . TRP A 1 46 ? -6.392  3.508   5.081   1.00 43.84  ? 120 TRP Z HH2  1 
ATOM   644  N N    . GLU A 1 47 ? -3.828  -5.230  2.612   1.00 33.55  ? 121 GLU Z N    1 
ATOM   645  C CA   . GLU A 1 47 ? -3.355  -5.830  1.364   1.00 35.07  ? 121 GLU Z CA   1 
ATOM   646  C C    . GLU A 1 47 ? -3.477  -4.798  0.242   1.00 33.74  ? 121 GLU Z C    1 
ATOM   647  O O    . GLU A 1 47 ? -4.541  -4.198  0.055   1.00 35.71  ? 121 GLU Z O    1 
ATOM   648  C CB   . GLU A 1 47 ? -4.153  -7.084  1.033   1.00 45.17  ? 121 GLU Z CB   1 
ATOM   649  C CG   . GLU A 1 47 ? -3.476  -7.944  -0.012  1.00 64.50  ? 121 GLU Z CG   1 
ATOM   650  C CD   . GLU A 1 47 ? -4.339  -9.094  -0.473  1.00 80.20  ? 121 GLU Z CD   1 
ATOM   651  O OE1  . GLU A 1 47 ? -5.348  -9.399  0.213   1.00 83.62  ? 121 GLU Z OE1  1 
ATOM   652  O OE2  . GLU A 1 47 ? -3.998  -9.692  -1.520  1.00 84.33  ? 121 GLU Z OE2  1 
ATOM   653  H H    . GLU A 1 47 ? -4.618  -5.477  2.844   1.00 40.41  ? 121 GLU Z H    1 
ATOM   654  H HA   . GLU A 1 47 ? -2.426  -6.094  1.451   1.00 42.23  ? 121 GLU Z HA   1 
ATOM   655  H HB2  . GLU A 1 47 ? -4.257  -7.615  1.838   1.00 54.35  ? 121 GLU Z HB2  1 
ATOM   656  H HB3  . GLU A 1 47 ? -5.024  -6.825  0.690   1.00 54.35  ? 121 GLU Z HB3  1 
ATOM   657  H HG2  . GLU A 1 47 ? -3.269  -7.396  -0.785  1.00 77.54  ? 121 GLU Z HG2  1 
ATOM   658  H HG3  . GLU A 1 47 ? -2.660  -8.312  0.362   1.00 77.54  ? 121 GLU Z HG3  1 
ATOM   659  N N    . ALA A 1 48 ? -2.376  -4.545  -0.478  1.00 32.89  ? 122 ALA Z N    1 
ATOM   660  C CA   . ALA A 1 48 ? -2.333  -3.477  -1.462  1.00 31.42  ? 122 ALA Z CA   1 
ATOM   661  C C    . ALA A 1 48 ? -1.500  -3.925  -2.664  1.00 29.66  ? 122 ALA Z C    1 
ATOM   662  O O    . ALA A 1 48 ? -0.624  -4.810  -2.544  1.00 33.58  ? 122 ALA Z O    1 
ATOM   663  C CB   . ALA A 1 48 ? -1.751  -2.190  -0.863  1.00 32.30  ? 122 ALA Z CB   1 
ATOM   664  H H    . ALA A 1 48 ? -1.639  -4.984  -0.408  1.00 39.62  ? 122 ALA Z H    1 
ATOM   665  H HA   . ALA A 1 48 ? -3.232  -3.293  -1.776  1.00 37.84  ? 122 ALA Z HA   1 
ATOM   666  H HB1  . ALA A 1 48 ? -1.783  -1.488  -1.532  1.00 38.91  ? 122 ALA Z HB1  1 
ATOM   667  H HB2  . ALA A 1 48 ? -2.279  -1.934  -0.091  1.00 38.91  ? 122 ALA Z HB2  1 
ATOM   668  H HB3  . ALA A 1 48 ? -0.833  -2.352  -0.597  1.00 38.91  ? 122 ALA Z HB3  1 
ATOM   669  N N    . ARG A 1 49 ? -1.794  -3.337  -3.827  1.00 29.33  ? 123 ARG Z N    1 
ATOM   670  C CA   . ARG A 1 49 ? -0.950  -3.504  -5.008  1.00 29.90  ? 123 ARG Z CA   1 
ATOM   671  C C    . ARG A 1 49 ? -0.303  -2.154  -5.271  1.00 32.09  ? 123 ARG Z C    1 
ATOM   672  O O    . ARG A 1 49 ? -0.996  -1.128  -5.392  1.00 33.79  ? 123 ARG Z O    1 
ATOM   673  C CB   . ARG A 1 49 ? -1.741  -3.990  -6.210  1.00 34.08  ? 123 ARG Z CB   1 
ATOM   674  C CG   . ARG A 1 49 ? -0.871  -4.018  -7.472  1.00 33.85  ? 123 ARG Z CG   1 
ATOM   675  C CD   . ARG A 1 49 ? -1.345  -4.977  -8.521  1.00 40.81  ? 123 ARG Z CD   1 
ATOM   676  N NE   . ARG A 1 49 ? -2.682  -4.649  -8.975  1.00 47.92  ? 123 ARG Z NE   1 
ATOM   677  C CZ   . ARG A 1 49 ? -3.282  -5.258  -9.995  1.00 50.05  ? 123 ARG Z CZ   1 
ATOM   678  N NH1  . ARG A 1 49 ? -2.639  -6.188  -10.690 1.00 41.84  ? 123 ARG Z NH1  1 
ATOM   679  N NH2  . ARG A 1 49 ? -4.517  -4.918  -10.331 1.00 53.55  ? 123 ARG Z NH2  1 
ATOM   680  H H    . ARG A 1 49 ? -2.481  -2.836  -3.953  1.00 34.48  ? 123 ARG Z H    1 
ATOM   681  H HA   . ARG A 1 49 ? -0.264  -4.170  -4.847  1.00 36.02  ? 123 ARG Z HA   1 
ATOM   682  H HB2  . ARG A 1 49 ? -2.065  -4.889  -6.040  1.00 41.04  ? 123 ARG Z HB2  1 
ATOM   683  H HB3  . ARG A 1 49 ? -2.489  -3.393  -6.366  1.00 41.04  ? 123 ARG Z HB3  1 
ATOM   684  H HG2  . ARG A 1 49 ? -0.866  -3.132  -7.867  1.00 40.76  ? 123 ARG Z HG2  1 
ATOM   685  H HG3  . ARG A 1 49 ? 0.030   -4.277  -7.223  1.00 40.76  ? 123 ARG Z HG3  1 
ATOM   686  H HD2  . ARG A 1 49 ? -0.746  -4.942  -9.282  1.00 49.12  ? 123 ARG Z HD2  1 
ATOM   687  H HD3  . ARG A 1 49 ? -1.359  -5.874  -8.152  1.00 49.12  ? 123 ARG Z HD3  1 
ATOM   688  H HE   . ARG A 1 49 ? -3.110  -4.026  -8.565  1.00 57.64  ? 123 ARG Z HE   1 
ATOM   689  H HH11 . ARG A 1 49 ? -1.831  -6.398  -10.481 1.00 50.36  ? 123 ARG Z HH11 1 
ATOM   690  H HH12 . ARG A 1 49 ? -3.028  -6.580  -11.347 1.00 50.36  ? 123 ARG Z HH12 1 
ATOM   691  H HH21 . ARG A 1 49 ? -4.928  -4.304  -9.891  1.00 64.41  ? 123 ARG Z HH21 1 
ATOM   692  H HH22 . ARG A 1 49 ? -4.907  -5.310  -10.989 1.00 64.41  ? 123 ARG Z HH22 1 
ATOM   693  N N    . SER A 1 50 ? 1.018   -2.139  -5.360  1.00 31.16  ? 124 SER Z N    1 
ATOM   694  C CA   . SER A 1 50 ? 1.695   -0.930  -5.781  1.00 30.81  ? 124 SER Z CA   1 
ATOM   695  C C    . SER A 1 50 ? 1.476   -0.694  -7.268  1.00 27.75  ? 124 SER Z C    1 
ATOM   696  O O    . SER A 1 50 ? 1.689   -1.588  -8.091  1.00 31.80  ? 124 SER Z O    1 
ATOM   697  C CB   . SER A 1 50 ? 3.192   -1.050  -5.475  1.00 31.00  ? 124 SER Z CB   1 
ATOM   698  O OG   . SER A 1 50 ? 3.884   0.035   -6.138  1.00 33.92  ? 124 SER Z OG   1 
ATOM   699  H H    . SER A 1 50 ? 1.535   -2.804  -5.185  1.00 37.54  ? 124 SER Z H    1 
ATOM   700  H HA   . SER A 1 50 ? 1.338   -0.167  -5.301  1.00 37.12  ? 124 SER Z HA   1 
ATOM   701  H HB2  . SER A 1 50 ? 3.333   -0.988  -4.517  1.00 37.34  ? 124 SER Z HB2  1 
ATOM   702  H HB3  . SER A 1 50 ? 3.525   -1.898  -5.805  1.00 37.34  ? 124 SER Z HB3  1 
ATOM   703  H HG   . SER A 1 50 ? 4.451   0.374   -5.619  1.00 40.85  ? 124 SER Z HG   1 
ATOM   704  N N    . LEU A 1 51 ? 1.036   0.512   -7.613  1.00 32.15  ? 125 LEU Z N    1 
ATOM   705  C CA   . LEU A 1 51 ? 0.894   0.925   -8.994  1.00 29.19  ? 125 LEU Z CA   1 
ATOM   706  C C    . LEU A 1 51 ? 2.233   1.318   -9.589  1.00 30.23  ? 125 LEU Z C    1 
ATOM   707  O O    . LEU A 1 51 ? 2.307   1.538   -10.788 1.00 33.41  ? 125 LEU Z O    1 
ATOM   708  C CB   . LEU A 1 51 ? -0.096  2.067   -9.058  1.00 30.89  ? 125 LEU Z CB   1 
ATOM   709  C CG   . LEU A 1 51 ? -1.467  1.733   -8.476  1.00 37.07  ? 125 LEU Z CG   1 
ATOM   710  C CD1  . LEU A 1 51 ? -2.451  2.820   -8.858  1.00 40.25  ? 125 LEU Z CD1  1 
ATOM   711  C CD2  . LEU A 1 51 ? -1.950  0.405   -8.944  1.00 36.60  ? 125 LEU Z CD2  1 
ATOM   712  H H    . LEU A 1 51 ? 0.809   1.119   -7.049  1.00 38.73  ? 125 LEU Z H    1 
ATOM   713  H HA   . LEU A 1 51 ? 0.536   0.208   -9.542  1.00 34.67  ? 125 LEU Z HA   1 
ATOM   714  H HB2  . LEU A 1 51 ? 0.263   2.817   -8.558  1.00 37.21  ? 125 LEU Z HB2  1 
ATOM   715  H HB3  . LEU A 1 51 ? -0.221  2.318   -9.986  1.00 37.21  ? 125 LEU Z HB3  1 
ATOM   716  H HG   . LEU A 1 51 ? -1.398  1.686   -7.510  1.00 44.62  ? 125 LEU Z HG   1 
ATOM   717  H HD11 . LEU A 1 51 ? -3.329  2.584   -8.517  1.00 48.45  ? 125 LEU Z HD11 1 
ATOM   718  H HD12 . LEU A 1 51 ? -2.161  3.660   -8.470  1.00 48.45  ? 125 LEU Z HD12 1 
ATOM   719  H HD13 . LEU A 1 51 ? -2.481  2.894   -9.825  1.00 48.45  ? 125 LEU Z HD13 1 
ATOM   720  H HD21 . LEU A 1 51 ? -2.856  0.268   -8.626  1.00 44.07  ? 125 LEU Z HD21 1 
ATOM   721  H HD22 . LEU A 1 51 ? -1.934  0.386   -9.914  1.00 44.07  ? 125 LEU Z HD22 1 
ATOM   722  H HD23 . LEU A 1 51 ? -1.368  -0.286  -8.590  1.00 44.07  ? 125 LEU Z HD23 1 
ATOM   723  N N    . THR A 1 52 ? 3.259   1.469   -8.760  1.00 31.59  ? 126 THR Z N    1 
ATOM   724  C CA   . THR A 1 52 ? 4.615   1.727   -9.248  1.00 29.63  ? 126 THR Z CA   1 
ATOM   725  C C    . THR A 1 52 ? 5.348   0.449   -9.646  1.00 32.12  ? 126 THR Z C    1 
ATOM   726  O O    . THR A 1 52 ? 5.908   0.382   -10.747 1.00 33.42  ? 126 THR Z O    1 
ATOM   727  C CB   . THR A 1 52 ? 5.389   2.479   -8.179  1.00 31.90  ? 126 THR Z CB   1 
ATOM   728  O OG1  . THR A 1 52 ? 4.638   3.662   -7.850  1.00 36.54  ? 126 THR Z OG1  1 
ATOM   729  C CG2  . THR A 1 52 ? 6.782   2.834   -8.689  1.00 35.65  ? 126 THR Z CG2  1 
ATOM   730  H H    . THR A 1 52 ? 3.200   1.426   -7.903  1.00 38.06  ? 126 THR Z H    1 
ATOM   731  H HA   . THR A 1 52 ? 4.567   2.282   -10.042 1.00 35.71  ? 126 THR Z HA   1 
ATOM   732  H HB   . THR A 1 52 ? 5.512   1.941   -7.381  1.00 38.43  ? 126 THR Z HB   1 
ATOM   733  H HG1  . THR A 1 52 ? 5.161   4.290   -7.658  1.00 43.99  ? 126 THR Z HG1  1 
ATOM   734  H HG21 . THR A 1 52 ? 7.273   3.316   -8.006  1.00 42.92  ? 126 THR Z HG21 1 
ATOM   735  H HG22 . THR A 1 52 ? 7.268   2.026   -8.915  1.00 42.92  ? 126 THR Z HG22 1 
ATOM   736  H HG23 . THR A 1 52 ? 6.713   3.392   -9.480  1.00 42.92  ? 126 THR Z HG23 1 
ATOM   737  N N    . THR A 1 53 ? 5.347   -0.580  -8.787  1.00 31.23  ? 127 THR Z N    1 
ATOM   738  C CA   . THR A 1 53 ? 6.101   -1.810  -9.083  1.00 29.70  ? 127 THR Z CA   1 
ATOM   739  C C    . THR A 1 53 ? 5.249   -2.975  -9.539  1.00 30.23  ? 127 THR Z C    1 
ATOM   740  O O    . THR A 1 53 ? 5.792   -3.989  -10.009 1.00 30.51  ? 127 THR Z O    1 
ATOM   741  C CB   . THR A 1 53 ? 6.828   -2.263  -7.843  1.00 27.37  ? 127 THR Z CB   1 
ATOM   742  O OG1  . THR A 1 53 ? 5.832   -2.600  -6.885  1.00 32.21  ? 127 THR Z OG1  1 
ATOM   743  C CG2  . THR A 1 53 ? 7.705   -1.160  -7.306  1.00 31.22  ? 127 THR Z CG2  1 
ATOM   744  H H    . THR A 1 53 ? 4.924   -0.590  -8.038  1.00 37.63  ? 127 THR Z H    1 
ATOM   745  H HA   . THR A 1 53 ? 6.730   -1.598  -9.791  1.00 35.79  ? 127 THR Z HA   1 
ATOM   746  H HB   . THR A 1 53 ? 7.405   -3.021  -8.029  1.00 32.99  ? 127 THR Z HB   1 
ATOM   747  H HG1  . THR A 1 53 ? 6.196   -2.824  -6.161  1.00 38.79  ? 127 THR Z HG1  1 
ATOM   748  H HG21 . THR A 1 53 ? 8.170   -1.463  -6.511  1.00 37.61  ? 127 THR Z HG21 1 
ATOM   749  H HG22 . THR A 1 53 ? 8.359   -0.900  -7.974  1.00 37.61  ? 127 THR Z HG22 1 
ATOM   750  H HG23 . THR A 1 53 ? 7.164   -0.387  -7.078  1.00 37.61  ? 127 THR Z HG23 1 
ATOM   751  N N    . GLY A 1 54 ? 3.933   -2.873  -9.362  1.00 30.48  ? 128 GLY Z N    1 
ATOM   752  C CA   . GLY A 1 54 ? 3.066   -3.947  -9.756  1.00 29.55  ? 128 GLY Z CA   1 
ATOM   753  C C    . GLY A 1 54 ? 2.944   -5.058  -8.752  1.00 30.30  ? 128 GLY Z C    1 
ATOM   754  O O    . GLY A 1 54 ? 2.167   -5.991  -8.978  1.00 34.91  ? 128 GLY Z O    1 
ATOM   755  H H    . GLY A 1 54 ? 3.534   -2.194  -9.018  1.00 36.72  ? 128 GLY Z H    1 
ATOM   756  H HA2  . GLY A 1 54 ? 2.178   -3.589  -9.911  1.00 35.60  ? 128 GLY Z HA2  1 
ATOM   757  H HA3  . GLY A 1 54 ? 3.401   -4.330  -10.582 1.00 35.60  ? 128 GLY Z HA3  1 
ATOM   758  N N    . GLU A 1 55 ? 3.696   -5.016  -7.678  1.00 30.11  ? 129 GLU Z N    1 
ATOM   759  C CA   . GLU A 1 55 ? 3.700   -6.072  -6.687  1.00 33.09  ? 129 GLU Z CA   1 
ATOM   760  C C    . GLU A 1 55 ? 2.605   -5.912  -5.635  1.00 37.54  ? 129 GLU Z C    1 
ATOM   761  O O    . GLU A 1 55 ? 2.077   -4.827  -5.398  1.00 30.67  ? 129 GLU Z O    1 
ATOM   762  C CB   . GLU A 1 55 ? 5.074   -6.135  -6.014  1.00 32.69  ? 129 GLU Z CB   1 
ATOM   763  C CG   . GLU A 1 55 ? 6.180   -6.565  -7.017  1.00 40.32  ? 129 GLU Z CG   1 
ATOM   764  C CD   . GLU A 1 55 ? 6.047   -8.037  -7.419  1.00 52.84  ? 129 GLU Z CD   1 
ATOM   765  O OE1  . GLU A 1 55 ? 6.106   -8.912  -6.521  1.00 58.43  ? 129 GLU Z OE1  1 
ATOM   766  O OE2  . GLU A 1 55 ? 5.861   -8.326  -8.629  1.00 53.56  ? 129 GLU Z OE2  1 
ATOM   767  H H    . GLU A 1 55 ? 4.231   -4.370  -7.492  1.00 36.27  ? 129 GLU Z H    1 
ATOM   768  H HA   . GLU A 1 55 ? 3.517   -6.912  -7.136  1.00 39.85  ? 129 GLU Z HA   1 
ATOM   769  H HB2  . GLU A 1 55 ? 5.301   -5.260  -5.666  1.00 39.37  ? 129 GLU Z HB2  1 
ATOM   770  H HB3  . GLU A 1 55 ? 5.048   -6.784  -5.293  1.00 39.37  ? 129 GLU Z HB3  1 
ATOM   771  H HG2  . GLU A 1 55 ? 6.112   -6.024  -7.819  1.00 48.53  ? 129 GLU Z HG2  1 
ATOM   772  H HG3  . GLU A 1 55 ? 7.050   -6.439  -6.605  1.00 48.53  ? 129 GLU Z HG3  1 
ATOM   773  N N    . THR A 1 56 ? 2.252   -7.034  -4.994  1.00 34.36  ? 130 THR Z N    1 
ATOM   774  C CA   . THR A 1 56 ? 1.124   -7.051  -4.076  1.00 31.96  ? 130 THR Z CA   1 
ATOM   775  C C    . THR A 1 56 ? 1.547   -7.642  -2.752  1.00 31.69  ? 130 THR Z C    1 
ATOM   776  O O    . THR A 1 56 ? 2.272   -8.641  -2.723  1.00 38.32  ? 130 THR Z O    1 
ATOM   777  C CB   . THR A 1 56 ? -0.009  -7.888  -4.602  1.00 31.57  ? 130 THR Z CB   1 
ATOM   778  O OG1  . THR A 1 56 ? -0.512  -7.302  -5.801  1.00 36.64  ? 130 THR Z OG1  1 
ATOM   779  C CG2  . THR A 1 56 ? -1.144  -7.993  -3.579  1.00 38.63  ? 130 THR Z CG2  1 
ATOM   780  H H    . THR A 1 56 ? 2.655   -7.789  -5.079  1.00 41.37  ? 130 THR Z H    1 
ATOM   781  H HA   . THR A 1 56 ? 0.826   -6.136  -3.949  1.00 38.50  ? 130 THR Z HA   1 
ATOM   782  H HB   . THR A 1 56 ? 0.314   -8.785  -4.780  1.00 38.03  ? 130 THR Z HB   1 
ATOM   783  H HG1  . THR A 1 56 ? -1.164  -7.746  -6.086  1.00 44.12  ? 130 THR Z HG1  1 
ATOM   784  H HG21 . THR A 1 56 ? -1.878  -8.507  -3.950  1.00 46.50  ? 130 THR Z HG21 1 
ATOM   785  H HG22 . THR A 1 56 ? -0.827  -8.432  -2.775  1.00 46.50  ? 130 THR Z HG22 1 
ATOM   786  H HG23 . THR A 1 56 ? -1.466  -7.107  -3.347  1.00 46.50  ? 130 THR Z HG23 1 
ATOM   787  N N    . GLY A 1 57 ? 1.063   -7.047  -1.672  1.00 30.51  ? 131 GLY Z N    1 
ATOM   788  C CA   . GLY A 1 57 ? 1.281   -7.607  -0.367  1.00 29.42  ? 131 GLY Z CA   1 
ATOM   789  C C    . GLY A 1 57 ? 0.724   -6.721  0.711   1.00 29.72  ? 131 GLY Z C    1 
ATOM   790  O O    . GLY A 1 57 ? 0.057   -5.728  0.447   1.00 32.81  ? 131 GLY Z O    1 
ATOM   791  H H    . GLY A 1 57 ? 0.606   -6.319  -1.674  1.00 36.76  ? 131 GLY Z H    1 
ATOM   792  H HA2  . GLY A 1 57 ? 0.849   -8.474  -0.310  1.00 35.44  ? 131 GLY Z HA2  1 
ATOM   793  H HA3  . GLY A 1 57 ? 2.233   -7.719  -0.216  1.00 35.44  ? 131 GLY Z HA3  1 
ATOM   794  N N    . TYR A 1 58 ? 1.067   -7.061  1.943   1.00 31.10  ? 132 TYR Z N    1 
ATOM   795  C CA   . TYR A 1 58 ? 0.640   -6.260  3.078   1.00 29.00  ? 132 TYR Z CA   1 
ATOM   796  C C    . TYR A 1 58 ? 1.493   -5.009  3.260   1.00 31.24  ? 132 TYR Z C    1 
ATOM   797  O O    . TYR A 1 58 ? 2.729   -5.062  3.144   1.00 32.31  ? 132 TYR Z O    1 
ATOM   798  C CB   . TYR A 1 58 ? 0.732   -7.081  4.379   1.00 30.35  ? 132 TYR Z CB   1 
ATOM   799  C CG   . TYR A 1 58 ? -0.386  -8.064  4.618   1.00 34.05  ? 132 TYR Z CG   1 
ATOM   800  C CD1  . TYR A 1 58 ? -1.675  -7.625  4.797   1.00 34.93  ? 132 TYR Z CD1  1 
ATOM   801  C CD2  . TYR A 1 58 ? -0.131  -9.414  4.715   1.00 36.71  ? 132 TYR Z CD2  1 
ATOM   802  C CE1  . TYR A 1 58 ? -2.702  -8.519  5.026   1.00 39.39  ? 132 TYR Z CE1  1 
ATOM   803  C CE2  . TYR A 1 58 ? -1.147  -10.309 4.977   1.00 38.13  ? 132 TYR Z CE2  1 
ATOM   804  C CZ   . TYR A 1 58 ? -2.434  -9.849  5.110   1.00 41.88  ? 132 TYR Z CZ   1 
ATOM   805  O OH   . TYR A 1 58 ? -3.477  -10.742 5.366   1.00 44.78  ? 132 TYR Z OH   1 
ATOM   806  H H    . TYR A 1 58 ? 1.544   -7.747  2.148   1.00 37.47  ? 132 TYR Z H    1 
ATOM   807  H HA   . TYR A 1 58 ? -0.276  -5.988  2.913   1.00 34.94  ? 132 TYR Z HA   1 
ATOM   808  H HB2  . TYR A 1 58 ? 1.559   -7.587  4.361   1.00 36.56  ? 132 TYR Z HB2  1 
ATOM   809  H HB3  . TYR A 1 58 ? 0.736   -6.465  5.128   1.00 36.56  ? 132 TYR Z HB3  1 
ATOM   810  H HD1  . TYR A 1 58 ? -1.859  -6.713  4.764   1.00 42.06  ? 132 TYR Z HD1  1 
ATOM   811  H HD2  . TYR A 1 58 ? 0.739   -9.726  4.602   1.00 44.19  ? 132 TYR Z HD2  1 
ATOM   812  H HE1  . TYR A 1 58 ? -3.575  -8.212  5.123   1.00 47.41  ? 132 TYR Z HE1  1 
ATOM   813  H HE2  . TYR A 1 58 ? -0.963  -11.216 5.063   1.00 45.90  ? 132 TYR Z HE2  1 
ATOM   814  H HH   . TYR A 1 58 ? -3.173  -11.520 5.457   1.00 53.89  ? 132 TYR Z HH   1 
ATOM   815  N N    . ILE A 1 59 ? 0.836   -3.903  3.602   1.00 30.91  ? 133 ILE Z N    1 
ATOM   816  C CA   . ILE A 1 59 ? 1.518   -2.646  3.870   1.00 29.80  ? 133 ILE Z CA   1 
ATOM   817  C C    . ILE A 1 59 ? 0.989   -2.080  5.174   1.00 29.41  ? 133 ILE Z C    1 
ATOM   818  O O    . ILE A 1 59 ? -0.169  -2.315  5.542   1.00 33.30  ? 133 ILE Z O    1 
ATOM   819  C CB   . ILE A 1 59 ? 1.350   -1.642  2.717   1.00 27.76  ? 133 ILE Z CB   1 
ATOM   820  C CG1  . ILE A 1 59 ? -0.099  -1.258  2.537   1.00 30.15  ? 133 ILE Z CG1  1 
ATOM   821  C CG2  . ILE A 1 59 ? 1.968   -2.160  1.432   1.00 30.84  ? 133 ILE Z CG2  1 
ATOM   822  C CD1  . ILE A 1 59 ? -0.292  -0.108  1.590   1.00 32.83  ? 133 ILE Z CD1  1 
ATOM   823  H H    . ILE A 1 59 ? -0.018  -3.860  3.686   1.00 37.24  ? 133 ILE Z H    1 
ATOM   824  H HA   . ILE A 1 59 ? 2.467   -2.821  3.969   1.00 35.90  ? 133 ILE Z HA   1 
ATOM   825  H HB   . ILE A 1 59 ? 1.834   -0.836  2.957   1.00 33.46  ? 133 ILE Z HB   1 
ATOM   826  H HG12 . ILE A 1 59 ? -0.584  -2.021  2.183   1.00 36.32  ? 133 ILE Z HG12 1 
ATOM   827  H HG13 . ILE A 1 59 ? -0.467  -1.002  3.398   1.00 36.32  ? 133 ILE Z HG13 1 
ATOM   828  H HG21 . ILE A 1 59 ? 1.846   -1.498  0.734   1.00 37.16  ? 133 ILE Z HG21 1 
ATOM   829  H HG22 . ILE A 1 59 ? 2.914   -2.317  1.577   1.00 37.16  ? 133 ILE Z HG22 1 
ATOM   830  H HG23 . ILE A 1 59 ? 1.529   -2.989  1.183   1.00 37.16  ? 133 ILE Z HG23 1 
ATOM   831  H HD11 . ILE A 1 59 ? -1.233  0.123   1.560   1.00 39.54  ? 133 ILE Z HD11 1 
ATOM   832  H HD12 . ILE A 1 59 ? 0.224   0.651   1.907   1.00 39.54  ? 133 ILE Z HD12 1 
ATOM   833  H HD13 . ILE A 1 59 ? 0.014   -0.370  0.708   1.00 39.54  ? 133 ILE Z HD13 1 
ATOM   834  N N    . PRO A 1 60 ? 1.807   -1.377  5.953   1.00 29.39  ? 134 PRO Z N    1 
ATOM   835  C CA   . PRO A 1 60 ? 1.295   -0.746  7.177   1.00 30.55  ? 134 PRO Z CA   1 
ATOM   836  C C    . PRO A 1 60 ? 0.398   0.437   6.831   1.00 31.72  ? 134 PRO Z C    1 
ATOM   837  O O    . PRO A 1 60 ? 0.808   1.369   6.141   1.00 34.27  ? 134 PRO Z O    1 
ATOM   838  C CB   . PRO A 1 60 ? 2.567   -0.316  7.926   1.00 35.04  ? 134 PRO Z CB   1 
ATOM   839  C CG   . PRO A 1 60 ? 3.712   -0.483  6.989   1.00 30.91  ? 134 PRO Z CG   1 
ATOM   840  C CD   . PRO A 1 60 ? 3.224   -1.065  5.699   1.00 30.41  ? 134 PRO Z CD   1 
ATOM   841  H HA   . PRO A 1 60 ? 0.803   -1.382  7.721   1.00 36.80  ? 134 PRO Z HA   1 
ATOM   842  H HB2  . PRO A 1 60 ? 2.482   0.611   8.196   1.00 42.19  ? 134 PRO Z HB2  1 
ATOM   843  H HB3  . PRO A 1 60 ? 2.684   -0.880  8.708   1.00 42.19  ? 134 PRO Z HB3  1 
ATOM   844  H HG2  . PRO A 1 60 ? 4.112   0.386   6.829   1.00 37.23  ? 134 PRO Z HG2  1 
ATOM   845  H HG3  . PRO A 1 60 ? 4.362   -1.078  7.394   1.00 37.23  ? 134 PRO Z HG3  1 
ATOM   846  H HD2  . PRO A 1 60 ? 3.308   -0.419  4.981   1.00 36.64  ? 134 PRO Z HD2  1 
ATOM   847  H HD3  . PRO A 1 60 ? 3.717   -1.872  5.480   1.00 36.64  ? 134 PRO Z HD3  1 
ATOM   848  N N    . SER A 1 61 ? -0.834  0.414   7.343   1.00 34.00  ? 135 SER Z N    1 
ATOM   849  C CA   . SER A 1 61 ? -1.794  1.467   7.006   1.00 34.46  ? 135 SER Z CA   1 
ATOM   850  C C    . SER A 1 61 ? -1.362  2.851   7.486   1.00 35.59  ? 135 SER Z C    1 
ATOM   851  O O    . SER A 1 61 ? -1.781  3.849   6.883   1.00 39.98  ? 135 SER Z O    1 
ATOM   852  C CB   . SER A 1 61 ? -3.154  1.099   7.585   1.00 37.37  ? 135 SER Z CB   1 
ATOM   853  O OG   . SER A 1 61 ? -3.096  1.015   9.013   1.00 40.34  ? 135 SER Z OG   1 
ATOM   854  H H    . SER A 1 61 ? -1.135  -0.187  7.877   1.00 40.94  ? 135 SER Z H    1 
ATOM   855  H HA   . SER A 1 61 ? -1.872  1.524   6.041   1.00 41.50  ? 135 SER Z HA   1 
ATOM   856  H HB2  . SER A 1 61 ? -3.797  1.781   7.334   1.00 44.99  ? 135 SER Z HB2  1 
ATOM   857  H HB3  . SER A 1 61 ? -3.427  0.239   7.229   1.00 44.99  ? 135 SER Z HB3  1 
ATOM   858  H HG   . SER A 1 61 ? -3.871  1.055   9.335   1.00 48.56  ? 135 SER Z HG   1 
ATOM   859  N N    . ASN A 1 62 ? -0.491  2.939   8.511   1.00 38.49  ? 136 ASN Z N    1 
ATOM   860  C CA   . ASN A 1 62 ? -0.032  4.240   8.987   1.00 36.35  ? 136 ASN Z CA   1 
ATOM   861  C C    . ASN A 1 62 ? 1.066   4.828   8.095   1.00 38.13  ? 136 ASN Z C    1 
ATOM   862  O O    . ASN A 1 62 ? 1.544   5.948   8.358   1.00 37.95  ? 136 ASN Z O    1 
ATOM   863  C CB   . ASN A 1 62 ? 0.445   4.155   10.443  1.00 35.07  ? 136 ASN Z CB   1 
ATOM   864  C CG   . ASN A 1 62 ? 1.635   3.247   10.617  1.00 39.20  ? 136 ASN Z CG   1 
ATOM   865  O OD1  . ASN A 1 62 ? 1.661   2.150   10.067  1.00 37.31  ? 136 ASN Z OD1  1 
ATOM   866  N ND2  . ASN A 1 62 ? 2.630   3.688   11.382  1.00 39.67  ? 136 ASN Z ND2  1 
ATOM   867  H H    . ASN A 1 62 ? -0.162  2.266   8.934   1.00 46.33  ? 136 ASN Z H    1 
ATOM   868  H HA   . ASN A 1 62 ? -0.781  4.856   8.984   1.00 43.76  ? 136 ASN Z HA   1 
ATOM   869  H HB2  . ASN A 1 62 ? 0.699   5.041   10.745  1.00 42.23  ? 136 ASN Z HB2  1 
ATOM   870  H HB3  . ASN A 1 62 ? -0.276  3.811   10.992  1.00 42.23  ? 136 ASN Z HB3  1 
ATOM   871  H HD21 . ASN A 1 62 ? 3.327   3.200   11.507  1.00 47.75  ? 136 ASN Z HD21 1 
ATOM   872  H HD22 . ASN A 1 62 ? 2.577   4.462   11.754  1.00 47.75  ? 136 ASN Z HD22 1 
ATOM   873  N N    . TYR A 1 63 ? 1.472   4.113   7.054   1.00 32.55  ? 137 TYR Z N    1 
ATOM   874  C CA   . TYR A 1 63 ? 2.476   4.613   6.118   1.00 33.69  ? 137 TYR Z CA   1 
ATOM   875  C C    . TYR A 1 63 ? 1.890   5.213   4.844   1.00 35.28  ? 137 TYR Z C    1 
ATOM   876  O O    . TYR A 1 63 ? 2.650   5.720   4.002   1.00 35.65  ? 137 TYR Z O    1 
ATOM   877  C CB   . TYR A 1 63 ? 3.418   3.485   5.748   1.00 30.99  ? 137 TYR Z CB   1 
ATOM   878  C CG   . TYR A 1 63 ? 4.579   3.243   6.677   1.00 30.82  ? 137 TYR Z CG   1 
ATOM   879  C CD1  . TYR A 1 63 ? 5.879   3.076   6.179   1.00 32.57  ? 137 TYR Z CD1  1 
ATOM   880  C CD2  . TYR A 1 63 ? 4.373   3.145   8.025   1.00 32.72  ? 137 TYR Z CD2  1 
ATOM   881  C CE1  . TYR A 1 63 ? 6.959   2.857   7.039   1.00 30.96  ? 137 TYR Z CE1  1 
ATOM   882  C CE2  . TYR A 1 63 ? 5.453   2.855   8.897   1.00 31.93  ? 137 TYR Z CE2  1 
ATOM   883  C CZ   . TYR A 1 63 ? 6.713   2.731   8.386   1.00 32.55  ? 137 TYR Z CZ   1 
ATOM   884  O OH   . TYR A 1 63 ? 7.771   2.447   9.235   1.00 37.47  ? 137 TYR Z OH   1 
ATOM   885  H H    . TYR A 1 63 ? 1.179   3.326   6.865   1.00 39.21  ? 137 TYR Z H    1 
ATOM   886  H HA   . TYR A 1 63 ? 2.978   5.317   6.558   1.00 40.57  ? 137 TYR Z HA   1 
ATOM   887  H HB2  . TYR A 1 63 ? 2.904   2.663   5.716   1.00 37.34  ? 137 TYR Z HB2  1 
ATOM   888  H HB3  . TYR A 1 63 ? 3.790   3.680   4.874   1.00 37.34  ? 137 TYR Z HB3  1 
ATOM   889  H HD1  . TYR A 1 63 ? 6.025   3.112   5.261   1.00 39.23  ? 137 TYR Z HD1  1 
ATOM   890  H HD2  . TYR A 1 63 ? 3.519   3.269   8.372   1.00 39.41  ? 137 TYR Z HD2  1 
ATOM   891  H HE1  . TYR A 1 63 ? 7.826   2.797   6.707   1.00 37.30  ? 137 TYR Z HE1  1 
ATOM   892  H HE2  . TYR A 1 63 ? 5.304   2.750   9.809   1.00 38.46  ? 137 TYR Z HE2  1 
ATOM   893  H HH   . TYR A 1 63 ? 7.492   2.361   10.022  1.00 45.11  ? 137 TYR Z HH   1 
ATOM   894  N N    . VAL A 1 64 ? 0.567   5.223   4.702   1.00 34.75  ? 138 VAL Z N    1 
ATOM   895  C CA   . VAL A 1 64 ? -0.073  5.676   3.476   1.00 35.80  ? 138 VAL Z CA   1 
ATOM   896  C C    . VAL A 1 64 ? -1.199  6.634   3.825   1.00 36.87  ? 138 VAL Z C    1 
ATOM   897  O O    . VAL A 1 64 ? -1.691  6.681   4.953   1.00 39.42  ? 138 VAL Z O    1 
ATOM   898  C CB   . VAL A 1 64 ? -0.617  4.522   2.607   1.00 36.59  ? 138 VAL Z CB   1 
ATOM   899  C CG1  . VAL A 1 64 ? 0.519   3.621   2.102   1.00 37.62  ? 138 VAL Z CG1  1 
ATOM   900  C CG2  . VAL A 1 64 ? -1.659  3.700   3.339   1.00 36.40  ? 138 VAL Z CG2  1 
ATOM   901  H H    . VAL A 1 64 ? 0.016   4.970   5.312   1.00 41.84  ? 138 VAL Z H    1 
ATOM   902  H HA   . VAL A 1 64 ? 0.590   6.154   2.953   1.00 43.11  ? 138 VAL Z HA   1 
ATOM   903  H HB   . VAL A 1 64 ? -1.052  4.923   1.838   1.00 44.06  ? 138 VAL Z HB   1 
ATOM   904  H HG11 . VAL A 1 64 ? 0.142   2.910   1.561   1.00 45.29  ? 138 VAL Z HG11 1 
ATOM   905  H HG12 . VAL A 1 64 ? 1.131   4.153   1.569   1.00 45.29  ? 138 VAL Z HG12 1 
ATOM   906  H HG13 . VAL A 1 64 ? 0.986   3.245   2.865   1.00 45.29  ? 138 VAL Z HG13 1 
ATOM   907  H HG21 . VAL A 1 64 ? -1.942  2.969   2.767   1.00 43.82  ? 138 VAL Z HG21 1 
ATOM   908  H HG22 . VAL A 1 64 ? -1.269  3.349   4.154   1.00 43.82  ? 138 VAL Z HG22 1 
ATOM   909  H HG23 . VAL A 1 64 ? -2.416  4.267   3.552   1.00 43.82  ? 138 VAL Z HG23 1 
ATOM   910  N N    . ALA A 1 65 ? -1.603  7.403   2.817   1.00 36.76  ? 139 ALA Z N    1 
ATOM   911  C CA   . ALA A 1 65 ? -2.686  8.361   2.932   1.00 36.47  ? 139 ALA Z CA   1 
ATOM   912  C C    . ALA A 1 65 ? -3.369  8.434   1.588   1.00 37.89  ? 139 ALA Z C    1 
ATOM   913  O O    . ALA A 1 65 ? -2.736  8.180   0.557   1.00 38.25  ? 139 ALA Z O    1 
ATOM   914  C CB   . ALA A 1 65 ? -2.191  9.755   3.340   1.00 37.48  ? 139 ALA Z CB   1 
ATOM   915  H H    . ALA A 1 65 ? -1.250  7.382   2.034   1.00 44.26  ? 139 ALA Z H    1 
ATOM   916  H HA   . ALA A 1 65 ? -3.317  8.064   3.605   1.00 43.91  ? 139 ALA Z HA   1 
ATOM   917  H HB1  . ALA A 1 65 ? -2.952  10.352  3.410   1.00 45.12  ? 139 ALA Z HB1  1 
ATOM   918  H HB2  . ALA A 1 65 ? -1.741  9.691   4.197   1.00 45.12  ? 139 ALA Z HB2  1 
ATOM   919  H HB3  . ALA A 1 65 ? -1.574  10.081  2.666   1.00 45.12  ? 139 ALA Z HB3  1 
ATOM   920  N N    . PRO A 1 66 ? -4.644  8.794   1.569   1.00 40.27  ? 140 PRO Z N    1 
ATOM   921  C CA   . PRO A 1 66 ? -5.339  8.996   0.297   1.00 42.61  ? 140 PRO Z CA   1 
ATOM   922  C C    . PRO A 1 66 ? -4.689  10.094  -0.529  1.00 45.21  ? 140 PRO Z C    1 
ATOM   923  O O    . PRO A 1 66 ? -4.204  11.098  0.005   1.00 43.70  ? 140 PRO Z O    1 
ATOM   924  C CB   . PRO A 1 66 ? -6.745  9.392   0.730   1.00 40.99  ? 140 PRO Z CB   1 
ATOM   925  C CG   . PRO A 1 66 ? -6.844  9.121   2.175   1.00 39.75  ? 140 PRO Z CG   1 
ATOM   926  C CD   . PRO A 1 66 ? -5.475  9.096   2.742   1.00 40.76  ? 140 PRO Z CD   1 
ATOM   927  H HA   . PRO A 1 66 ? -5.364  8.173   -0.216  1.00 51.28  ? 140 PRO Z HA   1 
ATOM   928  H HB2  . PRO A 1 66 ? -6.883  10.335  0.551   1.00 49.33  ? 140 PRO Z HB2  1 
ATOM   929  H HB3  . PRO A 1 66 ? -7.393  8.862   0.240   1.00 49.33  ? 140 PRO Z HB3  1 
ATOM   930  H HG2  . PRO A 1 66 ? -7.367  9.824   2.594   1.00 47.84  ? 140 PRO Z HG2  1 
ATOM   931  H HG3  . PRO A 1 66 ? -7.277  8.263   2.307   1.00 47.84  ? 140 PRO Z HG3  1 
ATOM   932  H HD2  . PRO A 1 66 ? -5.241  9.957   3.121   1.00 49.06  ? 140 PRO Z HD2  1 
ATOM   933  H HD3  . PRO A 1 66 ? -5.391  8.402   3.415   1.00 49.06  ? 140 PRO Z HD3  1 
ATOM   934  N N    . VAL A 1 67 ? -4.680  9.883   -1.848  1.00 49.17  ? 141 VAL Z N    1 
ATOM   935  C CA   . VAL A 1 67 ? -4.126  10.880  -2.748  1.00 57.43  ? 141 VAL Z CA   1 
ATOM   936  C C    . VAL A 1 67 ? -4.987  12.124  -2.752  1.00 65.43  ? 141 VAL Z C    1 
ATOM   937  O O    . VAL A 1 67 ? -4.495  13.220  -2.503  1.00 62.81  ? 141 VAL Z O    1 
ATOM   938  C CB   . VAL A 1 67 ? -3.951  10.315  -4.166  1.00 62.51  ? 141 VAL Z CB   1 
ATOM   939  C CG1  . VAL A 1 67 ? -3.766  11.438  -5.176  1.00 65.86  ? 141 VAL Z CG1  1 
ATOM   940  C CG2  . VAL A 1 67 ? -2.742  9.398   -4.193  1.00 64.11  ? 141 VAL Z CG2  1 
ATOM   941  H H    . VAL A 1 67 ? -4.987  9.180   -2.237  1.00 59.15  ? 141 VAL Z H    1 
ATOM   942  H HA   . VAL A 1 67 ? -3.245  11.120  -2.421  1.00 69.06  ? 141 VAL Z HA   1 
ATOM   943  H HB   . VAL A 1 67 ? -4.746  9.816   -4.411  1.00 75.16  ? 141 VAL Z HB   1 
ATOM   944  H HG11 . VAL A 1 67 ? -3.563  11.053  -6.043  1.00 79.18  ? 141 VAL Z HG11 1 
ATOM   945  H HG12 . VAL A 1 67 ? -4.585  11.955  -5.227  1.00 79.18  ? 141 VAL Z HG12 1 
ATOM   946  H HG13 . VAL A 1 67 ? -3.034  12.005  -4.886  1.00 79.18  ? 141 VAL Z HG13 1 
ATOM   947  H HG21 . VAL A 1 67 ? -2.620  9.064   -5.095  1.00 77.08  ? 141 VAL Z HG21 1 
ATOM   948  H HG22 . VAL A 1 67 ? -1.960  9.900   -3.917  1.00 77.08  ? 141 VAL Z HG22 1 
ATOM   949  H HG23 . VAL A 1 67 ? -2.893  8.658   -3.584  1.00 77.08  ? 141 VAL Z HG23 1 
ATOM   950  N N    . ASP A 1 68 ? -6.259  12.008  -3.084  1.00 77.56  ? 142 ASP Z N    1 
ATOM   951  C CA   . ASP A 1 68 ? -7.016  13.253  -3.135  1.00 89.97  ? 142 ASP Z CA   1 
ATOM   952  C C    . ASP A 1 68 ? -7.487  13.530  -1.710  1.00 91.59  ? 142 ASP Z C    1 
ATOM   953  O O    . ASP A 1 68 ? -8.524  13.070  -1.233  1.00 87.37  ? 142 ASP Z O    1 
ATOM   954  C CB   . ASP A 1 68 ? -8.121  13.335  -4.148  1.00 94.60  ? 142 ASP Z CB   1 
ATOM   955  C CG   . ASP A 1 68 ? -8.489  14.839  -4.387  1.00 97.04  ? 142 ASP Z CG   1 
ATOM   956  O OD1  . ASP A 1 68 ? -8.822  15.558  -3.403  1.00 97.97  ? 142 ASP Z OD1  1 
ATOM   957  O OD2  . ASP A 1 68 ? -8.478  15.280  -5.562  1.00 95.95  ? 142 ASP Z OD2  1 
ATOM   958  H H    . ASP A 1 68 ? -6.676  11.280  -3.270  1.00 93.21  ? 142 ASP Z H    1 
ATOM   959  H HA   . ASP A 1 68 ? -6.406  13.942  -3.442  1.00 108.11 ? 142 ASP Z HA   1 
ATOM   960  H HB2  . ASP A 1 68 ? -7.828  12.946  -4.988  1.00 113.66 ? 142 ASP Z HB2  1 
ATOM   961  H HB3  . ASP A 1 68 ? -8.904  12.867  -3.821  1.00 113.66 ? 142 ASP Z HB3  1 
ATOM   962  N N    . SER A 1 69 ? -6.696  14.351  -1.025  1.00 94.63  ? 143 SER Z N    1 
ATOM   963  C CA   . SER A 1 69 ? -6.424  14.476  0.370   1.00 94.84  ? 143 SER Z CA   1 
ATOM   964  C C    . SER A 1 69 ? -6.310  15.984  0.654   1.00 95.91  ? 143 SER Z C    1 
ATOM   965  O O    . SER A 1 69 ? -5.651  16.739  -0.064  1.00 96.29  ? 143 SER Z O    1 
ATOM   966  C CB   . SER A 1 69 ? -5.098  13.784  0.699   1.00 90.05  ? 143 SER Z CB   1 
ATOM   967  O OG   . SER A 1 69 ? -4.435  14.439  1.776   1.00 86.67  ? 143 SER Z OG   1 
ATOM   968  H H    . SER A 1 69 ? -6.228  14.946  -1.433  1.00 113.70 ? 143 SER Z H    1 
ATOM   969  H HA   . SER A 1 69 ? -7.111  14.067  0.921   1.00 113.96 ? 143 SER Z HA   1 
ATOM   970  H HB2  . SER A 1 69 ? -5.275  12.865  0.950   1.00 108.20 ? 143 SER Z HB2  1 
ATOM   971  H HB3  . SER A 1 69 ? -4.527  13.810  -0.085  1.00 108.20 ? 143 SER Z HB3  1 
ATOM   972  H HG   . SER A 1 69 ? -3.623  14.221  1.789   1.00 104.15 ? 143 SER Z HG   1 
HETATM 973  C CAA  . O4B B 2 .  ? 9.581   11.990  -2.860  1.00 80.80  ? 201 O4B Z CAA  1 
HETATM 974  O OAM  . O4B B 2 .  ? 9.460   12.805  -1.721  1.00 82.59  ? 201 O4B Z OAM  1 
HETATM 975  C CAC  . O4B B 2 .  ? 10.663  13.404  -1.310  1.00 84.63  ? 201 O4B Z CAC  1 
HETATM 976  C CAD  . O4B B 2 .  ? 10.675  13.630  0.207   1.00 83.35  ? 201 O4B Z CAD  1 
HETATM 977  O OAO  . O4B B 2 .  ? 10.159  14.901  0.481   1.00 84.32  ? 201 O4B Z OAO  1 
HETATM 978  C CAG  . O4B B 2 .  ? 9.573   14.964  1.754   1.00 85.12  ? 201 O4B Z CAG  1 
HETATM 979  C CAH  . O4B B 2 .  ? 8.233   15.704  1.632   1.00 86.21  ? 201 O4B Z CAH  1 
HETATM 980  O OAQ  . O4B B 2 .  ? 7.272   15.065  2.428   1.00 87.50  ? 201 O4B Z OAQ  1 
HETATM 981  C CAK  . O4B B 2 .  ? 6.007   15.141  1.826   1.00 87.47  ? 201 O4B Z CAK  1 
HETATM 982  C CAL  . O4B B 2 .  ? 5.013   14.282  2.606   1.00 87.36  ? 201 O4B Z CAL  1 
HETATM 983  O OAR  . O4B B 2 .  ? 4.743   13.110  1.888   1.00 88.60  ? 201 O4B Z OAR  1 
HETATM 984  C CAJ  . O4B B 2 .  ? 3.619   13.300  1.075   1.00 85.55  ? 201 O4B Z CAJ  1 
HETATM 985  C CAI  . O4B B 2 .  ? 3.581   12.230  -0.020  1.00 82.72  ? 201 O4B Z CAI  1 
HETATM 986  O OAP  . O4B B 2 .  ? 4.856   12.050  -0.557  1.00 79.86  ? 201 O4B Z OAP  1 
HETATM 987  C CAF  . O4B B 2 .  ? 4.901   12.339  -1.927  1.00 77.69  ? 201 O4B Z CAF  1 
HETATM 988  C CAE  . O4B B 2 .  ? 6.040   11.541  -2.578  1.00 80.20  ? 201 O4B Z CAE  1 
HETATM 989  O OAN  . O4B B 2 .  ? 7.201   12.307  -2.741  1.00 82.42  ? 201 O4B Z OAN  1 
HETATM 990  C CAB  . O4B B 2 .  ? 8.208   11.575  -3.382  1.00 81.44  ? 201 O4B Z CAB  1 
HETATM 991  H HAA1 . O4B B 2 .  ? 10.050  12.481  -3.553  1.00 97.11  ? 201 O4B Z HAA1 1 
HETATM 992  H HAA2 . O4B B 2 .  ? 10.088  11.195  -2.629  1.00 97.11  ? 201 O4B Z HAA2 1 
HETATM 993  H HAB1 . O4B B 2 .  ? 8.073   10.630  -3.212  1.00 97.87  ? 201 O4B Z HAB1 1 
HETATM 994  H HAB2 . O4B B 2 .  ? 8.165   11.741  -4.337  1.00 97.87  ? 201 O4B Z HAB2 1 
HETATM 995  H HAC1 . O4B B 2 .  ? 11.404  12.825  -1.550  1.00 101.70 ? 201 O4B Z HAC1 1 
HETATM 996  H HAC2 . O4B B 2 .  ? 10.761  14.258  -1.759  1.00 101.70 ? 201 O4B Z HAC2 1 
HETATM 997  H HAD1 . O4B B 2 .  ? 11.585  13.571  0.538   1.00 100.17 ? 201 O4B Z HAD1 1 
HETATM 998  H HAD2 . O4B B 2 .  ? 10.129  12.957  0.641   1.00 100.17 ? 201 O4B Z HAD2 1 
HETATM 999  H HAG1 . O4B B 2 .  ? 9.423   14.068  2.090   1.00 102.29 ? 201 O4B Z HAG1 1 
HETATM 1000 H HAG2 . O4B B 2 .  ? 10.158  15.444  2.361   1.00 102.29 ? 201 O4B Z HAG2 1 
HETATM 1001 H HAH1 . O4B B 2 .  ? 8.342   16.620  1.930   1.00 103.60 ? 201 O4B Z HAH1 1 
HETATM 1002 H HAH2 . O4B B 2 .  ? 7.942   15.697  0.706   1.00 103.60 ? 201 O4B Z HAH2 1 
HETATM 1003 H HAK1 . O4B B 2 .  ? 6.064   14.822  0.913   1.00 105.11 ? 201 O4B Z HAK1 1 
HETATM 1004 H HAK2 . O4B B 2 .  ? 5.706   16.064  1.827   1.00 105.11 ? 201 O4B Z HAK2 1 
HETATM 1005 H HAL1 . O4B B 2 .  ? 4.189   14.777  2.736   1.00 104.97 ? 201 O4B Z HAL1 1 
HETATM 1006 H HAL2 . O4B B 2 .  ? 5.391   14.052  3.470   1.00 104.97 ? 201 O4B Z HAL2 1 
HETATM 1007 H HAJ1 . O4B B 2 .  ? 3.663   14.178  0.665   1.00 102.81 ? 201 O4B Z HAJ1 1 
HETATM 1008 H HAJ2 . O4B B 2 .  ? 2.816   13.235  1.616   1.00 102.81 ? 201 O4B Z HAJ2 1 
HETATM 1009 H HAI1 . O4B B 2 .  ? 3.271   11.392  0.360   1.00 99.41  ? 201 O4B Z HAI1 1 
HETATM 1010 H HAI2 . O4B B 2 .  ? 2.972   12.510  -0.722  1.00 99.41  ? 201 O4B Z HAI2 1 
HETATM 1011 H HAF1 . O4B B 2 .  ? 4.056   12.092  -2.337  1.00 93.37  ? 201 O4B Z HAF1 1 
HETATM 1012 H HAF2 . O4B B 2 .  ? 5.056   13.288  -2.054  1.00 93.37  ? 201 O4B Z HAF2 1 
HETATM 1013 H HAE1 . O4B B 2 .  ? 5.746   11.230  -3.448  1.00 96.39  ? 201 O4B Z HAE1 1 
HETATM 1014 H HAE2 . O4B B 2 .  ? 6.247   10.778  -2.015  1.00 96.39  ? 201 O4B Z HAE2 1 
HETATM 1015 C CAA  . O4B C 2 .  ? 4.872   -9.662  11.568  0.48 38.62  ? 202 O4B Z CAA  1 
HETATM 1016 O OAM  . O4B C 2 .  ? 3.970   -9.449  10.521  0.48 39.17  ? 202 O4B Z OAM  1 
HETATM 1017 C CAC  . O4B C 2 .  ? 3.998   -8.152  9.980   0.48 37.34  ? 202 O4B Z CAC  1 
HETATM 1018 C CAD  . O4B C 2 .  ? 3.143   -8.142  8.723   0.48 32.77  ? 202 O4B Z CAD  1 
HETATM 1019 O OAO  . O4B C 2 .  ? 1.818   -8.440  9.075   0.48 34.95  ? 202 O4B Z OAO  1 
HETATM 1020 C CAG  . O4B C 2 .  ? 1.007   -8.309  7.942   0.48 33.75  ? 202 O4B Z CAG  1 
HETATM 1021 C CAH  . O4B C 2 .  ? -0.408  -8.744  8.322   0.48 36.14  ? 202 O4B Z CAH  1 
HETATM 1022 O OAQ  . O4B C 2 .  ? -0.351  -10.078 8.734   0.48 38.22  ? 202 O4B Z OAQ  1 
HETATM 1023 C CAK  . O4B C 2 .  ? -1.656  -10.549 8.957   0.48 36.40  ? 202 O4B Z CAK  1 
HETATM 1024 C CAL  . O4B C 2 .  ? -1.596  -12.028 9.319   0.48 36.76  ? 202 O4B Z CAL  1 
HETATM 1025 O OAR  . O4B C 2 .  ? -0.723  -12.201 10.406  0.48 38.28  ? 202 O4B Z OAR  1 
HETATM 1026 C CAJ  . O4B C 2 .  ? -0.734  -13.543 10.794  0.48 36.14  ? 202 O4B Z CAJ  1 
HETATM 1027 C CAI  . O4B C 2 .  ? 0.107   -13.675 12.063  0.48 33.00  ? 202 O4B Z CAI  1 
HETATM 1028 O OAP  . O4B C 2 .  ? 1.410   -13.264 11.759  0.48 34.55  ? 202 O4B Z OAP  1 
HETATM 1029 C CAF  . O4B C 2 .  ? 2.172   -13.271 12.935  0.48 32.33  ? 202 O4B Z CAF  1 
HETATM 1030 C CAE  . O4B C 2 .  ? 3.610   -12.922 12.583  0.48 36.89  ? 202 O4B Z CAE  1 
HETATM 1031 O OAN  . O4B C 2 .  ? 3.616   -11.630 12.027  0.48 38.97  ? 202 O4B Z OAN  1 
HETATM 1032 C CAB  . O4B C 2 .  ? 4.924   -11.157 11.883  0.48 38.46  ? 202 O4B Z CAB  1 
HETATM 1033 H HAA1 . O4B C 2 .  ? 4.579   -9.173  12.353  0.48 46.49  ? 202 O4B Z HAA1 1 
HETATM 1034 H HAA2 . O4B C 2 .  ? 5.753   -9.353  11.307  0.48 46.49  ? 202 O4B Z HAA2 1 
HETATM 1035 H HAB1 . O4B C 2 .  ? 5.415   -11.301 12.706  0.48 46.29  ? 202 O4B Z HAB1 1 
HETATM 1036 H HAB2 . O4B C 2 .  ? 5.364   -11.629 11.158  0.48 46.29  ? 202 O4B Z HAB2 1 
HETATM 1037 H HAC1 . O4B C 2 .  ? 4.910   -7.908  9.758   0.48 44.96  ? 202 O4B Z HAC1 1 
HETATM 1038 H HAC2 . O4B C 2 .  ? 3.642   -7.520  10.624  0.48 44.96  ? 202 O4B Z HAC2 1 
HETATM 1039 H HAD1 . O4B C 2 .  ? 3.471   -8.807  8.099   0.48 39.47  ? 202 O4B Z HAD1 1 
HETATM 1040 H HAD2 . O4B C 2 .  ? 3.180   -7.265  8.310   0.48 39.47  ? 202 O4B Z HAD2 1 
HETATM 1041 H HAG1 . O4B C 2 .  ? 1.000   -7.384  7.647   0.48 40.65  ? 202 O4B Z HAG1 1 
HETATM 1042 H HAG2 . O4B C 2 .  ? 1.345   -8.872  7.228   0.48 40.65  ? 202 O4B Z HAG2 1 
HETATM 1043 H HAH1 . O4B C 2 .  ? -0.740  -8.188  9.044   0.48 43.51  ? 202 O4B Z HAH1 1 
HETATM 1044 H HAH2 . O4B C 2 .  ? -0.995  -8.660  7.554   0.48 43.51  ? 202 O4B Z HAH2 1 
HETATM 1045 H HAK1 . O4B C 2 .  ? -2.184  -10.433 8.152   0.48 43.82  ? 202 O4B Z HAK1 1 
HETATM 1046 H HAK2 . O4B C 2 .  ? -2.061  -10.052 9.684   0.48 43.82  ? 202 O4B Z HAK2 1 
HETATM 1047 H HAL1 . O4B C 2 .  ? -1.272  -12.536 8.559   0.48 44.25  ? 202 O4B Z HAL1 1 
HETATM 1048 H HAL2 . O4B C 2 .  ? -2.482  -12.339 9.562   0.48 44.25  ? 202 O4B Z HAL2 1 
HETATM 1049 H HAJ1 . O4B C 2 .  ? -1.644  -13.827 10.972  0.48 43.52  ? 202 O4B Z HAJ1 1 
HETATM 1050 H HAJ2 . O4B C 2 .  ? -0.356  -14.092 10.091  0.48 43.52  ? 202 O4B Z HAJ2 1 
HETATM 1051 H HAI1 . O4B C 2 .  ? 0.114   -14.598 12.360  0.48 39.75  ? 202 O4B Z HAI1 1 
HETATM 1052 H HAI2 . O4B C 2 .  ? -0.261  -13.112 12.763  0.48 39.75  ? 202 O4B Z HAI2 1 
HETATM 1053 H HAF1 . O4B C 2 .  ? 1.821   -12.615 13.558  0.48 38.94  ? 202 O4B Z HAF1 1 
HETATM 1054 H HAF2 . O4B C 2 .  ? 2.141   -14.151 13.342  0.48 38.94  ? 202 O4B Z HAF2 1 
HETATM 1055 H HAE1 . O4B C 2 .  ? 3.956   -13.560 11.938  0.48 44.42  ? 202 O4B Z HAE1 1 
HETATM 1056 H HAE2 . O4B C 2 .  ? 4.160   -12.939 13.381  0.48 44.42  ? 202 O4B Z HAE2 1 
HETATM 1057 O O    . HOH D 3 .  ? 3.664   9.930   10.330  1.00 51.27  ? 301 HOH Z O    1 
HETATM 1058 O O    . HOH D 3 .  ? -4.380  -2.459  -8.934  1.00 41.83  ? 302 HOH Z O    1 
HETATM 1059 O O    . HOH D 3 .  ? -7.736  1.709   -3.271  1.00 47.69  ? 303 HOH Z O    1 
HETATM 1060 O O    . HOH D 3 .  ? 3.357   5.269   -9.377  1.00 62.17  ? 304 HOH Z O    1 
HETATM 1061 O O    . HOH D 3 .  ? 10.805  8.094   -3.107  1.00 43.17  ? 305 HOH Z O    1 
HETATM 1062 O O    . HOH D 3 .  ? 7.956   -10.278 2.110   1.00 42.32  ? 306 HOH Z O    1 
HETATM 1063 O O    . HOH D 3 .  ? -5.937  -6.067  -12.257 1.00 35.69  ? 307 HOH Z O    1 
HETATM 1064 O O    . HOH D 3 .  ? 10.456  4.866   6.834   1.00 38.27  ? 308 HOH Z O    1 
HETATM 1065 O O    . HOH D 3 .  ? 0.913   -8.194  -8.015  1.00 37.53  ? 309 HOH Z O    1 
HETATM 1066 O O    . HOH D 3 .  ? 11.683  -3.125  7.869   1.00 37.55  ? 310 HOH Z O    1 
HETATM 1067 O O    . HOH D 3 .  ? 6.397   -1.766  -4.273  1.00 36.44  ? 311 HOH Z O    1 
HETATM 1068 O O    . HOH D 3 .  ? -0.542  -7.904  -10.371 0.50 57.92  ? 312 HOH Z O    1 
HETATM 1069 O O    . HOH D 3 .  ? 3.395   -9.604  -6.207  1.00 50.12  ? 313 HOH Z O    1 
HETATM 1070 O O    . HOH D 3 .  ? 12.029  -0.020  0.652   1.00 49.12  ? 314 HOH Z O    1 
HETATM 1071 O O    . HOH D 3 .  ? 10.348  2.158   8.028   1.00 42.96  ? 315 HOH Z O    1 
HETATM 1072 O O    . HOH D 3 .  ? 13.257  -6.849  1.883   1.00 58.73  ? 316 HOH Z O    1 
HETATM 1073 O O    . HOH D 3 .  ? 14.296  -7.029  5.742   1.00 47.91  ? 317 HOH Z O    1 
HETATM 1074 O O    . HOH D 3 .  ? 11.001  7.582   4.590   1.00 44.49  ? 318 HOH Z O    1 
HETATM 1075 O O    . HOH D 3 .  ? -8.041  8.731   -6.056  1.00 53.19  ? 319 HOH Z O    1 
HETATM 1076 O O    . HOH D 3 .  ? 11.292  -0.082  6.950   1.00 37.94  ? 320 HOH Z O    1 
HETATM 1077 O O    . HOH D 3 .  ? -10.069 1.302   -5.755  1.00 45.23  ? 321 HOH Z O    1 
HETATM 1078 O O    . HOH D 3 .  ? -20.548 4.411   -10.790 1.00 56.77  ? 322 HOH Z O    1 
HETATM 1079 O O    . HOH D 3 .  ? 15.480  -0.428  -2.186  1.00 59.69  ? 323 HOH Z O    1 
# 
loop_
_atom_site_anisotrop.id 
_atom_site_anisotrop.type_symbol 
_atom_site_anisotrop.pdbx_label_atom_id 
_atom_site_anisotrop.pdbx_label_alt_id 
_atom_site_anisotrop.pdbx_label_comp_id 
_atom_site_anisotrop.pdbx_label_asym_id 
_atom_site_anisotrop.pdbx_label_seq_id 
_atom_site_anisotrop.pdbx_PDB_ins_code 
_atom_site_anisotrop.U[1][1] 
_atom_site_anisotrop.U[2][2] 
_atom_site_anisotrop.U[3][3] 
_atom_site_anisotrop.U[1][2] 
_atom_site_anisotrop.U[1][3] 
_atom_site_anisotrop.U[2][3] 
_atom_site_anisotrop.pdbx_auth_seq_id 
_atom_site_anisotrop.pdbx_auth_comp_id 
_atom_site_anisotrop.pdbx_auth_asym_id 
_atom_site_anisotrop.pdbx_auth_atom_id 
1   N N   . SER A 7  ? 0.6919 0.9104 0.7800 0.1839  -0.1008 -0.0660 81  SER Z N   
2   C CA  . SER A 7  ? 0.8434 1.0662 0.9376 0.1544  -0.1100 -0.0326 81  SER Z CA  
3   C C   . SER A 7  ? 0.8260 1.0345 0.9118 0.1200  -0.1198 -0.0248 81  SER Z C   
4   O O   . SER A 7  ? 0.7935 0.9734 0.8438 0.0885  -0.1287 -0.0072 81  SER Z O   
5   C CB  . SER A 7  ? 0.8918 1.1596 1.0384 0.1656  -0.1064 -0.0157 81  SER Z CB  
6   O OG  . SER A 7  ? 0.9382 1.2177 1.0959 0.1397  -0.1150 0.0215  81  SER Z OG  
11  N N   . THR A 8  ? 0.7853 1.0119 0.9004 0.1233  -0.1187 -0.0366 82  THR Z N   
12  C CA  . THR A 8  ? 0.7561 0.9599 0.8506 0.0973  -0.1245 -0.0419 82  THR Z CA  
13  C C   . THR A 8  ? 0.6747 0.8625 0.7521 0.1177  -0.1143 -0.0770 82  THR Z C   
14  O O   . THR A 8  ? 0.5629 0.7325 0.6238 0.1004  -0.1155 -0.0856 82  THR Z O   
15  C CB  . THR A 8  ? 0.7084 0.9427 0.8464 0.0788  -0.1330 -0.0253 82  THR Z CB  
16  O OG1 . THR A 8  ? 0.6521 0.9208 0.8361 0.1082  -0.1248 -0.0384 82  THR Z OG1 
17  C CG2 . THR A 8  ? 0.7027 0.9552 0.8592 0.0530  -0.1445 0.0161  82  THR Z CG2 
25  N N   . GLY A 9  ? 0.6047 0.8021 0.6871 0.1526  -0.1048 -0.0953 83  GLY Z N   
26  C CA  . GLY A 9  ? 0.5754 0.7675 0.6491 0.1738  -0.0961 -0.1238 83  GLY Z CA  
27  C C   . GLY A 9  ? 0.5944 0.7970 0.6696 0.2072  -0.0892 -0.1342 83  GLY Z C   
28  O O   . GLY A 9  ? 0.6340 0.8498 0.7197 0.2146  -0.0903 -0.1225 83  GLY Z O   
32  N N   . VAL A 10 ? 0.6270 0.8259 0.6925 0.2266  -0.0820 -0.1544 84  VAL Z N   
33  C CA  . VAL A 10 ? 0.6391 0.8486 0.7040 0.2561  -0.0774 -0.1623 84  VAL Z CA  
34  C C   . VAL A 10 ? 0.7008 0.9510 0.8016 0.2690  -0.0798 -0.1673 84  VAL Z C   
35  O O   . VAL A 10 ? 0.7605 1.0310 0.8857 0.2647  -0.0816 -0.1753 84  VAL Z O   
36  C CB  . VAL A 10 ? 0.6243 0.8239 0.6746 0.2727  -0.0691 -0.1776 84  VAL Z CB  
37  C CG1 . VAL A 10 ? 0.5796 0.8008 0.6374 0.3025  -0.0673 -0.1836 84  VAL Z CG1 
38  C CG2 . VAL A 10 ? 0.6913 0.8390 0.6969 0.2628  -0.0618 -0.1729 84  VAL Z CG2 
48  N N   . THR A 11 ? 0.6729 0.9305 0.7723 0.2835  -0.0789 -0.1628 85  THR Z N   
49  C CA  . THR A 11 ? 0.5988 0.8858 0.7191 0.2977  -0.0779 -0.1710 85  THR Z CA  
50  C C   . THR A 11 ? 0.5809 0.8801 0.6966 0.3157  -0.0780 -0.1869 85  THR Z C   
51  O O   . THR A 11 ? 0.5699 0.8614 0.6673 0.3294  -0.0771 -0.1852 85  THR Z O   
52  C CB  . THR A 11 ? 0.5574 0.8456 0.6741 0.3040  -0.0755 -0.1592 85  THR Z CB  
53  O OG1 . THR A 11 ? 0.5735 0.8583 0.7014 0.2872  -0.0757 -0.1402 85  THR Z OG1 
54  C CG2 . THR A 11 ? 0.5166 0.8265 0.6447 0.3173  -0.0719 -0.1698 85  THR Z CG2 
62  N N   . LEU A 12 ? 0.6000 0.9202 0.7335 0.3148  -0.0798 -0.1999 86  LEU Z N   
63  C CA  . LEU A 12 ? 0.6410 0.9721 0.7702 0.3211  -0.0810 -0.2077 86  LEU Z CA  
64  C C   . LEU A 12 ? 0.5842 0.9314 0.7089 0.3265  -0.0841 -0.2096 86  LEU Z C   
65  O O   . LEU A 12 ? 0.5555 0.9090 0.6849 0.3223  -0.0840 -0.2136 86  LEU Z O   
66  C CB  . LEU A 12 ? 0.7060 1.0492 0.8512 0.3099  -0.0826 -0.2172 86  LEU Z CB  
67  C CG  . LEU A 12 ? 0.6906 1.0182 0.8376 0.3013  -0.0801 -0.2173 86  LEU Z CG  
68  C CD1 . LEU A 12 ? 0.7202 1.0619 0.8866 0.2863  -0.0834 -0.2257 86  LEU Z CD1 
69  C CD2 . LEU A 12 ? 0.6973 1.0091 0.8265 0.3112  -0.0732 -0.2172 86  LEU Z CD2 
81  N N   . PHE A 13 ? 0.4699 0.4830 0.5095 0.1037  -0.0055 -0.0164 87  PHE Z N   
82  C CA  . PHE A 13 ? 0.4385 0.4367 0.4631 0.0999  -0.0075 -0.0221 87  PHE Z CA  
83  C C   . PHE A 13 ? 0.4375 0.4216 0.4572 0.0858  -0.0156 -0.0118 87  PHE Z C   
84  O O   . PHE A 13 ? 0.4665 0.4595 0.4949 0.0781  -0.0160 -0.0008 87  PHE Z O   
85  C CB  . PHE A 13 ? 0.4375 0.4546 0.4591 0.0982  0.0031  -0.0272 87  PHE Z CB  
86  C CG  . PHE A 13 ? 0.4899 0.5142 0.5109 0.1113  0.0100  -0.0404 87  PHE Z CG  
87  C CD1 . PHE A 13 ? 0.5150 0.5270 0.5223 0.1146  0.0105  -0.0511 87  PHE Z CD1 
88  C CD2 . PHE A 13 ? 0.5650 0.6082 0.5993 0.1202  0.0158  -0.0421 87  PHE Z CD2 
89  C CE1 . PHE A 13 ? 0.5837 0.6032 0.5908 0.1267  0.0173  -0.0637 87  PHE Z CE1 
90  C CE2 . PHE A 13 ? 0.5432 0.5947 0.5780 0.1324  0.0224  -0.0548 87  PHE Z CE2 
91  C CZ  . PHE A 13 ? 0.5138 0.5536 0.5351 0.1355  0.0234  -0.0655 87  PHE Z CZ  
101 N N   . VAL A 14 ? 0.4533 0.4150 0.4590 0.0826  -0.0222 -0.0157 88  VAL Z N   
102 C CA  . VAL A 14 ? 0.4502 0.3973 0.4506 0.0692  -0.0305 -0.0071 88  VAL Z CA  
103 C C   . VAL A 14 ? 0.4027 0.3469 0.3916 0.0620  -0.0297 -0.0106 88  VAL Z C   
104 O O   . VAL A 14 ? 0.4896 0.4277 0.4689 0.0688  -0.0276 -0.0213 88  VAL Z O   
105 C CB  . VAL A 14 ? 0.4649 0.3818 0.4586 0.0710  -0.0423 -0.0069 88  VAL Z CB  
106 C CG1 . VAL A 14 ? 0.5095 0.4064 0.4902 0.0810  -0.0451 -0.0197 88  VAL Z CG1 
107 C CG2 . VAL A 14 ? 0.4832 0.3869 0.4720 0.0556  -0.0504 0.0023  88  VAL Z CG2 
117 N N   . ALA A 15 ? 0.4303 0.3788 0.4199 0.0483  -0.0317 -0.0016 89  ALA Z N   
118 C CA  . ALA A 15 ? 0.4038 0.3500 0.3829 0.0405  -0.0321 -0.0037 89  ALA Z CA  
119 C C   . ALA A 15 ? 0.4832 0.3997 0.4482 0.0383  -0.0425 -0.0079 89  ALA Z C   
120 O O   . ALA A 15 ? 0.4842 0.3846 0.4489 0.0329  -0.0512 -0.0021 89  ALA Z O   
121 C CB  . ALA A 15 ? 0.4404 0.4008 0.4258 0.0271  -0.0319 0.0073  89  ALA Z CB  
127 N N   . LEU A 16 ? 0.4868 0.3953 0.4388 0.0415  -0.0414 -0.0178 90  LEU Z N   
128 C CA  . LEU A 16 ? 0.4854 0.3653 0.4220 0.0387  -0.0509 -0.0223 90  LEU Z CA  
129 C C   . LEU A 16 ? 0.5035 0.3814 0.4353 0.0238  -0.0560 -0.0166 90  LEU Z C   
130 O O   . LEU A 16 ? 0.5387 0.3940 0.4610 0.0173  -0.0658 -0.0160 90  LEU Z O   
131 C CB  . LEU A 16 ? 0.5481 0.4193 0.4725 0.0489  -0.0476 -0.0358 90  LEU Z CB  
132 C CG  . LEU A 16 ? 0.5921 0.4690 0.5223 0.0646  -0.0416 -0.0429 90  LEU Z CG  
133 C CD1 . LEU A 16 ? 0.6375 0.5136 0.5572 0.0734  -0.0353 -0.0560 90  LEU Z CD1 
134 C CD2 . LEU A 16 ? 0.5964 0.4504 0.5252 0.0705  -0.0501 -0.0432 90  LEU Z CD2 
146 N N   . TYR A 17 ? 0.4722 0.3731 0.4096 0.0182  -0.0497 -0.0127 91  TYR Z N   
147 C CA  . TYR A 17 ? 0.4551 0.3578 0.3878 0.0057  -0.0534 -0.0089 91  TYR Z CA  
148 C C   . TYR A 17 ? 0.4294 0.3580 0.3763 -0.0013 -0.0486 0.0014  91  TYR Z C   
149 O O   . TYR A 17 ? 0.4474 0.3944 0.4049 0.0046  -0.0405 0.0034  91  TYR Z O   
150 C CB  . TYR A 17 ? 0.4689 0.3697 0.3883 0.0079  -0.0503 -0.0182 91  TYR Z CB  
151 C CG  . TYR A 17 ? 0.5002 0.3804 0.4066 0.0179  -0.0513 -0.0299 91  TYR Z CG  
152 C CD1 . TYR A 17 ? 0.5325 0.3854 0.4289 0.0160  -0.0613 -0.0320 91  TYR Z CD1 
153 C CD2 . TYR A 17 ? 0.5549 0.4429 0.4589 0.0291  -0.0422 -0.0389 91  TYR Z CD2 
154 C CE1 . TYR A 17 ? 0.6208 0.4535 0.5047 0.0258  -0.0624 -0.0429 91  TYR Z CE1 
155 C CE2 . TYR A 17 ? 0.5587 0.4279 0.4507 0.0387  -0.0429 -0.0501 91  TYR Z CE2 
156 C CZ  . TYR A 17 ? 0.6139 0.4558 0.4962 0.0373  -0.0530 -0.0520 91  TYR Z CZ  
157 O OH  . TYR A 17 ? 0.7598 0.5818 0.6296 0.0475  -0.0539 -0.0634 91  TYR Z OH  
167 N N   . ASP A 18 ? 0.4432 0.3742 0.3901 -0.0137 -0.0536 0.0075  92  ASP Z N   
168 C CA  . ASP A 18 ? 0.4275 0.3833 0.3856 -0.0200 -0.0489 0.0161  92  ASP Z CA  
169 C C   . ASP A 18 ? 0.4129 0.3837 0.3665 -0.0161 -0.0407 0.0111  92  ASP Z C   
170 O O   . ASP A 18 ? 0.4764 0.4367 0.4163 -0.0137 -0.0415 0.0026  92  ASP Z O   
171 C CB  . ASP A 18 ? 0.4657 0.4198 0.4248 -0.0338 -0.0568 0.0229  92  ASP Z CB  
172 C CG  . ASP A 18 ? 0.6983 0.6480 0.6669 -0.0400 -0.0621 0.0314  92  ASP Z CG  
173 O OD1 . ASP A 18 ? 0.6848 0.6171 0.6510 -0.0354 -0.0653 0.0294  92  ASP Z OD1 
174 O OD2 . ASP A 18 ? 0.7672 0.7307 0.7454 -0.0495 -0.0628 0.0402  92  ASP Z OD2 
179 N N   . TYR A 19 ? 0.4255 0.4195 0.3893 -0.0163 -0.0331 0.0169  93  TYR Z N   
180 C CA  . TYR A 19 ? 0.3929 0.4021 0.3526 -0.0141 -0.0253 0.0139  93  TYR Z CA  
181 C C   . TYR A 19 ? 0.4012 0.4312 0.3704 -0.0212 -0.0227 0.0236  93  TYR Z C   
182 O O   . TYR A 19 ? 0.3931 0.4332 0.3753 -0.0223 -0.0208 0.0314  93  TYR Z O   
183 C CB  . TYR A 19 ? 0.3984 0.4139 0.3580 -0.0025 -0.0157 0.0075  93  TYR Z CB  
184 C CG  . TYR A 19 ? 0.3846 0.4155 0.3387 -0.0011 -0.0070 0.0048  93  TYR Z CG  
185 C CD1 . TYR A 19 ? 0.3905 0.4134 0.3288 0.0000  -0.0065 -0.0039 93  TYR Z CD1 
186 C CD2 . TYR A 19 ? 0.3673 0.4197 0.3313 -0.0011 0.0007  0.0110  93  TYR Z CD2 
187 C CE1 . TYR A 19 ? 0.3888 0.4245 0.3207 0.0008  0.0014  -0.0062 93  TYR Z CE1 
188 C CE2 . TYR A 19 ? 0.3800 0.4456 0.3375 0.0000  0.0090  0.0086  93  TYR Z CE2 
189 C CZ  . TYR A 19 ? 0.3595 0.4162 0.3009 0.0005  0.0089  0.0002  93  TYR Z CZ  
190 O OH  . TYR A 19 ? 0.4787 0.5459 0.4115 0.0010  0.0165  -0.0023 93  TYR Z OH  
200 N N   . GLU A 20 ? 0.4019 0.4371 0.3641 -0.0259 -0.0232 0.0232  94  GLU Z N   
201 C CA  . GLU A 20 ? 0.3919 0.4468 0.3613 -0.0315 -0.0206 0.0312  94  GLU Z CA  
202 C C   . GLU A 20 ? 0.4125 0.4808 0.3764 -0.0263 -0.0106 0.0283  94  GLU Z C   
203 O O   . GLU A 20 ? 0.3763 0.4384 0.3260 -0.0240 -0.0095 0.0206  94  GLU Z O   
204 C CB  . GLU A 20 ? 0.4327 0.4844 0.3983 -0.0409 -0.0290 0.0334  94  GLU Z CB  
205 C CG  . GLU A 20 ? 0.6918 0.7634 0.6655 -0.0466 -0.0275 0.0417  94  GLU Z CG  
206 C CD  . GLU A 20 ? 0.9707 1.0408 0.9410 -0.0552 -0.0362 0.0430  94  GLU Z CD  
207 O OE1 . GLU A 20 ? 1.0694 1.1237 1.0359 -0.0593 -0.0446 0.0404  94  GLU Z OE1 
208 O OE2 . GLU A 20 ? 1.0248 1.1092 0.9960 -0.0576 -0.0347 0.0465  94  GLU Z OE2 
215 N N   . ALA A 21 ? 0.3829 0.3607 0.4143 -0.0048 -0.0079 -0.0093 95  ALA Z N   
216 C CA  . ALA A 21 ? 0.3789 0.3508 0.4103 -0.0095 -0.0115 -0.0050 95  ALA Z CA  
217 C C   . ALA A 21 ? 0.4119 0.3699 0.4443 -0.0069 -0.0167 -0.0055 95  ALA Z C   
218 O O   . ALA A 21 ? 0.4272 0.3808 0.4641 -0.0019 -0.0184 -0.0136 95  ALA Z O   
219 C CB  . ALA A 21 ? 0.3866 0.3583 0.4211 -0.0145 -0.0123 -0.0091 95  ALA Z CB  
225 N N   . TRP A 22 ? 0.3932 0.3449 0.4212 -0.0109 -0.0200 0.0029  96  TRP Z N   
226 C CA  . TRP A 22 ? 0.3989 0.3346 0.4249 -0.0082 -0.0270 0.0048  96  TRP Z CA  
227 C C   . TRP A 22 ? 0.4456 0.3680 0.4666 -0.0168 -0.0321 0.0135  96  TRP Z C   
228 O O   . TRP A 22 ? 0.4821 0.3877 0.4983 -0.0155 -0.0394 0.0180  96  TRP Z O   
229 C CB  . TRP A 22 ? 0.3979 0.3385 0.4194 -0.0027 -0.0261 0.0081  96  TRP Z CB  
230 C CG  . TRP A 22 ? 0.4084 0.3620 0.4233 -0.0075 -0.0220 0.0169  96  TRP Z CG  
231 C CD1 . TRP A 22 ? 0.3881 0.3596 0.4045 -0.0085 -0.0156 0.0161  96  TRP Z CD1 
232 C CD2 . TRP A 22 ? 0.3849 0.3359 0.3903 -0.0127 -0.0245 0.0273  96  TRP Z CD2 
233 N NE1 . TRP A 22 ? 0.3786 0.3621 0.3893 -0.0128 -0.0138 0.0231  96  TRP Z NE1 
234 C CE2 . TRP A 22 ? 0.4062 0.3785 0.4093 -0.0163 -0.0184 0.0305  96  TRP Z CE2 
235 C CE3 . TRP A 22 ? 0.4286 0.3615 0.4265 -0.0140 -0.0321 0.0341  96  TRP Z CE3 
236 C CZ2 . TRP A 22 ? 0.4058 0.3853 0.3996 -0.0233 -0.0180 0.0396  96  TRP Z CZ2 
237 C CZ3 . TRP A 22 ? 0.4439 0.3803 0.4299 -0.0215 -0.0323 0.0456  96  TRP Z CZ3 
238 C CH2 . TRP A 22 ? 0.4011 0.3631 0.3856 -0.0264 -0.0244 0.0477  96  TRP Z CH2 
249 N N   . THR A 23 ? 0.4633 0.3915 0.4842 -0.0260 -0.0291 0.0164  97  THR Z N   
250 C CA  . THR A 23 ? 0.4404 0.3576 0.4563 -0.0370 -0.0328 0.0251  97  THR Z CA  
251 C C   . THR A 23 ? 0.4940 0.4060 0.5176 -0.0417 -0.0346 0.0188  97  THR Z C   
252 O O   . THR A 23 ? 0.5348 0.4509 0.5666 -0.0354 -0.0339 0.0077  97  THR Z O   
253 C CB  . THR A 23 ? 0.4892 0.4234 0.4982 -0.0458 -0.0269 0.0339  97  THR Z CB  
254 O OG1 . THR A 23 ? 0.5523 0.5074 0.5671 -0.0475 -0.0203 0.0287  97  THR Z OG1 
255 C CG2 . THR A 23 ? 0.6015 0.5453 0.6043 -0.0402 -0.0247 0.0379  97  THR Z CG2 
263 N N   A GLU A 24 ? 0.5293 0.4343 0.5502 -0.0538 -0.0365 0.0253  98  GLU Z N   
264 N N   B GLU A 24 ? 0.5301 0.4343 0.5509 -0.0536 -0.0367 0.0252  98  GLU Z N   
265 C CA  A GLU A 24 ? 0.5629 0.4600 0.5917 -0.0586 -0.0398 0.0188  98  GLU Z CA  
266 C CA  B GLU A 24 ? 0.5618 0.4590 0.5910 -0.0582 -0.0399 0.0183  98  GLU Z CA  
267 C C   A GLU A 24 ? 0.5342 0.4553 0.5697 -0.0593 -0.0325 0.0111  98  GLU Z C   
268 C C   B GLU A 24 ? 0.5312 0.4529 0.5669 -0.0584 -0.0324 0.0105  98  GLU Z C   
269 O O   A GLU A 24 ? 0.5223 0.4427 0.5663 -0.0572 -0.0343 0.0007  98  GLU Z O   
270 O O   B GLU A 24 ? 0.5176 0.4396 0.5617 -0.0552 -0.0339 -0.0001 98  GLU Z O   
271 C CB  A GLU A 24 ? 0.6115 0.4927 0.6347 -0.0731 -0.0441 0.0287  98  GLU Z CB  
272 C CB  B GLU A 24 ? 0.6128 0.4947 0.6369 -0.0729 -0.0439 0.0279  98  GLU Z CB  
273 C CG  A GLU A 24 ? 0.6508 0.5062 0.6631 -0.0736 -0.0523 0.0395  98  GLU Z CG  
274 C CG  B GLU A 24 ? 0.6688 0.5409 0.7026 -0.0783 -0.0484 0.0200  98  GLU Z CG  
275 C CD  A GLU A 24 ? 0.7260 0.5651 0.7290 -0.0910 -0.0559 0.0525  98  GLU Z CD  
276 C CD  B GLU A 24 ? 0.7620 0.6161 0.7907 -0.0946 -0.0528 0.0299  98  GLU Z CD  
277 O OE1 A GLU A 24 ? 0.7756 0.6106 0.7851 -0.1004 -0.0569 0.0492  98  GLU Z OE1 
278 O OE1 B GLU A 24 ? 0.7974 0.6481 0.8133 -0.1029 -0.0518 0.0438  98  GLU Z OE1 
279 O OE2 A GLU A 24 ? 0.6319 0.4623 0.6206 -0.0958 -0.0579 0.0659  98  GLU Z OE2 
280 O OE2 B GLU A 24 ? 0.7491 0.5934 0.7862 -0.1001 -0.0571 0.0235  98  GLU Z OE2 
293 N N   . ASP A 25 ? 0.4867 0.4303 0.5187 -0.0612 -0.0250 0.0150  99  ASP Z N   
294 C CA  . ASP A 25 ? 0.4952 0.4601 0.5321 -0.0633 -0.0200 0.0091  99  ASP Z CA  
295 C C   . ASP A 25 ? 0.4566 0.4423 0.4920 -0.0551 -0.0144 0.0075  99  ASP Z C   
296 O O   . ASP A 25 ? 0.4057 0.4096 0.4436 -0.0562 -0.0112 0.0040  99  ASP Z O   
297 C CB  . ASP A 25 ? 0.5582 0.5306 0.5944 -0.0774 -0.0184 0.0141  99  ASP Z CB  
298 C CG  . ASP A 25 ? 0.7136 0.6647 0.7530 -0.0868 -0.0245 0.0139  99  ASP Z CG  
299 O OD1 . ASP A 25 ? 0.7498 0.6970 0.7975 -0.0835 -0.0274 0.0039  99  ASP Z OD1 
300 O OD2 . ASP A 25 ? 0.7743 0.7124 0.8076 -0.0979 -0.0269 0.0236  99  ASP Z OD2 
306 N N   . ASP A 26 ? 0.4217 0.4037 0.4538 -0.0463 -0.0141 0.0088  100 ASP Z N   
307 C CA  . ASP A 26 ? 0.3827 0.3802 0.4136 -0.0385 -0.0100 0.0069  100 ASP Z CA  
308 C C   . ASP A 26 ? 0.3666 0.3624 0.4001 -0.0317 -0.0099 -0.0008 100 ASP Z C   
309 O O   . ASP A 26 ? 0.3980 0.3824 0.4349 -0.0318 -0.0128 -0.0060 100 ASP Z O   
310 C CB  . ASP A 26 ? 0.3744 0.3718 0.4008 -0.0334 -0.0092 0.0116  100 ASP Z CB  
311 C CG  . ASP A 26 ? 0.4031 0.3818 0.4284 -0.0292 -0.0130 0.0119  100 ASP Z CG  
312 O OD1 . ASP A 26 ? 0.4570 0.4205 0.4848 -0.0313 -0.0172 0.0096  100 ASP Z OD1 
313 O OD2 . ASP A 26 ? 0.3841 0.3638 0.4068 -0.0228 -0.0123 0.0130  100 ASP Z OD2 
318 N N   . LEU A 27 ? 0.3968 0.4052 0.4284 -0.0267 -0.0073 -0.0021 101 LEU Z N   
319 C CA  . LEU A 27 ? 0.3837 0.3932 0.4142 -0.0227 -0.0066 -0.0074 101 LEU Z CA  
320 C C   . LEU A 27 ? 0.3844 0.3912 0.4115 -0.0159 -0.0052 -0.0069 101 LEU Z C   
321 O O   . LEU A 27 ? 0.4083 0.4211 0.4336 -0.0123 -0.0045 -0.0036 101 LEU Z O   
322 C CB  . LEU A 27 ? 0.4006 0.4245 0.4302 -0.0233 -0.0065 -0.0086 101 LEU Z CB  
323 C CG  . LEU A 27 ? 0.4110 0.4372 0.4356 -0.0194 -0.0064 -0.0115 101 LEU Z CG  
324 C CD1 . LEU A 27 ? 0.4282 0.4499 0.4539 -0.0225 -0.0065 -0.0175 101 LEU Z CD1 
325 C CD2 . LEU A 27 ? 0.4357 0.4759 0.4588 -0.0182 -0.0082 -0.0116 101 LEU Z CD2 
337 N N   . SER A 28 ? 0.3644 0.3637 0.3919 -0.0145 -0.0046 -0.0116 102 SER Z N   
338 C CA  . SER A 28 ? 0.3575 0.3547 0.3818 -0.0100 -0.0026 -0.0120 102 SER Z CA  
339 C C   . SER A 28 ? 0.3425 0.3449 0.3602 -0.0093 -0.0019 -0.0107 102 SER Z C   
340 O O   . SER A 28 ? 0.4143 0.4214 0.4295 -0.0123 -0.0024 -0.0124 102 SER Z O   
341 C CB  . SER A 28 ? 0.3859 0.3778 0.4130 -0.0103 -0.0019 -0.0191 102 SER Z CB  
342 O OG  . SER A 28 ? 0.4139 0.3983 0.4467 -0.0088 -0.0044 -0.0211 102 SER Z OG  
348 N N   . PHE A 29 ? 0.3749 0.3750 0.3891 -0.0054 -0.0013 -0.0081 103 PHE Z N   
349 C CA  . PHE A 29 ? 0.3668 0.3666 0.3728 -0.0044 -0.0024 -0.0057 103 PHE Z CA  
350 C C   . PHE A 29 ? 0.3807 0.3723 0.3837 -0.0017 -0.0017 -0.0043 103 PHE Z C   
351 O O   . PHE A 29 ? 0.3547 0.3447 0.3633 0.0012  -0.0007 -0.0054 103 PHE Z O   
352 C CB  . PHE A 29 ? 0.4124 0.4200 0.4173 -0.0011 -0.0063 -0.0030 103 PHE Z CB  
353 C CG  . PHE A 29 ? 0.3794 0.3930 0.3906 0.0035  -0.0074 -0.0019 103 PHE Z CG  
354 C CD1 . PHE A 29 ? 0.3541 0.3654 0.3645 0.0099  -0.0095 -0.0010 103 PHE Z CD1 
355 C CD2 . PHE A 29 ? 0.3533 0.3752 0.3703 0.0006  -0.0066 -0.0024 103 PHE Z CD2 
356 C CE1 . PHE A 29 ? 0.3808 0.4012 0.3971 0.0140  -0.0103 -0.0019 103 PHE Z CE1 
357 C CE2 . PHE A 29 ? 0.3472 0.3778 0.3682 0.0030  -0.0069 -0.0015 103 PHE Z CE2 
358 C CZ  . PHE A 29 ? 0.3751 0.4069 0.3962 0.0104  -0.0087 -0.0021 103 PHE Z CZ  
368 N N   . HIS A 30 ? 0.3973 0.3832 0.3907 -0.0032 -0.0025 -0.0016 104 HIS Z N   
369 C CA  . HIS A 30 ? 0.4016 0.3773 0.3911 -0.0021 -0.0027 0.0004  104 HIS Z CA  
370 C C   . HIS A 30 ? 0.4285 0.3991 0.4131 0.0042  -0.0093 0.0051  104 HIS Z C   
371 O O   . HIS A 30 ? 0.4281 0.4041 0.4098 0.0068  -0.0135 0.0067  104 HIS Z O   
372 C CB  . HIS A 30 ? 0.4271 0.3973 0.4077 -0.0106 0.0010  0.0001  104 HIS Z CB  
373 C CG  . HIS A 30 ? 0.4199 0.3979 0.4075 -0.0154 0.0064  -0.0076 104 HIS Z CG  
374 N ND1 . HIS A 30 ? 0.4474 0.4258 0.4444 -0.0138 0.0089  -0.0130 104 HIS Z ND1 
375 C CD2 . HIS A 30 ? 0.4567 0.4429 0.4436 -0.0206 0.0087  -0.0122 104 HIS Z CD2 
376 C CE1 . HIS A 30 ? 0.4922 0.4779 0.4945 -0.0171 0.0118  -0.0207 104 HIS Z CE1 
377 N NE2 . HIS A 30 ? 0.5177 0.5085 0.5147 -0.0213 0.0117  -0.0208 104 HIS Z NE2 
385 N N   . LYS A 31 ? 0.4551 0.4168 0.4405 0.0077  -0.0109 0.0057  105 LYS Z N   
386 C CA  . LYS A 31 ? 0.4272 0.3815 0.4093 0.0152  -0.0188 0.0086  105 LYS Z CA  
387 C C   . LYS A 31 ? 0.4751 0.4207 0.4429 0.0128  -0.0236 0.0145  105 LYS Z C   
388 O O   . LYS A 31 ? 0.5008 0.4376 0.4575 0.0037  -0.0204 0.0182  105 LYS Z O   
389 C CB  . LYS A 31 ? 0.4785 0.4197 0.4619 0.0165  -0.0198 0.0082  105 LYS Z CB  
390 C CG  . LYS A 31 ? 0.5529 0.4852 0.5353 0.0257  -0.0295 0.0092  105 LYS Z CG  
391 C CD  . LYS A 31 ? 0.7984 0.7191 0.7854 0.0273  -0.0301 0.0066  105 LYS Z CD  
392 C CE  . LYS A 31 ? 0.9654 0.8795 0.9559 0.0390  -0.0411 0.0046  105 LYS Z CE  
393 N NZ  . LYS A 31 ? 1.1087 1.0010 1.0844 0.0388  -0.0499 0.0123  105 LYS Z NZ  
407 N N   . GLY A 32 ? 0.4786 0.4277 0.4460 0.0212  -0.0316 0.0149  106 GLY Z N   
408 C CA  . GLY A 32 ? 0.5166 0.4574 0.4698 0.0216  -0.0385 0.0205  106 GLY Z CA  
409 C C   . GLY A 32 ? 0.4793 0.4348 0.4301 0.0186  -0.0371 0.0196  106 GLY Z C   
410 O O   . GLY A 32 ? 0.5131 0.4644 0.4524 0.0206  -0.0441 0.0234  106 GLY Z O   
414 N N   . GLU A 33 ? 0.4382 0.4090 0.3988 0.0138  -0.0291 0.0146  107 GLU Z N   
415 C CA  . GLU A 33 ? 0.4162 0.4014 0.3772 0.0115  -0.0285 0.0122  107 GLU Z CA  
416 C C   . GLU A 33 ? 0.4422 0.4391 0.4088 0.0208  -0.0358 0.0093  107 GLU Z C   
417 O O   . GLU A 33 ? 0.4579 0.4593 0.4341 0.0278  -0.0380 0.0062  107 GLU Z O   
418 C CB  . GLU A 33 ? 0.4497 0.4456 0.4216 0.0054  -0.0202 0.0071  107 GLU Z CB  
419 C CG  . GLU A 33 ? 0.4421 0.4315 0.4092 -0.0035 -0.0137 0.0069  107 GLU Z CG  
420 C CD  . GLU A 33 ? 0.4476 0.4468 0.4247 -0.0083 -0.0083 0.0004  107 GLU Z CD  
421 O OE1 . GLU A 33 ? 0.4350 0.4447 0.4176 -0.0082 -0.0094 -0.0025 107 GLU Z OE1 
422 O OE2 . GLU A 33 ? 0.4478 0.4436 0.4283 -0.0119 -0.0035 -0.0025 107 GLU Z OE2 
429 N N   . LYS A 34 ? 0.4471 0.4518 0.4084 0.0211  -0.0396 0.0087  108 LYS Z N   
430 C CA  . LYS A 34 ? 0.4659 0.4864 0.4339 0.0293  -0.0463 0.0036  108 LYS Z CA  
431 C C   . LYS A 34 ? 0.3720 0.4130 0.3508 0.0234  -0.0406 -0.0026 108 LYS Z C   
432 O O   . LYS A 34 ? 0.4237 0.4640 0.4012 0.0144  -0.0343 -0.0024 108 LYS Z O   
433 C CB  . LYS A 34 ? 0.5154 0.5298 0.4695 0.0352  -0.0567 0.0067  108 LYS Z CB  
434 C CG  . LYS A 34 ? 0.6133 0.6043 0.5577 0.0421  -0.0648 0.0131  108 LYS Z CG  
435 C CD  . LYS A 34 ? 0.7590 0.7374 0.6853 0.0469  -0.0764 0.0189  108 LYS Z CD  
436 C CE  . LYS A 34 ? 0.8116 0.7634 0.7294 0.0534  -0.0856 0.0251  108 LYS Z CE  
437 N NZ  . LYS A 34 ? 0.8927 0.8249 0.7881 0.0561  -0.0976 0.0342  108 LYS Z NZ  
451 N N   . PHE A 35 ? 0.3932 0.4526 0.3836 0.0279  -0.0429 -0.0089 109 PHE Z N   
452 C CA  . PHE A 35 ? 0.3869 0.4652 0.3886 0.0210  -0.0375 -0.0145 109 PHE Z CA  
453 C C   . PHE A 35 ? 0.4272 0.5270 0.4342 0.0262  -0.0436 -0.0219 109 PHE Z C   
454 O O   . PHE A 35 ? 0.4423 0.5469 0.4500 0.0370  -0.0515 -0.0246 109 PHE Z O   
455 C CB  . PHE A 35 ? 0.3438 0.4279 0.3567 0.0172  -0.0312 -0.0156 109 PHE Z CB  
456 C CG  . PHE A 35 ? 0.3804 0.4463 0.3902 0.0140  -0.0262 -0.0102 109 PHE Z CG  
457 C CD1 . PHE A 35 ? 0.3860 0.4456 0.3965 0.0051  -0.0203 -0.0091 109 PHE Z CD1 
458 C CD2 . PHE A 35 ? 0.4694 0.5245 0.4765 0.0207  -0.0285 -0.0078 109 PHE Z CD2 
459 C CE1 . PHE A 35 ? 0.3963 0.4410 0.4049 0.0033  -0.0164 -0.0059 109 PHE Z CE1 
460 C CE2 . PHE A 35 ? 0.4848 0.5252 0.4902 0.0177  -0.0238 -0.0041 109 PHE Z CE2 
461 C CZ  . PHE A 35 ? 0.4155 0.4516 0.4216 0.0091  -0.0177 -0.0035 109 PHE Z CZ  
471 N N   . GLN A 36 ? 0.3693 0.4829 0.3816 0.0185  -0.0404 -0.0262 110 GLN Z N   
472 C CA  . GLN A 36 ? 0.4145 0.5545 0.4378 0.0189  -0.0423 -0.0353 110 GLN Z CA  
473 C C   . GLN A 36 ? 0.3846 0.5339 0.4193 0.0096  -0.0343 -0.0366 110 GLN Z C   
474 O O   . GLN A 36 ? 0.3753 0.5136 0.4101 -0.0005 -0.0278 -0.0326 110 GLN Z O   
475 C CB  . GLN A 36 ? 0.4425 0.5917 0.4650 0.0145  -0.0435 -0.0398 110 GLN Z CB  
476 C CG  . GLN A 36 ? 0.5066 0.6859 0.5420 0.0135  -0.0450 -0.0507 110 GLN Z CG  
477 C CD  . GLN A 36 ? 0.5329 0.7225 0.5685 0.0098  -0.0466 -0.0564 110 GLN Z CD  
478 O OE1 . GLN A 36 ? 0.5542 0.7315 0.5845 0.0033  -0.0433 -0.0534 110 GLN Z OE1 
479 N NE2 . GLN A 36 ? 0.5855 0.8004 0.6284 0.0143  -0.0520 -0.0666 110 GLN Z NE2 
488 N N   . ILE A 37 ? 0.4043 0.5747 0.4483 0.0126  -0.0355 -0.0429 111 ILE Z N   
489 C CA  . ILE A 37 ? 0.4044 0.5866 0.4569 0.0023  -0.0281 -0.0436 111 ILE Z CA  
490 C C   . ILE A 37 ? 0.3994 0.6019 0.4601 -0.0084 -0.0254 -0.0500 111 ILE Z C   
491 O O   . ILE A 37 ? 0.4444 0.6690 0.5105 -0.0036 -0.0303 -0.0594 111 ILE Z O   
492 C CB  . ILE A 37 ? 0.4041 0.6031 0.4628 0.0093  -0.0297 -0.0482 111 ILE Z CB  
493 C CG1 . ILE A 37 ? 0.3711 0.5492 0.4229 0.0204  -0.0334 -0.0431 111 ILE Z CG1 
494 C CG2 . ILE A 37 ? 0.4280 0.6398 0.4926 -0.0037 -0.0211 -0.0474 111 ILE Z CG2 
495 C CD1 . ILE A 37 ? 0.4356 0.5871 0.4801 0.0142  -0.0276 -0.0327 111 ILE Z CD1 
507 N N   . LEU A 38 ? 0.3801 0.5739 0.4418 -0.0224 -0.0188 -0.0456 112 LEU Z N   
508 C CA  . LEU A 38 ? 0.3982 0.6064 0.4675 -0.0347 -0.0163 -0.0510 112 LEU Z CA  
509 C C   . LEU A 38 ? 0.4220 0.6512 0.4994 -0.0468 -0.0108 -0.0532 112 LEU Z C   
510 O O   . LEU A 38 ? 0.4569 0.7081 0.5426 -0.0555 -0.0096 -0.0610 112 LEU Z O   
511 C CB  . LEU A 38 ? 0.3907 0.5749 0.4568 -0.0435 -0.0138 -0.0457 112 LEU Z CB  
512 C CG  . LEU A 38 ? 0.4241 0.5882 0.4813 -0.0345 -0.0174 -0.0431 112 LEU Z CG  
513 C CD1 . LEU A 38 ? 0.4593 0.6042 0.5165 -0.0435 -0.0148 -0.0407 112 LEU Z CD1 
514 C CD2 . LEU A 38 ? 0.4438 0.6227 0.5004 -0.0268 -0.0233 -0.0506 112 LEU Z CD2 
526 N N   . ASN A 39 ? 0.4077 0.6323 0.4820 -0.0485 -0.0072 -0.0468 113 ASN Z N   
527 C CA  . ASN A 39 ? 0.4410 0.6852 0.5199 -0.0623 -0.0012 -0.0472 113 ASN Z CA  
528 C C   . ASN A 39 ? 0.4158 0.6601 0.4907 -0.0571 0.0003  -0.0428 113 ASN Z C   
529 O O   . ASN A 39 ? 0.4962 0.7128 0.5631 -0.0541 0.0004  -0.0333 113 ASN Z O   
530 C CB  . ASN A 39 ? 0.5022 0.7292 0.5789 -0.0806 0.0032  -0.0397 113 ASN Z CB  
531 C CG  . ASN A 39 ? 0.6294 0.8780 0.7096 -0.0985 0.0091  -0.0400 113 ASN Z CG  
532 O OD1 . ASN A 39 ? 0.6505 0.9167 0.7299 -0.0988 0.0121  -0.0398 113 ASN Z OD1 
533 N ND2 . ASN A 39 ? 0.7108 0.9589 0.7947 -0.1143 0.0112  -0.0407 113 ASN Z ND2 
540 N N   . SER A 40 ? 0.8022 0.7897 0.6025 0.0651  0.1578  -0.0567 114 SER Z N   
541 C CA  . SER A 40 ? 0.8433 0.8240 0.5947 0.0823  0.1624  -0.0340 114 SER Z CA  
542 C C   . SER A 40 ? 0.9471 0.9089 0.7014 0.0843  0.1706  0.0033  114 SER Z C   
543 O O   . SER A 40 ? 0.9851 0.9386 0.7007 0.0982  0.1751  0.0255  114 SER Z O   
544 C CB  . SER A 40 ? 0.8524 0.8638 0.5678 0.0854  0.1715  -0.0349 114 SER Z CB  
545 O OG  . SER A 40 ? 0.9032 0.9363 0.6426 0.0711  0.1817  -0.0294 114 SER Z OG  
551 N N   . SER A 41 ? 1.0458 0.9992 0.8451 0.0706  0.1724  0.0102  115 SER Z N   
552 C CA  . SER A 41 ? 1.1153 1.0542 0.9211 0.0699  0.1816  0.0456  115 SER Z CA  
553 C C   . SER A 41 ? 1.1854 1.0924 0.9716 0.0848  0.1776  0.0645  115 SER Z C   
554 O O   . SER A 41 ? 1.2140 1.1113 0.9881 0.0892  0.1865  0.0966  115 SER Z O   
555 C CB  . SER A 41 ? 1.1167 1.0504 0.9778 0.0515  0.1818  0.0439  115 SER Z CB  
556 O OG  . SER A 41 ? 1.0867 0.9952 0.9753 0.0500  0.1689  0.0281  115 SER Z OG  
562 N N   . GLU A 42 ? 1.2234 1.1137 1.0058 0.0927  0.1643  0.0458  116 GLU Z N   
563 C CA  . GLU A 42 ? 1.2007 1.0590 0.9724 0.1053  0.1590  0.0616  116 GLU Z CA  
564 C C   . GLU A 42 ? 1.1241 0.9816 0.8403 0.1235  0.1620  0.0772  116 GLU Z C   
565 O O   . GLU A 42 ? 1.1435 0.9759 0.8465 0.1347  0.1598  0.0955  116 GLU Z O   
566 C CB  . GLU A 42 ? 1.2239 1.0656 1.0186 0.1051  0.1433  0.0340  116 GLU Z CB  
567 C CG  . GLU A 42 ? 1.3094 1.1257 1.0804 0.1217  0.1344  0.0382  116 GLU Z CG  
568 C CD  . GLU A 42 ? 1.4634 1.2478 1.2540 0.1231  0.1344  0.0623  116 GLU Z CD  
569 O OE1 . GLU A 42 ? 1.5011 1.2788 1.3350 0.1092  0.1359  0.0638  116 GLU Z OE1 
570 O OE2 . GLU A 42 ? 1.5148 1.2806 1.2770 0.1380  0.1331  0.0800  116 GLU Z OE2 
577 N N   . GLY A 43 ? 1.0379 0.9220 0.7217 0.1267  0.1673  0.0708  117 GLY Z N   
578 C CA  . GLY A 43 ? 0.9880 0.8721 0.6182 0.1432  0.1714  0.0868  117 GLY Z CA  
579 C C   . GLY A 43 ? 0.9266 0.8152 0.5275 0.1532  0.1614  0.0611  117 GLY Z C   
580 O O   . GLY A 43 ? 0.9863 0.8989 0.5832 0.1485  0.1603  0.0368  117 GLY Z O   
584 N N   . ASP A 44 ? 0.9198 0.7856 0.5000 0.1668  0.1538  0.0660  118 ASP Z N   
585 C CA  . ASP A 44 ? 0.9458 0.8148 0.4938 0.1776  0.1445  0.0442  118 ASP Z CA  
586 C C   . ASP A 44 ? 0.8674 0.7319 0.4455 0.1724  0.1299  0.0103  118 ASP Z C   
587 O O   . ASP A 44 ? 0.8755 0.7428 0.4302 0.1804  0.1213  -0.0101 118 ASP Z O   
588 C CB  . ASP A 44 ? 1.0909 0.9388 0.6001 0.1951  0.1427  0.0644  118 ASP Z CB  
589 C CG  . ASP A 44 ? 1.1978 1.0155 0.7306 0.1967  0.1407  0.0855  118 ASP Z CG  
590 O OD1 . ASP A 44 ? 1.2336 1.0433 0.8138 0.1851  0.1367  0.0777  118 ASP Z OD1 
591 O OD2 . ASP A 44 ? 1.2050 1.0066 0.7083 0.2093  0.1432  0.1102  118 ASP Z OD2 
596 N N   . TRP A 45 ? 0.3930 0.5047 0.4269 -0.0337 0.0395  0.0024  119 TRP Z N   
597 C CA  . TRP A 45 ? 0.3917 0.4859 0.4105 -0.0310 0.0302  -0.0005 119 TRP Z CA  
598 C C   . TRP A 45 ? 0.3691 0.4608 0.3972 -0.0354 0.0208  0.0015  119 TRP Z C   
599 O O   . TRP A 45 ? 0.4031 0.4962 0.4405 -0.0431 0.0174  0.0066  119 TRP Z O   
600 C CB  . TRP A 45 ? 0.3923 0.4705 0.3935 -0.0322 0.0273  0.0004  119 TRP Z CB  
601 C CG  . TRP A 45 ? 0.3890 0.4665 0.3783 -0.0270 0.0350  -0.0022 119 TRP Z CG  
602 C CD1 . TRP A 45 ? 0.4211 0.5057 0.4120 -0.0290 0.0429  0.0001  119 TRP Z CD1 
603 C CD2 . TRP A 45 ? 0.3538 0.4236 0.3279 -0.0188 0.0355  -0.0078 119 TRP Z CD2 
604 N NE1 . TRP A 45 ? 0.4377 0.5187 0.4148 -0.0226 0.0479  -0.0035 119 TRP Z NE1 
605 C CE2 . TRP A 45 ? 0.3746 0.4470 0.3417 -0.0163 0.0436  -0.0084 119 TRP Z CE2 
606 C CE3 . TRP A 45 ? 0.3724 0.4327 0.3373 -0.0135 0.0299  -0.0122 119 TRP Z CE3 
607 C CZ2 . TRP A 45 ? 0.3866 0.4530 0.3389 -0.0087 0.0461  -0.0133 119 TRP Z CZ2 
608 C CZ3 . TRP A 45 ? 0.3864 0.4410 0.3368 -0.0058 0.0328  -0.0171 119 TRP Z CZ3 
609 C CH2 . TRP A 45 ? 0.4072 0.4654 0.3519 -0.0035 0.0409  -0.0176 119 TRP Z CH2 
620 N N   . TRP A 46 ? 0.3794 0.4673 0.4049 -0.0307 0.0163  -0.0024 120 TRP Z N   
621 C CA  . TRP A 46 ? 0.3978 0.4829 0.4312 -0.0338 0.0072  -0.0014 120 TRP Z CA  
622 C C   . TRP A 46 ? 0.3772 0.4416 0.3927 -0.0320 -0.0025 -0.0036 120 TRP Z C   
623 O O   . TRP A 46 ? 0.3861 0.4426 0.3868 -0.0252 -0.0015 -0.0084 120 TRP Z O   
624 C CB  . TRP A 46 ? 0.3894 0.4865 0.4344 -0.0297 0.0093  -0.0043 120 TRP Z CB  
625 C CG  . TRP A 46 ? 0.4151 0.5333 0.4798 -0.0315 0.0181  -0.0020 120 TRP Z CG  
626 C CD1 . TRP A 46 ? 0.4196 0.5470 0.4939 -0.0371 0.0235  0.0027  120 TRP Z CD1 
627 C CD2 . TRP A 46 ? 0.3740 0.5060 0.4511 -0.0277 0.0223  -0.0043 120 TRP Z CD2 
628 N NE1 . TRP A 46 ? 0.3907 0.5372 0.4826 -0.0367 0.0310  0.0034  120 TRP Z NE1 
629 C CE2 . TRP A 46 ? 0.3492 0.4989 0.4433 -0.0311 0.0303  -0.0008 120 TRP Z CE2 
630 C CE3 . TRP A 46 ? 0.4122 0.5431 0.4875 -0.0219 0.0200  -0.0089 120 TRP Z CE3 
631 C CZ2 . TRP A 46 ? 0.3601 0.5259 0.4690 -0.0284 0.0362  -0.0019 120 TRP Z CZ2 
632 C CZ3 . TRP A 46 ? 0.4455 0.5927 0.5356 -0.0194 0.0257  -0.0100 120 TRP Z CZ3 
633 C CH2 . TRP A 46 ? 0.3707 0.5352 0.4774 -0.0226 0.0337  -0.0065 120 TRP Z CH2 
644 N N   . GLU A 47 ? 0.4006 0.4563 0.4179 -0.0382 -0.0122 -0.0003 121 GLU Z N   
645 C CA  . GLU A 47 ? 0.4315 0.4677 0.4334 -0.0365 -0.0222 -0.0025 121 GLU Z CA  
646 C C   . GLU A 47 ? 0.4125 0.4507 0.4188 -0.0325 -0.0255 -0.0060 121 GLU Z C   
647 O O   . GLU A 47 ? 0.4276 0.4776 0.4517 -0.0356 -0.0264 -0.0041 121 GLU Z O   
648 C CB  . GLU A 47 ? 0.5627 0.5888 0.5648 -0.0447 -0.0315 0.0024  121 GLU Z CB  
649 C CG  . GLU A 47 ? 0.8217 0.8250 0.8040 -0.0430 -0.0409 0.0004  121 GLU Z CG  
650 C CD  . GLU A 47 ? 1.0236 1.0169 1.0067 -0.0511 -0.0510 0.0051  121 GLU Z CD  
651 O OE1 . GLU A 47 ? 1.0590 1.0619 1.0564 -0.0584 -0.0498 0.0102  121 GLU Z OE1 
652 O OE2 . GLU A 47 ? 1.0867 1.0618 1.0557 -0.0503 -0.0599 0.0037  121 GLU Z OE2 
659 N N   . ALA A 48 ? 0.4107 0.4379 0.4012 -0.0254 -0.0269 -0.0113 122 ALA Z N   
660 C CA  . ALA A 48 ? 0.3907 0.4195 0.3835 -0.0207 -0.0287 -0.0152 122 ALA Z CA  
661 C C   . ALA A 48 ? 0.3817 0.3901 0.3550 -0.0169 -0.0365 -0.0188 122 ALA Z C   
662 O O   . ALA A 48 ? 0.4415 0.4365 0.3980 -0.0154 -0.0373 -0.0196 122 ALA Z O   
663 C CB  . ALA A 48 ? 0.3959 0.4388 0.3926 -0.0142 -0.0181 -0.0189 122 ALA Z CB  
669 N N   . ARG A 49 ? 0.3779 0.3833 0.3534 -0.0153 -0.0423 -0.0208 123 ARG Z N   
670 C CA  . ARG A 49 ? 0.3971 0.3843 0.3544 -0.0106 -0.0484 -0.0250 123 ARG Z CA  
671 C C   . ARG A 49 ? 0.4229 0.4168 0.3796 -0.0030 -0.0427 -0.0304 123 ARG Z C   
672 O O   . ARG A 49 ? 0.4350 0.4421 0.4068 -0.0030 -0.0411 -0.0305 123 ARG Z O   
673 C CB  . ARG A 49 ? 0.4539 0.4296 0.4114 -0.0150 -0.0604 -0.0233 123 ARG Z CB  
674 C CG  . ARG A 49 ? 0.4633 0.4206 0.4022 -0.0096 -0.0661 -0.0280 123 ARG Z CG  
675 C CD  . ARG A 49 ? 0.5598 0.4995 0.4915 -0.0140 -0.0784 -0.0261 123 ARG Z CD  
676 N NE  . ARG A 49 ? 0.6417 0.5885 0.5904 -0.0194 -0.0840 -0.0230 123 ARG Z NE  
677 C CZ  . ARG A 49 ? 0.6741 0.6076 0.6198 -0.0236 -0.0954 -0.0212 123 ARG Z CZ  
678 N NH1 . ARG A 49 ? 0.5840 0.4962 0.5097 -0.0227 -0.1018 -0.0225 123 ARG Z NH1 
679 N NH2 . ARG A 49 ? 0.7102 0.6518 0.6729 -0.0286 -0.1002 -0.0183 123 ARG Z NH2 
693 N N   . SER A 50 ? 0.4196 0.4050 0.3595 0.0036  -0.0396 -0.0348 124 SER Z N   
694 C CA  . SER A 50 ? 0.4149 0.4039 0.3521 0.0109  -0.0355 -0.0401 124 SER Z CA  
695 C C   . SER A 50 ? 0.3811 0.3592 0.3142 0.0118  -0.0443 -0.0422 124 SER Z C   
696 O O   . SER A 50 ? 0.4429 0.4027 0.3626 0.0109  -0.0523 -0.0423 124 SER Z O   
697 C CB  . SER A 50 ? 0.4252 0.4074 0.3452 0.0173  -0.0300 -0.0442 124 SER Z CB  
698 O OG  . SER A 50 ? 0.4637 0.4461 0.3790 0.0242  -0.0276 -0.0495 124 SER Z OG  
704 N N   . LEU A 51 ? 0.4133 0.4496 0.3588 0.0111  -0.0382 -0.0141 125 LEU Z N   
705 C CA  . LEU A 51 ? 0.3763 0.4173 0.3156 0.0114  -0.0455 -0.0117 125 LEU Z CA  
706 C C   . LEU A 51 ? 0.3998 0.4241 0.3245 0.0103  -0.0457 -0.0083 125 LEU Z C   
707 O O   . LEU A 51 ? 0.4419 0.4688 0.3587 0.0081  -0.0511 -0.0063 125 LEU Z O   
708 C CB  . LEU A 51 ? 0.3923 0.4433 0.3381 0.0210  -0.0525 -0.0083 125 LEU Z CB  
709 C CG  . LEU A 51 ? 0.4582 0.5299 0.4202 0.0225  -0.0521 -0.0123 125 LEU Z CG  
710 C CD1 . LEU A 51 ? 0.4924 0.5760 0.4608 0.0325  -0.0608 -0.0097 125 LEU Z CD1 
711 C CD2 . LEU A 51 ? 0.4471 0.5316 0.4123 0.0118  -0.0508 -0.0170 125 LEU Z CD2 
723 N N   . THR A 52 ? 0.4237 0.4322 0.3445 0.0115  -0.0403 -0.0072 126 THR Z N   
724 C CA  . THR A 52 ? 0.4080 0.4024 0.3155 0.0091  -0.0394 -0.0047 126 THR Z CA  
725 C C   . THR A 52 ? 0.4411 0.4342 0.3450 0.0003  -0.0349 -0.0106 126 THR Z C   
726 O O   . THR A 52 ? 0.4606 0.4542 0.3550 -0.0038 -0.0367 -0.0109 126 THR Z O   
727 C CB  . THR A 52 ? 0.4427 0.4215 0.3480 0.0143  -0.0363 -0.0012 126 THR Z CB  
728 O OG1 . THR A 52 ? 0.5000 0.4796 0.4086 0.0232  -0.0413 0.0032  126 THR Z OG1 
729 C CG2 . THR A 52 ? 0.4990 0.4651 0.3906 0.0114  -0.0357 0.0019  126 THR Z CG2 
737 N N   . THR A 53 ? 0.4281 0.4195 0.3391 -0.0026 -0.0293 -0.0156 127 THR Z N   
738 C CA  . THR A 53 ? 0.4112 0.3984 0.3190 -0.0097 -0.0258 -0.0218 127 THR Z CA  
739 C C   . THR A 53 ? 0.4125 0.4108 0.3254 -0.0160 -0.0271 -0.0279 127 THR Z C   
740 O O   . THR A 53 ? 0.4182 0.4135 0.3277 -0.0216 -0.0256 -0.0338 127 THR Z O   
741 C CB  . THR A 53 ? 0.3851 0.3593 0.2957 -0.0096 -0.0200 -0.0233 127 THR Z CB  
742 O OG1 . THR A 53 ? 0.4414 0.4204 0.3619 -0.0097 -0.0189 -0.0238 127 THR Z OG1 
743 C CG2 . THR A 53 ? 0.4393 0.4020 0.3449 -0.0041 -0.0185 -0.0175 127 THR Z CG2 
751 N N   . GLY A 54 ? 0.4086 0.4197 0.3298 -0.0151 -0.0299 -0.0268 128 GLY Z N   
752 C CA  . GLY A 54 ? 0.3914 0.4137 0.3176 -0.0220 -0.0315 -0.0320 128 GLY Z CA  
753 C C   . GLY A 54 ? 0.4003 0.4182 0.3326 -0.0272 -0.0275 -0.0359 128 GLY Z C   
754 O O   . GLY A 54 ? 0.4546 0.4809 0.3907 -0.0340 -0.0292 -0.0399 128 GLY Z O   
758 N N   . GLU A 55 ? 0.4025 0.4066 0.3347 -0.0251 -0.0230 -0.0347 129 GLU Z N   
759 C CA  . GLU A 55 ? 0.4414 0.4383 0.3775 -0.0307 -0.0199 -0.0376 129 GLU Z CA  
760 C C   . GLU A 55 ? 0.4913 0.4984 0.4367 -0.0311 -0.0187 -0.0352 129 GLU Z C   
761 O O   . GLU A 55 ? 0.3999 0.4162 0.3494 -0.0242 -0.0191 -0.0313 129 GLU Z O   
762 C CB  . GLU A 55 ? 0.4444 0.4219 0.3757 -0.0288 -0.0160 -0.0372 129 GLU Z CB  
763 C CG  . GLU A 55 ? 0.5464 0.5159 0.4697 -0.0298 -0.0166 -0.0417 129 GLU Z CG  
764 C CD  . GLU A 55 ? 0.7057 0.6731 0.6290 -0.0376 -0.0184 -0.0491 129 GLU Z CD  
765 O OE1 . GLU A 55 ? 0.7789 0.7362 0.7050 -0.0417 -0.0174 -0.0508 129 GLU Z OE1 
766 O OE2 . GLU A 55 ? 0.7134 0.6884 0.6333 -0.0401 -0.0213 -0.0533 129 GLU Z OE2 
773 N N   . THR A 56 ? 0.4503 0.4560 0.3991 -0.0395 -0.0176 -0.0379 130 THR Z N   
774 C CA  . THR A 56 ? 0.4126 0.4317 0.3701 -0.0423 -0.0163 -0.0364 130 THR Z CA  
775 C C   . THR A 56 ? 0.4138 0.4195 0.3707 -0.0472 -0.0125 -0.0358 130 THR Z C   
776 O O   . THR A 56 ? 0.5050 0.4944 0.4566 -0.0529 -0.0131 -0.0382 130 THR Z O   
777 C CB  . THR A 56 ? 0.4009 0.4356 0.3629 -0.0511 -0.0198 -0.0396 130 THR Z CB  
778 O OG1 . THR A 56 ? 0.4602 0.5090 0.4232 -0.0469 -0.0240 -0.0398 130 THR Z OG1 
779 C CG2 . THR A 56 ? 0.4820 0.5326 0.4532 -0.0557 -0.0179 -0.0386 130 THR Z CG2 
787 N N   . GLY A 57 ? 0.3947 0.4078 0.3568 -0.0449 -0.0092 -0.0329 131 GLY Z N   
788 C CA  . GLY A 57 ? 0.3842 0.3878 0.3457 -0.0510 -0.0059 -0.0319 131 GLY Z CA  
789 C C   . GLY A 57 ? 0.3824 0.3973 0.3497 -0.0468 -0.0018 -0.0293 131 GLY Z C   
790 O O   . GLY A 57 ? 0.4141 0.4453 0.3872 -0.0389 -0.0021 -0.0291 131 GLY Z O   
794 N N   . TYR A 58 ? 0.4040 0.4088 0.3689 -0.0517 0.0017  -0.0277 132 TYR Z N   
795 C CA  . TYR A 58 ? 0.3728 0.3872 0.3417 -0.0482 0.0062  -0.0261 132 TYR Z CA  
796 C C   . TYR A 58 ? 0.4060 0.4095 0.3717 -0.0356 0.0079  -0.0238 132 TYR Z C   
797 O O   . TYR A 58 ? 0.4292 0.4113 0.3872 -0.0336 0.0075  -0.0222 132 TYR Z O   
798 C CB  . TYR A 58 ? 0.3935 0.4003 0.3593 -0.0594 0.0091  -0.0246 132 TYR Z CB  
799 C CG  . TYR A 58 ? 0.4338 0.4565 0.4036 -0.0728 0.0085  -0.0259 132 TYR Z CG  
800 C CD1 . TYR A 58 ? 0.4318 0.4838 0.4114 -0.0728 0.0106  -0.0277 132 TYR Z CD1 
801 C CD2 . TYR A 58 ? 0.4741 0.4826 0.4379 -0.0858 0.0055  -0.0254 132 TYR Z CD2 
802 C CE1 . TYR A 58 ? 0.4817 0.5501 0.4649 -0.0865 0.0103  -0.0286 132 TYR Z CE1 
803 C CE2 . TYR A 58 ? 0.4868 0.5089 0.4531 -0.0998 0.0045  -0.0258 132 TYR Z CE2 
804 C CZ  . TYR A 58 ? 0.5208 0.5738 0.4966 -0.1005 0.0072  -0.0273 132 TYR Z CZ  
805 O OH  . TYR A 58 ? 0.5513 0.6206 0.5297 -0.1158 0.0063  -0.0276 132 TYR Z OH  
815 N N   . ILE A 59 ? 0.3948 0.4131 0.3665 -0.0272 0.0098  -0.0240 133 ILE Z N   
816 C CA  . ILE A 59 ? 0.3852 0.3933 0.3535 -0.0156 0.0108  -0.0219 133 ILE Z CA  
817 C C   . ILE A 59 ? 0.3758 0.3934 0.3482 -0.0135 0.0156  -0.0227 133 ILE Z C   
818 O O   . ILE A 59 ? 0.4149 0.4547 0.3957 -0.0174 0.0173  -0.0255 133 ILE Z O   
819 C CB  . ILE A 59 ? 0.3570 0.3706 0.3272 -0.0046 0.0063  -0.0217 133 ILE Z CB  
820 C CG1 . ILE A 59 ? 0.3746 0.4150 0.3560 -0.0011 0.0049  -0.0247 133 ILE Z CG1 
821 C CG2 . ILE A 59 ? 0.4011 0.4054 0.3655 -0.0072 0.0022  -0.0212 133 ILE Z CG2 
822 C CD1 . ILE A 59 ? 0.4067 0.4509 0.3897 0.0110  -0.0004 -0.0239 133 ILE Z CD1 
834 N N   . PRO A 60 ? 0.3826 0.3850 0.3493 -0.0082 0.0181  -0.0206 134 PRO Z N   
835 C CA  . PRO A 60 ? 0.3928 0.4049 0.3630 -0.0054 0.0228  -0.0222 134 PRO Z CA  
836 C C   . PRO A 60 ? 0.3989 0.4287 0.3776 0.0073  0.0210  -0.0254 134 PRO Z C   
837 O O   . PRO A 60 ? 0.4351 0.4555 0.4112 0.0179  0.0169  -0.0239 134 PRO Z O   
838 C CB  . PRO A 60 ? 0.4612 0.4487 0.4212 -0.0030 0.0247  -0.0189 134 PRO Z CB  
839 C CG  . PRO A 60 ? 0.4180 0.3854 0.3709 -0.0020 0.0208  -0.0156 134 PRO Z CG  
840 C CD  . PRO A 60 ? 0.4072 0.3844 0.3640 -0.0044 0.0168  -0.0170 134 PRO Z CD  
848 N N   . SER A 61 ? 0.4158 0.4714 0.4045 0.0062  0.0237  -0.0299 135 SER Z N   
849 C CA  . SER A 61 ? 0.4117 0.4869 0.4107 0.0189  0.0213  -0.0340 135 SER Z CA  
850 C C   . SER A 61 ? 0.4309 0.4946 0.4270 0.0327  0.0211  -0.0345 135 SER Z C   
851 O O   . SER A 61 ? 0.4830 0.5519 0.4840 0.0455  0.0161  -0.0361 135 SER Z O   
852 C CB  . SER A 61 ? 0.4337 0.5413 0.4449 0.0142  0.0251  -0.0396 135 SER Z CB  
853 O OG  . SER A 61 ? 0.4716 0.5808 0.4804 0.0091  0.0323  -0.0412 135 SER Z OG  
859 N N   . ASN A 62 ? 0.4765 0.5224 0.4634 0.0302  0.0255  -0.0326 136 ASN Z N   
860 C CA  . ASN A 62 ? 0.4552 0.4880 0.4378 0.0425  0.0251  -0.0330 136 ASN Z CA  
861 C C   . ASN A 62 ? 0.4897 0.4963 0.4626 0.0483  0.0190  -0.0272 136 ASN Z C   
862 O O   . ASN A 62 ? 0.4940 0.4863 0.4616 0.0580  0.0173  -0.0265 136 ASN Z O   
863 C CB  . ASN A 62 ? 0.4438 0.4686 0.4200 0.0373  0.0318  -0.0334 136 ASN Z CB  
864 C CG  . ASN A 62 ? 0.5073 0.5097 0.4722 0.0256  0.0331  -0.0273 136 ASN Z CG  
865 O OD1 . ASN A 62 ? 0.4830 0.4865 0.4481 0.0158  0.0321  -0.0252 136 ASN Z OD1 
866 N ND2 . ASN A 62 ? 0.5235 0.5051 0.4786 0.0266  0.0349  -0.0247 136 ASN Z ND2 
873 N N   . TYR A 63 ? 0.4221 0.4229 0.3920 0.0422  0.0159  -0.0235 137 TYR Z N   
874 C CA  . TYR A 63 ? 0.4465 0.4263 0.4073 0.0463  0.0104  -0.0182 137 TYR Z CA  
875 C C   . TYR A 63 ? 0.4626 0.4504 0.4274 0.0542  0.0030  -0.0181 137 TYR Z C   
876 O O   . TYR A 63 ? 0.4754 0.4474 0.4318 0.0573  -0.0021 -0.0135 137 TYR Z O   
877 C CB  . TYR A 63 ? 0.4188 0.3862 0.3726 0.0349  0.0115  -0.0147 137 TYR Z CB  
878 C CG  . TYR A 63 ? 0.4262 0.3738 0.3710 0.0298  0.0156  -0.0120 137 TYR Z CG  
879 C CD1 . TYR A 63 ? 0.4580 0.3860 0.3936 0.0272  0.0139  -0.0077 137 TYR Z CD1 
880 C CD2 . TYR A 63 ? 0.4490 0.3993 0.3948 0.0270  0.0209  -0.0139 137 TYR Z CD2 
881 C CE1 . TYR A 63 ? 0.4459 0.3564 0.3741 0.0229  0.0170  -0.0052 137 TYR Z CE1 
882 C CE2 . TYR A 63 ? 0.4480 0.3798 0.3852 0.0215  0.0241  -0.0110 137 TYR Z CE2 
883 C CZ  . TYR A 63 ? 0.4652 0.3774 0.3943 0.0200  0.0218  -0.0067 137 TYR Z CZ  
884 O OH  . TYR A 63 ? 0.5356 0.4308 0.4573 0.0151  0.0242  -0.0038 137 TYR Z OH  
894 N N   . VAL A 64 ? 0.4435 0.4561 0.4207 0.0576  0.0018  -0.0228 138 VAL Z N   
895 C CA  . VAL A 64 ? 0.4521 0.4741 0.4340 0.0643  -0.0060 -0.0225 138 VAL Z CA  
896 C C   . VAL A 64 ? 0.4563 0.4954 0.4494 0.0769  -0.0084 -0.0278 138 VAL Z C   
897 O O   . VAL A 64 ? 0.4825 0.5331 0.4821 0.0783  -0.0028 -0.0330 138 VAL Z O   
898 C CB  . VAL A 64 ? 0.4552 0.4930 0.4422 0.0549  -0.0068 -0.0232 138 VAL Z CB  
899 C CG1 . VAL A 64 ? 0.4777 0.4980 0.4539 0.0442  -0.0057 -0.0190 138 VAL Z CG1 
900 C CG2 . VAL A 64 ? 0.4406 0.5032 0.4391 0.0484  -0.0013 -0.0286 138 VAL Z CG2 
910 N N   . ALA A 65 ? 0.4534 0.4945 0.4487 0.0862  -0.0173 -0.0266 139 ALA Z N   
911 C CA  . ALA A 65 ? 0.4407 0.4975 0.4477 0.1002  -0.0220 -0.0317 139 ALA Z CA  
912 C C   . ALA A 65 ? 0.4530 0.5213 0.4653 0.1032  -0.0310 -0.0303 139 ALA Z C   
913 O O   . ALA A 65 ? 0.4651 0.5206 0.4677 0.0974  -0.0350 -0.0241 139 ALA Z O   
914 C CB  . ALA A 65 ? 0.4628 0.4983 0.4629 0.1129  -0.0261 -0.0308 139 ALA Z CB  
920 N N   . PRO A 66 ? 0.4698 0.5629 0.4973 0.1122  -0.0345 -0.0361 140 PRO Z N   
921 C CA  . PRO A 66 ? 0.4941 0.5979 0.5271 0.1166  -0.0446 -0.0346 140 PRO Z CA  
922 C C   . PRO A 66 ? 0.5396 0.6174 0.5606 0.1249  -0.0553 -0.0278 140 PRO Z C   
923 O O   . PRO A 66 ? 0.5290 0.5876 0.5438 0.1339  -0.0573 -0.0271 140 PRO Z O   
924 C CB  . PRO A 66 ? 0.4569 0.5911 0.5094 0.1276  -0.0459 -0.0433 140 PRO Z CB  
925 C CG  . PRO A 66 ? 0.4364 0.5800 0.4939 0.1254  -0.0348 -0.0497 140 PRO Z CG  
926 C CD  . PRO A 66 ? 0.4651 0.5779 0.5056 0.1195  -0.0295 -0.0449 140 PRO Z CD  
934 N N   . VAL A 67 ? 0.5916 0.6685 0.6081 0.1207  -0.0625 -0.0225 141 VAL Z N   
935 C CA  . VAL A 67 ? 0.7080 0.7619 0.7121 0.1265  -0.0737 -0.0151 141 VAL Z CA  
936 C C   . VAL A 67 ? 0.8051 0.8630 0.8180 0.1440  -0.0841 -0.0177 141 VAL Z C   
937 O O   . VAL A 67 ? 0.7822 0.8173 0.7869 0.1530  -0.0894 -0.0152 141 VAL Z O   
938 C CB  . VAL A 67 ? 0.7747 0.8290 0.7715 0.1167  -0.0786 -0.0093 141 VAL Z CB  
939 C CG1 . VAL A 67 ? 0.8260 0.8635 0.8128 0.1238  -0.0924 -0.0021 141 VAL Z CG1 
940 C CG2 . VAL A 67 ? 0.8040 0.8444 0.7876 0.1020  -0.0701 -0.0059 141 VAL Z CG2 
950 N N   . ASP A 68 ? 0.9439 1.0296 0.9732 0.1493  -0.0884 -0.0225 142 ASP Z N   
951 C CA  . ASP A 68 ? 1.0978 1.1850 1.1355 0.1675  -0.0999 -0.0251 142 ASP Z CA  
952 C C   . ASP A 68 ? 1.1100 1.2093 1.1605 0.1770  -0.0926 -0.0352 142 ASP Z C   
953 O O   . ASP A 68 ? 1.0399 1.1713 1.1084 0.1788  -0.0876 -0.0438 142 ASP Z O   
954 C CB  . ASP A 68 ? 1.1456 1.2538 1.1948 0.1728  -0.1108 -0.0254 142 ASP Z CB  
955 C CG  . ASP A 68 ? 1.1803 1.2760 1.2308 0.1919  -0.1262 -0.0247 142 ASP Z CG  
956 O OD1 . ASP A 68 ? 1.1886 1.2856 1.2482 0.2057  -0.1257 -0.0322 142 ASP Z OD1 
957 O OD2 . ASP A 68 ? 1.1726 1.2577 1.2155 0.1931  -0.1394 -0.0171 142 ASP Z OD2 
962 N N   . SER A 69 ? 1.1610 1.2337 1.2009 0.1828  -0.0924 -0.0342 143 SER Z N   
963 C CA  . SER A 69 ? 1.1643 1.2340 1.2053 0.1853  -0.0824 -0.0403 143 SER Z CA  
964 C C   . SER A 69 ? 1.1865 1.2339 1.2236 0.2026  -0.0923 -0.0414 143 SER Z C   
965 O O   . SER A 69 ? 1.2060 1.2245 1.2283 0.2049  -0.1029 -0.0328 143 SER Z O   
966 C CB  . SER A 69 ? 1.1159 1.1652 1.1402 0.1694  -0.0725 -0.0344 143 SER Z CB  
967 O OG  . SER A 69 ? 1.0823 1.1117 1.0991 0.1742  -0.0688 -0.0362 143 SER Z OG  
# 
loop_
_pdbx_poly_seq_scheme.asym_id 
_pdbx_poly_seq_scheme.entity_id 
_pdbx_poly_seq_scheme.seq_id 
_pdbx_poly_seq_scheme.mon_id 
_pdbx_poly_seq_scheme.ndb_seq_num 
_pdbx_poly_seq_scheme.pdb_seq_num 
_pdbx_poly_seq_scheme.auth_seq_num 
_pdbx_poly_seq_scheme.pdb_mon_id 
_pdbx_poly_seq_scheme.auth_mon_id 
_pdbx_poly_seq_scheme.pdb_strand_id 
_pdbx_poly_seq_scheme.pdb_ins_code 
_pdbx_poly_seq_scheme.hetero 
A 1 1  LEU 1  75  ?  ?   ?   Z . n 
A 1 2  LEU 2  76  ?  ?   ?   Z . n 
A 1 3  VAL 3  77  ?  ?   ?   Z . n 
A 1 4  PRO 4  78  ?  ?   ?   Z . n 
A 1 5  ARG 5  79  ?  ?   ?   Z . n 
A 1 6  GLY 6  80  ?  ?   ?   Z . n 
A 1 7  SER 7  81  6  SER SER Z . n 
A 1 8  THR 8  82  7  THR THR Z . n 
A 1 9  GLY 9  83  8  GLY GLY Z . n 
A 1 10 VAL 10 84  9  VAL VAL Z . n 
A 1 11 THR 11 85  10 THR THR Z . n 
A 1 12 LEU 12 86  11 LEU LEU Z . n 
A 1 13 PHE 13 87  12 PHE PHE Z . n 
A 1 14 VAL 14 88  13 VAL VAL Z . n 
A 1 15 ALA 15 89  14 ALA ALA Z . n 
A 1 16 LEU 16 90  15 LEU LEU Z . n 
A 1 17 TYR 17 91  16 TYR TYR Z . n 
A 1 18 ASP 18 92  17 ASP ASP Z . n 
A 1 19 TYR 19 93  18 TYR TYR Z . n 
A 1 20 GLU 20 94  19 GLU GLU Z . n 
A 1 21 ALA 21 95  20 ALA ALA Z . n 
A 1 22 TRP 22 96  21 TRP TRP Z . n 
A 1 23 THR 23 97  22 THR THR Z . n 
A 1 24 GLU 24 98  23 GLU GLU Z . n 
A 1 25 ASP 25 99  24 ASP ASP Z . n 
A 1 26 ASP 26 100 25 ASP ASP Z . n 
A 1 27 LEU 27 101 26 LEU LEU Z . n 
A 1 28 SER 28 102 27 SER SER Z . n 
A 1 29 PHE 29 103 28 PHE PHE Z . n 
A 1 30 HIS 30 104 29 HIS HIS Z . n 
A 1 31 LYS 31 105 30 LYS LYS Z . n 
A 1 32 GLY 32 106 31 GLY GLY Z . n 
A 1 33 GLU 33 107 32 GLU GLU Z . n 
A 1 34 LYS 34 108 33 LYS LYS Z . n 
A 1 35 PHE 35 109 34 PHE PHE Z . n 
A 1 36 GLN 36 110 35 GLN GLN Z . n 
A 1 37 ILE 37 111 36 ILE ILE Z . n 
A 1 38 LEU 38 112 37 LEU LEU Z . n 
A 1 39 ASN 39 113 38 ASN ASN Z . n 
A 1 40 SER 40 114 39 SER SER Z . n 
A 1 41 SER 41 115 40 SER SER Z . n 
A 1 42 GLU 42 116 41 GLU GLU Z . n 
A 1 43 GLY 43 117 42 GLY GLY Z . n 
A 1 44 ASP 44 118 43 ASP ASP Z . n 
A 1 45 TRP 45 119 44 TRP TRP Z . n 
A 1 46 TRP 46 120 45 TRP TRP Z . n 
A 1 47 GLU 47 121 46 GLU GLU Z . n 
A 1 48 ALA 48 122 47 ALA ALA Z . n 
A 1 49 ARG 49 123 48 ARG ARG Z . n 
A 1 50 SER 50 124 49 SER SER Z . n 
A 1 51 LEU 51 125 50 LEU LEU Z . n 
A 1 52 THR 52 126 51 THR THR Z . n 
A 1 53 THR 53 127 52 THR THR Z . n 
A 1 54 GLY 54 128 53 GLY GLY Z . n 
A 1 55 GLU 55 129 54 GLU GLU Z . n 
A 1 56 THR 56 130 55 THR THR Z . n 
A 1 57 GLY 57 131 56 GLY GLY Z . n 
A 1 58 TYR 58 132 57 TYR TYR Z . n 
A 1 59 ILE 59 133 58 ILE ILE Z . n 
A 1 60 PRO 60 134 59 PRO PRO Z . n 
A 1 61 SER 61 135 60 SER SER Z . n 
A 1 62 ASN 62 136 61 ASN ASN Z . n 
A 1 63 TYR 63 137 62 TYR TYR Z . n 
A 1 64 VAL 64 138 63 VAL VAL Z . n 
A 1 65 ALA 65 139 64 ALA ALA Z . n 
A 1 66 PRO 66 140 65 PRO PRO Z . n 
A 1 67 VAL 67 141 66 VAL VAL Z . n 
A 1 68 ASP 68 142 67 ASP ASP Z . n 
A 1 69 SER 69 143 68 SER SER Z . n 
A 1 70 ILE 70 144 ?  ?   ?   Z . n 
# 
loop_
_pdbx_nonpoly_scheme.asym_id 
_pdbx_nonpoly_scheme.entity_id 
_pdbx_nonpoly_scheme.mon_id 
_pdbx_nonpoly_scheme.ndb_seq_num 
_pdbx_nonpoly_scheme.pdb_seq_num 
_pdbx_nonpoly_scheme.auth_seq_num 
_pdbx_nonpoly_scheme.pdb_mon_id 
_pdbx_nonpoly_scheme.auth_mon_id 
_pdbx_nonpoly_scheme.pdb_strand_id 
_pdbx_nonpoly_scheme.pdb_ins_code 
B 2 O4B 1  201 202 O4B O4B Z . 
C 2 O4B 1  202 202 O4B O4B Z . 
D 3 HOH 1  301 13  HOH HOH Z . 
D 3 HOH 2  302 5   HOH HOH Z . 
D 3 HOH 3  303 18  HOH HOH Z . 
D 3 HOH 4  304 23  HOH HOH Z . 
D 3 HOH 5  305 17  HOH HOH Z . 
D 3 HOH 6  306 2   HOH HOH Z . 
D 3 HOH 7  307 1   HOH HOH Z . 
D 3 HOH 8  308 10  HOH HOH Z . 
D 3 HOH 9  309 8   HOH HOH Z . 
D 3 HOH 10 310 3   HOH HOH Z . 
D 3 HOH 11 311 4   HOH HOH Z . 
D 3 HOH 12 312 20  HOH HOH Z . 
D 3 HOH 13 313 12  HOH HOH Z . 
D 3 HOH 14 314 11  HOH HOH Z . 
D 3 HOH 15 315 7   HOH HOH Z . 
D 3 HOH 16 316 16  HOH HOH Z . 
D 3 HOH 17 317 15  HOH HOH Z . 
D 3 HOH 18 318 14  HOH HOH Z . 
D 3 HOH 19 319 19  HOH HOH Z . 
D 3 HOH 20 320 6   HOH HOH Z . 
D 3 HOH 21 321 9   HOH HOH Z . 
D 3 HOH 22 322 22  HOH HOH Z . 
D 3 HOH 23 323 21  HOH HOH Z . 
# 
_pdbx_struct_assembly.id                   1 
_pdbx_struct_assembly.details              author_defined_assembly 
_pdbx_struct_assembly.method_details       ? 
_pdbx_struct_assembly.oligomeric_details   monomeric 
_pdbx_struct_assembly.oligomeric_count     1 
# 
_pdbx_struct_assembly_gen.assembly_id       1 
_pdbx_struct_assembly_gen.oper_expression   1 
_pdbx_struct_assembly_gen.asym_id_list      A,B,C,D 
# 
_pdbx_struct_oper_list.id                   1 
_pdbx_struct_oper_list.type                 'identity operation' 
_pdbx_struct_oper_list.name                 1_555 
_pdbx_struct_oper_list.symmetry_operation   x,y,z 
_pdbx_struct_oper_list.matrix[1][1]         1.0000000000 
_pdbx_struct_oper_list.matrix[1][2]         0.0000000000 
_pdbx_struct_oper_list.matrix[1][3]         0.0000000000 
_pdbx_struct_oper_list.vector[1]            0.0000000000 
_pdbx_struct_oper_list.matrix[2][1]         0.0000000000 
_pdbx_struct_oper_list.matrix[2][2]         1.0000000000 
_pdbx_struct_oper_list.matrix[2][3]         0.0000000000 
_pdbx_struct_oper_list.vector[2]            0.0000000000 
_pdbx_struct_oper_list.matrix[3][1]         0.0000000000 
_pdbx_struct_oper_list.matrix[3][2]         0.0000000000 
_pdbx_struct_oper_list.matrix[3][3]         1.0000000000 
_pdbx_struct_oper_list.vector[3]            0.0000000000 
# 
_pdbx_struct_special_symmetry.id              1 
_pdbx_struct_special_symmetry.PDB_model_num   1 
_pdbx_struct_special_symmetry.auth_asym_id    Z 
_pdbx_struct_special_symmetry.auth_comp_id    HOH 
_pdbx_struct_special_symmetry.auth_seq_id     312 
_pdbx_struct_special_symmetry.PDB_ins_code    ? 
_pdbx_struct_special_symmetry.label_asym_id   D 
_pdbx_struct_special_symmetry.label_comp_id   HOH 
_pdbx_struct_special_symmetry.label_seq_id    . 
# 
loop_
_pdbx_audit_revision_history.ordinal 
_pdbx_audit_revision_history.data_content_type 
_pdbx_audit_revision_history.major_revision 
_pdbx_audit_revision_history.minor_revision 
_pdbx_audit_revision_history.revision_date 
1 'Structure model' 1 0 2018-11-28 
2 'Structure model' 1 1 2021-10-20 
3 'Structure model' 1 2 2023-11-22 
# 
_pdbx_audit_revision_details.ordinal             1 
_pdbx_audit_revision_details.revision_ordinal    1 
_pdbx_audit_revision_details.data_content_type   'Structure model' 
_pdbx_audit_revision_details.provider            repository 
_pdbx_audit_revision_details.type                'Initial release' 
_pdbx_audit_revision_details.description         ? 
_pdbx_audit_revision_details.details             ? 
# 
loop_
_pdbx_audit_revision_group.ordinal 
_pdbx_audit_revision_group.revision_ordinal 
_pdbx_audit_revision_group.data_content_type 
_pdbx_audit_revision_group.group 
1 2 'Structure model' 'Database references'    
2 3 'Structure model' 'Data collection'        
3 3 'Structure model' 'Refinement description' 
# 
loop_
_pdbx_audit_revision_category.ordinal 
_pdbx_audit_revision_category.revision_ordinal 
_pdbx_audit_revision_category.data_content_type 
_pdbx_audit_revision_category.category 
1 2 'Structure model' citation                      
2 2 'Structure model' citation_author               
3 2 'Structure model' database_2                    
4 3 'Structure model' chem_comp_atom                
5 3 'Structure model' chem_comp_bond                
6 3 'Structure model' pdbx_initial_refinement_model 
# 
loop_
_pdbx_audit_revision_item.ordinal 
_pdbx_audit_revision_item.revision_ordinal 
_pdbx_audit_revision_item.data_content_type 
_pdbx_audit_revision_item.item 
1  2 'Structure model' '_citation.country'                   
2  2 'Structure model' '_citation.journal_abbrev'            
3  2 'Structure model' '_citation.journal_id_ASTM'           
4  2 'Structure model' '_citation.journal_id_CSD'            
5  2 'Structure model' '_citation.journal_id_ISSN'           
6  2 'Structure model' '_citation.journal_volume'            
7  2 'Structure model' '_citation.page_first'                
8  2 'Structure model' '_citation.page_last'                 
9  2 'Structure model' '_citation.pdbx_database_id_DOI'      
10 2 'Structure model' '_citation.pdbx_database_id_PubMed'   
11 2 'Structure model' '_citation.title'                     
12 2 'Structure model' '_citation.year'                      
13 2 'Structure model' '_database_2.pdbx_DOI'                
14 2 'Structure model' '_database_2.pdbx_database_accession' 
# 
loop_
_pdbx_refine_tls.pdbx_refine_id 
_pdbx_refine_tls.id 
_pdbx_refine_tls.details 
_pdbx_refine_tls.method 
_pdbx_refine_tls.origin_x 
_pdbx_refine_tls.origin_y 
_pdbx_refine_tls.origin_z 
_pdbx_refine_tls.T[1][1] 
_pdbx_refine_tls.T[2][2] 
_pdbx_refine_tls.T[3][3] 
_pdbx_refine_tls.T[1][2] 
_pdbx_refine_tls.T[1][3] 
_pdbx_refine_tls.T[2][3] 
_pdbx_refine_tls.L[1][1] 
_pdbx_refine_tls.L[2][2] 
_pdbx_refine_tls.L[3][3] 
_pdbx_refine_tls.L[1][2] 
_pdbx_refine_tls.L[1][3] 
_pdbx_refine_tls.L[2][3] 
_pdbx_refine_tls.S[1][1] 
_pdbx_refine_tls.S[2][2] 
_pdbx_refine_tls.S[3][3] 
_pdbx_refine_tls.S[1][2] 
_pdbx_refine_tls.S[1][3] 
_pdbx_refine_tls.S[2][3] 
_pdbx_refine_tls.S[2][1] 
_pdbx_refine_tls.S[3][1] 
_pdbx_refine_tls.S[3][2] 
'X-RAY DIFFRACTION' 1 ? refined -10.6359 4.6857  -8.4582 0.5025 0.7443 0.6100 0.2384  -0.0859 -0.1415 1.3023 2.9191 3.6718 1.7560  -0.8026 -2.4110 -0.3235 0.6670  -0.2200 -0.2096 0.0987  0.1970 -0.1922 0.5959  0.0433  
'X-RAY DIFFRACTION' 2 ? refined 5.3258   4.1597  2.8178  0.3793 0.3447 0.3419 0.0203  -0.0269 -0.0040 0.0663 0.5654 0.9552 0.1780  0.1409  0.2093  -0.1520 -0.0812 0.1699  -0.1379 0.3989  0.0278 0.2934  -0.4936 -0.1257 
'X-RAY DIFFRACTION' 3 ? refined 3.5243   -3.2721 0.6063  0.3030 0.3392 0.3295 -0.0158 -0.0060 -0.0042 1.9397 0.8112 1.9058 0.2486  0.8017  1.1270  0.0031  0.0231  0.0590  -0.0021 -0.1655 0.0753 -0.0524 0.0463  -0.2778 
'X-RAY DIFFRACTION' 4 ? refined -6.5445  -4.7931 8.7814  0.8897 0.7731 0.5938 0.1222  0.1571  0.0436  0.0263 0.0657 0.5310 -0.0043 -0.1138 -0.0521 -0.1197 0.3413  -0.3093 -0.1568 -1.3191 0.2004 0.5492  0.4606  -0.3862 
'X-RAY DIFFRACTION' 5 ? refined -1.9944  -3.6413 0.9081  0.3595 0.4047 0.3569 -0.0218 -0.0132 -0.0123 0.0052 0.3757 0.2718 0.0190  0.0520  -0.0352 0.0971  0.0372  -0.1545 -0.1178 -0.0817 0.3656 -0.1102 0.2883  -0.1986 
'X-RAY DIFFRACTION' 6 ? refined 0.1721   1.7947  -0.0404 0.3469 0.3805 0.3235 0.0288  -0.0109 -0.0192 0.9145 0.5993 1.3575 0.4621  0.6429  0.2208  -0.0342 -0.0290 0.1352  0.0636  0.0448  0.2829 -0.0715 -0.0957 -0.4778 
# 
loop_
_pdbx_refine_tls_group.pdbx_refine_id 
_pdbx_refine_tls_group.id 
_pdbx_refine_tls_group.refine_tls_id 
_pdbx_refine_tls_group.beg_auth_asym_id 
_pdbx_refine_tls_group.beg_auth_seq_id 
_pdbx_refine_tls_group.end_auth_asym_id 
_pdbx_refine_tls_group.end_auth_seq_id 
_pdbx_refine_tls_group.selection_details 
_pdbx_refine_tls_group.beg_label_asym_id 
_pdbx_refine_tls_group.beg_label_seq_id 
_pdbx_refine_tls_group.end_label_asym_id 
_pdbx_refine_tls_group.end_label_seq_id 
_pdbx_refine_tls_group.selection 
'X-RAY DIFFRACTION' 1 1 Z 81  Z 86  '( CHAIN Z AND RESID 81:86 )'   ? ? ? ? ? 
'X-RAY DIFFRACTION' 2 2 Z 87  Z 94  '( CHAIN Z AND RESID 87:94 )'   ? ? ? ? ? 
'X-RAY DIFFRACTION' 3 3 Z 95  Z 113 '( CHAIN Z AND RESID 95:113 )'  ? ? ? ? ? 
'X-RAY DIFFRACTION' 4 4 Z 114 Z 118 '( CHAIN Z AND RESID 114:118 )' ? ? ? ? ? 
'X-RAY DIFFRACTION' 5 5 Z 119 Z 124 '( CHAIN Z AND RESID 119:124 )' ? ? ? ? ? 
'X-RAY DIFFRACTION' 6 6 Z 125 Z 143 '( CHAIN Z AND RESID 125:143 )' ? ? ? ? ? 
# 
_phasing.method   MR 
# 
loop_
_software.citation_id 
_software.classification 
_software.compiler_name 
_software.compiler_version 
_software.contact_author 
_software.contact_author_email 
_software.date 
_software.description 
_software.dependencies 
_software.hardware 
_software.language 
_software.location 
_software.mods 
_software.name 
_software.os 
_software.os_version 
_software.type 
_software.version 
_software.pdbx_ordinal 
? 'data reduction'  ? ? ? ? ? ? ? ? ? ? ? XDS         ? ? ? .                  1 
? 'data scaling'    ? ? ? ? ? ? ? ? ? ? ? XSCALE      ? ? ? .                  2 
? refinement        ? ? ? ? ? ? ? ? ? ? ? PHENIX      ? ? ? '(1.14_3260: ???)' 3 
? 'data extraction' ? ? ? ? ? ? ? ? ? ? ? PDB_EXTRACT ? ? ? 3.24               4 
? phasing           ? ? ? ? ? ? ? ? ? ? ? MOLREP      ? ? ? .                  5 
# 
loop_
_pdbx_validate_close_contact.id 
_pdbx_validate_close_contact.PDB_model_num 
_pdbx_validate_close_contact.auth_atom_id_1 
_pdbx_validate_close_contact.auth_asym_id_1 
_pdbx_validate_close_contact.auth_comp_id_1 
_pdbx_validate_close_contact.auth_seq_id_1 
_pdbx_validate_close_contact.PDB_ins_code_1 
_pdbx_validate_close_contact.label_alt_id_1 
_pdbx_validate_close_contact.auth_atom_id_2 
_pdbx_validate_close_contact.auth_asym_id_2 
_pdbx_validate_close_contact.auth_comp_id_2 
_pdbx_validate_close_contact.auth_seq_id_2 
_pdbx_validate_close_contact.PDB_ins_code_2 
_pdbx_validate_close_contact.label_alt_id_2 
_pdbx_validate_close_contact.dist 
1 1 HH Z TYR 91 ? ? O Z HOH 301 ? ? 1.45 
2 1 OH Z TYR 91 ? ? O Z HOH 301 ? ? 2.02 
# 
loop_
_pdbx_validate_torsion.id 
_pdbx_validate_torsion.PDB_model_num 
_pdbx_validate_torsion.auth_comp_id 
_pdbx_validate_torsion.auth_asym_id 
_pdbx_validate_torsion.auth_seq_id 
_pdbx_validate_torsion.PDB_ins_code 
_pdbx_validate_torsion.label_alt_id 
_pdbx_validate_torsion.phi 
_pdbx_validate_torsion.psi 
1 1 THR Z 97 ? ? -126.09 -167.92 
2 1 THR Z 97 ? ? -126.09 -169.36 
# 
loop_
_pdbx_unobs_or_zero_occ_residues.id 
_pdbx_unobs_or_zero_occ_residues.PDB_model_num 
_pdbx_unobs_or_zero_occ_residues.polymer_flag 
_pdbx_unobs_or_zero_occ_residues.occupancy_flag 
_pdbx_unobs_or_zero_occ_residues.auth_asym_id 
_pdbx_unobs_or_zero_occ_residues.auth_comp_id 
_pdbx_unobs_or_zero_occ_residues.auth_seq_id 
_pdbx_unobs_or_zero_occ_residues.PDB_ins_code 
_pdbx_unobs_or_zero_occ_residues.label_asym_id 
_pdbx_unobs_or_zero_occ_residues.label_comp_id 
_pdbx_unobs_or_zero_occ_residues.label_seq_id 
1 1 Y 1 Z LEU 75  ? A LEU 1  
2 1 Y 1 Z LEU 76  ? A LEU 2  
3 1 Y 1 Z VAL 77  ? A VAL 3  
4 1 Y 1 Z PRO 78  ? A PRO 4  
5 1 Y 1 Z ARG 79  ? A ARG 5  
6 1 Y 1 Z GLY 80  ? A GLY 6  
7 1 Y 1 Z ILE 144 ? A ILE 70 
# 
loop_
_chem_comp_atom.comp_id 
_chem_comp_atom.atom_id 
_chem_comp_atom.type_symbol 
_chem_comp_atom.pdbx_aromatic_flag 
_chem_comp_atom.pdbx_stereo_config 
_chem_comp_atom.pdbx_ordinal 
ALA N    N N N 1   
ALA CA   C N S 2   
ALA C    C N N 3   
ALA O    O N N 4   
ALA CB   C N N 5   
ALA OXT  O N N 6   
ALA H    H N N 7   
ALA H2   H N N 8   
ALA HA   H N N 9   
ALA HB1  H N N 10  
ALA HB2  H N N 11  
ALA HB3  H N N 12  
ALA HXT  H N N 13  
ARG N    N N N 14  
ARG CA   C N S 15  
ARG C    C N N 16  
ARG O    O N N 17  
ARG CB   C N N 18  
ARG CG   C N N 19  
ARG CD   C N N 20  
ARG NE   N N N 21  
ARG CZ   C N N 22  
ARG NH1  N N N 23  
ARG NH2  N N N 24  
ARG OXT  O N N 25  
ARG H    H N N 26  
ARG H2   H N N 27  
ARG HA   H N N 28  
ARG HB2  H N N 29  
ARG HB3  H N N 30  
ARG HG2  H N N 31  
ARG HG3  H N N 32  
ARG HD2  H N N 33  
ARG HD3  H N N 34  
ARG HE   H N N 35  
ARG HH11 H N N 36  
ARG HH12 H N N 37  
ARG HH21 H N N 38  
ARG HH22 H N N 39  
ARG HXT  H N N 40  
ASN N    N N N 41  
ASN CA   C N S 42  
ASN C    C N N 43  
ASN O    O N N 44  
ASN CB   C N N 45  
ASN CG   C N N 46  
ASN OD1  O N N 47  
ASN ND2  N N N 48  
ASN OXT  O N N 49  
ASN H    H N N 50  
ASN H2   H N N 51  
ASN HA   H N N 52  
ASN HB2  H N N 53  
ASN HB3  H N N 54  
ASN HD21 H N N 55  
ASN HD22 H N N 56  
ASN HXT  H N N 57  
ASP N    N N N 58  
ASP CA   C N S 59  
ASP C    C N N 60  
ASP O    O N N 61  
ASP CB   C N N 62  
ASP CG   C N N 63  
ASP OD1  O N N 64  
ASP OD2  O N N 65  
ASP OXT  O N N 66  
ASP H    H N N 67  
ASP H2   H N N 68  
ASP HA   H N N 69  
ASP HB2  H N N 70  
ASP HB3  H N N 71  
ASP HD2  H N N 72  
ASP HXT  H N N 73  
GLN N    N N N 74  
GLN CA   C N S 75  
GLN C    C N N 76  
GLN O    O N N 77  
GLN CB   C N N 78  
GLN CG   C N N 79  
GLN CD   C N N 80  
GLN OE1  O N N 81  
GLN NE2  N N N 82  
GLN OXT  O N N 83  
GLN H    H N N 84  
GLN H2   H N N 85  
GLN HA   H N N 86  
GLN HB2  H N N 87  
GLN HB3  H N N 88  
GLN HG2  H N N 89  
GLN HG3  H N N 90  
GLN HE21 H N N 91  
GLN HE22 H N N 92  
GLN HXT  H N N 93  
GLU N    N N N 94  
GLU CA   C N S 95  
GLU C    C N N 96  
GLU O    O N N 97  
GLU CB   C N N 98  
GLU CG   C N N 99  
GLU CD   C N N 100 
GLU OE1  O N N 101 
GLU OE2  O N N 102 
GLU OXT  O N N 103 
GLU H    H N N 104 
GLU H2   H N N 105 
GLU HA   H N N 106 
GLU HB2  H N N 107 
GLU HB3  H N N 108 
GLU HG2  H N N 109 
GLU HG3  H N N 110 
GLU HE2  H N N 111 
GLU HXT  H N N 112 
GLY N    N N N 113 
GLY CA   C N N 114 
GLY C    C N N 115 
GLY O    O N N 116 
GLY OXT  O N N 117 
GLY H    H N N 118 
GLY H2   H N N 119 
GLY HA2  H N N 120 
GLY HA3  H N N 121 
GLY HXT  H N N 122 
HIS N    N N N 123 
HIS CA   C N S 124 
HIS C    C N N 125 
HIS O    O N N 126 
HIS CB   C N N 127 
HIS CG   C Y N 128 
HIS ND1  N Y N 129 
HIS CD2  C Y N 130 
HIS CE1  C Y N 131 
HIS NE2  N Y N 132 
HIS OXT  O N N 133 
HIS H    H N N 134 
HIS H2   H N N 135 
HIS HA   H N N 136 
HIS HB2  H N N 137 
HIS HB3  H N N 138 
HIS HD1  H N N 139 
HIS HD2  H N N 140 
HIS HE1  H N N 141 
HIS HE2  H N N 142 
HIS HXT  H N N 143 
HOH O    O N N 144 
HOH H1   H N N 145 
HOH H2   H N N 146 
ILE N    N N N 147 
ILE CA   C N S 148 
ILE C    C N N 149 
ILE O    O N N 150 
ILE CB   C N S 151 
ILE CG1  C N N 152 
ILE CG2  C N N 153 
ILE CD1  C N N 154 
ILE OXT  O N N 155 
ILE H    H N N 156 
ILE H2   H N N 157 
ILE HA   H N N 158 
ILE HB   H N N 159 
ILE HG12 H N N 160 
ILE HG13 H N N 161 
ILE HG21 H N N 162 
ILE HG22 H N N 163 
ILE HG23 H N N 164 
ILE HD11 H N N 165 
ILE HD12 H N N 166 
ILE HD13 H N N 167 
ILE HXT  H N N 168 
LEU N    N N N 169 
LEU CA   C N S 170 
LEU C    C N N 171 
LEU O    O N N 172 
LEU CB   C N N 173 
LEU CG   C N N 174 
LEU CD1  C N N 175 
LEU CD2  C N N 176 
LEU OXT  O N N 177 
LEU H    H N N 178 
LEU H2   H N N 179 
LEU HA   H N N 180 
LEU HB2  H N N 181 
LEU HB3  H N N 182 
LEU HG   H N N 183 
LEU HD11 H N N 184 
LEU HD12 H N N 185 
LEU HD13 H N N 186 
LEU HD21 H N N 187 
LEU HD22 H N N 188 
LEU HD23 H N N 189 
LEU HXT  H N N 190 
LYS N    N N N 191 
LYS CA   C N S 192 
LYS C    C N N 193 
LYS O    O N N 194 
LYS CB   C N N 195 
LYS CG   C N N 196 
LYS CD   C N N 197 
LYS CE   C N N 198 
LYS NZ   N N N 199 
LYS OXT  O N N 200 
LYS H    H N N 201 
LYS H2   H N N 202 
LYS HA   H N N 203 
LYS HB2  H N N 204 
LYS HB3  H N N 205 
LYS HG2  H N N 206 
LYS HG3  H N N 207 
LYS HD2  H N N 208 
LYS HD3  H N N 209 
LYS HE2  H N N 210 
LYS HE3  H N N 211 
LYS HZ1  H N N 212 
LYS HZ2  H N N 213 
LYS HZ3  H N N 214 
LYS HXT  H N N 215 
O4B CAA  C N N 216 
O4B OAM  O N N 217 
O4B CAC  C N N 218 
O4B CAD  C N N 219 
O4B OAO  O N N 220 
O4B CAG  C N N 221 
O4B CAH  C N N 222 
O4B OAQ  O N N 223 
O4B CAK  C N N 224 
O4B CAL  C N N 225 
O4B OAR  O N N 226 
O4B CAJ  C N N 227 
O4B CAI  C N N 228 
O4B OAP  O N N 229 
O4B CAF  C N N 230 
O4B CAE  C N N 231 
O4B OAN  O N N 232 
O4B CAB  C N N 233 
O4B HAA1 H N N 234 
O4B HAA2 H N N 235 
O4B HAB1 H N N 236 
O4B HAB2 H N N 237 
O4B HAC1 H N N 238 
O4B HAC2 H N N 239 
O4B HAD1 H N N 240 
O4B HAD2 H N N 241 
O4B HAG1 H N N 242 
O4B HAG2 H N N 243 
O4B HAH1 H N N 244 
O4B HAH2 H N N 245 
O4B HAK1 H N N 246 
O4B HAK2 H N N 247 
O4B HAL1 H N N 248 
O4B HAL2 H N N 249 
O4B HAJ1 H N N 250 
O4B HAJ2 H N N 251 
O4B HAI1 H N N 252 
O4B HAI2 H N N 253 
O4B HAF1 H N N 254 
O4B HAF2 H N N 255 
O4B HAE1 H N N 256 
O4B HAE2 H N N 257 
PHE N    N N N 258 
PHE CA   C N S 259 
PHE C    C N N 260 
PHE O    O N N 261 
PHE CB   C N N 262 
PHE CG   C Y N 263 
PHE CD1  C Y N 264 
PHE CD2  C Y N 265 
PHE CE1  C Y N 266 
PHE CE2  C Y N 267 
PHE CZ   C Y N 268 
PHE OXT  O N N 269 
PHE H    H N N 270 
PHE H2   H N N 271 
PHE HA   H N N 272 
PHE HB2  H N N 273 
PHE HB3  H N N 274 
PHE HD1  H N N 275 
PHE HD2  H N N 276 
PHE HE1  H N N 277 
PHE HE2  H N N 278 
PHE HZ   H N N 279 
PHE HXT  H N N 280 
PRO N    N N N 281 
PRO CA   C N S 282 
PRO C    C N N 283 
PRO O    O N N 284 
PRO CB   C N N 285 
PRO CG   C N N 286 
PRO CD   C N N 287 
PRO OXT  O N N 288 
PRO H    H N N 289 
PRO HA   H N N 290 
PRO HB2  H N N 291 
PRO HB3  H N N 292 
PRO HG2  H N N 293 
PRO HG3  H N N 294 
PRO HD2  H N N 295 
PRO HD3  H N N 296 
PRO HXT  H N N 297 
SER N    N N N 298 
SER CA   C N S 299 
SER C    C N N 300 
SER O    O N N 301 
SER CB   C N N 302 
SER OG   O N N 303 
SER OXT  O N N 304 
SER H    H N N 305 
SER H2   H N N 306 
SER HA   H N N 307 
SER HB2  H N N 308 
SER HB3  H N N 309 
SER HG   H N N 310 
SER HXT  H N N 311 
THR N    N N N 312 
THR CA   C N S 313 
THR C    C N N 314 
THR O    O N N 315 
THR CB   C N R 316 
THR OG1  O N N 317 
THR CG2  C N N 318 
THR OXT  O N N 319 
THR H    H N N 320 
THR H2   H N N 321 
THR HA   H N N 322 
THR HB   H N N 323 
THR HG1  H N N 324 
THR HG21 H N N 325 
THR HG22 H N N 326 
THR HG23 H N N 327 
THR HXT  H N N 328 
TRP N    N N N 329 
TRP CA   C N S 330 
TRP C    C N N 331 
TRP O    O N N 332 
TRP CB   C N N 333 
TRP CG   C Y N 334 
TRP CD1  C Y N 335 
TRP CD2  C Y N 336 
TRP NE1  N Y N 337 
TRP CE2  C Y N 338 
TRP CE3  C Y N 339 
TRP CZ2  C Y N 340 
TRP CZ3  C Y N 341 
TRP CH2  C Y N 342 
TRP OXT  O N N 343 
TRP H    H N N 344 
TRP H2   H N N 345 
TRP HA   H N N 346 
TRP HB2  H N N 347 
TRP HB3  H N N 348 
TRP HD1  H N N 349 
TRP HE1  H N N 350 
TRP HE3  H N N 351 
TRP HZ2  H N N 352 
TRP HZ3  H N N 353 
TRP HH2  H N N 354 
TRP HXT  H N N 355 
TYR N    N N N 356 
TYR CA   C N S 357 
TYR C    C N N 358 
TYR O    O N N 359 
TYR CB   C N N 360 
TYR CG   C Y N 361 
TYR CD1  C Y N 362 
TYR CD2  C Y N 363 
TYR CE1  C Y N 364 
TYR CE2  C Y N 365 
TYR CZ   C Y N 366 
TYR OH   O N N 367 
TYR OXT  O N N 368 
TYR H    H N N 369 
TYR H2   H N N 370 
TYR HA   H N N 371 
TYR HB2  H N N 372 
TYR HB3  H N N 373 
TYR HD1  H N N 374 
TYR HD2  H N N 375 
TYR HE1  H N N 376 
TYR HE2  H N N 377 
TYR HH   H N N 378 
TYR HXT  H N N 379 
VAL N    N N N 380 
VAL CA   C N S 381 
VAL C    C N N 382 
VAL O    O N N 383 
VAL CB   C N N 384 
VAL CG1  C N N 385 
VAL CG2  C N N 386 
VAL OXT  O N N 387 
VAL H    H N N 388 
VAL H2   H N N 389 
VAL HA   H N N 390 
VAL HB   H N N 391 
VAL HG11 H N N 392 
VAL HG12 H N N 393 
VAL HG13 H N N 394 
VAL HG21 H N N 395 
VAL HG22 H N N 396 
VAL HG23 H N N 397 
VAL HXT  H N N 398 
# 
loop_
_chem_comp_bond.comp_id 
_chem_comp_bond.atom_id_1 
_chem_comp_bond.atom_id_2 
_chem_comp_bond.value_order 
_chem_comp_bond.pdbx_aromatic_flag 
_chem_comp_bond.pdbx_stereo_config 
_chem_comp_bond.pdbx_ordinal 
ALA N   CA   sing N N 1   
ALA N   H    sing N N 2   
ALA N   H2   sing N N 3   
ALA CA  C    sing N N 4   
ALA CA  CB   sing N N 5   
ALA CA  HA   sing N N 6   
ALA C   O    doub N N 7   
ALA C   OXT  sing N N 8   
ALA CB  HB1  sing N N 9   
ALA CB  HB2  sing N N 10  
ALA CB  HB3  sing N N 11  
ALA OXT HXT  sing N N 12  
ARG N   CA   sing N N 13  
ARG N   H    sing N N 14  
ARG N   H2   sing N N 15  
ARG CA  C    sing N N 16  
ARG CA  CB   sing N N 17  
ARG CA  HA   sing N N 18  
ARG C   O    doub N N 19  
ARG C   OXT  sing N N 20  
ARG CB  CG   sing N N 21  
ARG CB  HB2  sing N N 22  
ARG CB  HB3  sing N N 23  
ARG CG  CD   sing N N 24  
ARG CG  HG2  sing N N 25  
ARG CG  HG3  sing N N 26  
ARG CD  NE   sing N N 27  
ARG CD  HD2  sing N N 28  
ARG CD  HD3  sing N N 29  
ARG NE  CZ   sing N N 30  
ARG NE  HE   sing N N 31  
ARG CZ  NH1  sing N N 32  
ARG CZ  NH2  doub N N 33  
ARG NH1 HH11 sing N N 34  
ARG NH1 HH12 sing N N 35  
ARG NH2 HH21 sing N N 36  
ARG NH2 HH22 sing N N 37  
ARG OXT HXT  sing N N 38  
ASN N   CA   sing N N 39  
ASN N   H    sing N N 40  
ASN N   H2   sing N N 41  
ASN CA  C    sing N N 42  
ASN CA  CB   sing N N 43  
ASN CA  HA   sing N N 44  
ASN C   O    doub N N 45  
ASN C   OXT  sing N N 46  
ASN CB  CG   sing N N 47  
ASN CB  HB2  sing N N 48  
ASN CB  HB3  sing N N 49  
ASN CG  OD1  doub N N 50  
ASN CG  ND2  sing N N 51  
ASN ND2 HD21 sing N N 52  
ASN ND2 HD22 sing N N 53  
ASN OXT HXT  sing N N 54  
ASP N   CA   sing N N 55  
ASP N   H    sing N N 56  
ASP N   H2   sing N N 57  
ASP CA  C    sing N N 58  
ASP CA  CB   sing N N 59  
ASP CA  HA   sing N N 60  
ASP C   O    doub N N 61  
ASP C   OXT  sing N N 62  
ASP CB  CG   sing N N 63  
ASP CB  HB2  sing N N 64  
ASP CB  HB3  sing N N 65  
ASP CG  OD1  doub N N 66  
ASP CG  OD2  sing N N 67  
ASP OD2 HD2  sing N N 68  
ASP OXT HXT  sing N N 69  
GLN N   CA   sing N N 70  
GLN N   H    sing N N 71  
GLN N   H2   sing N N 72  
GLN CA  C    sing N N 73  
GLN CA  CB   sing N N 74  
GLN CA  HA   sing N N 75  
GLN C   O    doub N N 76  
GLN C   OXT  sing N N 77  
GLN CB  CG   sing N N 78  
GLN CB  HB2  sing N N 79  
GLN CB  HB3  sing N N 80  
GLN CG  CD   sing N N 81  
GLN CG  HG2  sing N N 82  
GLN CG  HG3  sing N N 83  
GLN CD  OE1  doub N N 84  
GLN CD  NE2  sing N N 85  
GLN NE2 HE21 sing N N 86  
GLN NE2 HE22 sing N N 87  
GLN OXT HXT  sing N N 88  
GLU N   CA   sing N N 89  
GLU N   H    sing N N 90  
GLU N   H2   sing N N 91  
GLU CA  C    sing N N 92  
GLU CA  CB   sing N N 93  
GLU CA  HA   sing N N 94  
GLU C   O    doub N N 95  
GLU C   OXT  sing N N 96  
GLU CB  CG   sing N N 97  
GLU CB  HB2  sing N N 98  
GLU CB  HB3  sing N N 99  
GLU CG  CD   sing N N 100 
GLU CG  HG2  sing N N 101 
GLU CG  HG3  sing N N 102 
GLU CD  OE1  doub N N 103 
GLU CD  OE2  sing N N 104 
GLU OE2 HE2  sing N N 105 
GLU OXT HXT  sing N N 106 
GLY N   CA   sing N N 107 
GLY N   H    sing N N 108 
GLY N   H2   sing N N 109 
GLY CA  C    sing N N 110 
GLY CA  HA2  sing N N 111 
GLY CA  HA3  sing N N 112 
GLY C   O    doub N N 113 
GLY C   OXT  sing N N 114 
GLY OXT HXT  sing N N 115 
HIS N   CA   sing N N 116 
HIS N   H    sing N N 117 
HIS N   H2   sing N N 118 
HIS CA  C    sing N N 119 
HIS CA  CB   sing N N 120 
HIS CA  HA   sing N N 121 
HIS C   O    doub N N 122 
HIS C   OXT  sing N N 123 
HIS CB  CG   sing N N 124 
HIS CB  HB2  sing N N 125 
HIS CB  HB3  sing N N 126 
HIS CG  ND1  sing Y N 127 
HIS CG  CD2  doub Y N 128 
HIS ND1 CE1  doub Y N 129 
HIS ND1 HD1  sing N N 130 
HIS CD2 NE2  sing Y N 131 
HIS CD2 HD2  sing N N 132 
HIS CE1 NE2  sing Y N 133 
HIS CE1 HE1  sing N N 134 
HIS NE2 HE2  sing N N 135 
HIS OXT HXT  sing N N 136 
HOH O   H1   sing N N 137 
HOH O   H2   sing N N 138 
ILE N   CA   sing N N 139 
ILE N   H    sing N N 140 
ILE N   H2   sing N N 141 
ILE CA  C    sing N N 142 
ILE CA  CB   sing N N 143 
ILE CA  HA   sing N N 144 
ILE C   O    doub N N 145 
ILE C   OXT  sing N N 146 
ILE CB  CG1  sing N N 147 
ILE CB  CG2  sing N N 148 
ILE CB  HB   sing N N 149 
ILE CG1 CD1  sing N N 150 
ILE CG1 HG12 sing N N 151 
ILE CG1 HG13 sing N N 152 
ILE CG2 HG21 sing N N 153 
ILE CG2 HG22 sing N N 154 
ILE CG2 HG23 sing N N 155 
ILE CD1 HD11 sing N N 156 
ILE CD1 HD12 sing N N 157 
ILE CD1 HD13 sing N N 158 
ILE OXT HXT  sing N N 159 
LEU N   CA   sing N N 160 
LEU N   H    sing N N 161 
LEU N   H2   sing N N 162 
LEU CA  C    sing N N 163 
LEU CA  CB   sing N N 164 
LEU CA  HA   sing N N 165 
LEU C   O    doub N N 166 
LEU C   OXT  sing N N 167 
LEU CB  CG   sing N N 168 
LEU CB  HB2  sing N N 169 
LEU CB  HB3  sing N N 170 
LEU CG  CD1  sing N N 171 
LEU CG  CD2  sing N N 172 
LEU CG  HG   sing N N 173 
LEU CD1 HD11 sing N N 174 
LEU CD1 HD12 sing N N 175 
LEU CD1 HD13 sing N N 176 
LEU CD2 HD21 sing N N 177 
LEU CD2 HD22 sing N N 178 
LEU CD2 HD23 sing N N 179 
LEU OXT HXT  sing N N 180 
LYS N   CA   sing N N 181 
LYS N   H    sing N N 182 
LYS N   H2   sing N N 183 
LYS CA  C    sing N N 184 
LYS CA  CB   sing N N 185 
LYS CA  HA   sing N N 186 
LYS C   O    doub N N 187 
LYS C   OXT  sing N N 188 
LYS CB  CG   sing N N 189 
LYS CB  HB2  sing N N 190 
LYS CB  HB3  sing N N 191 
LYS CG  CD   sing N N 192 
LYS CG  HG2  sing N N 193 
LYS CG  HG3  sing N N 194 
LYS CD  CE   sing N N 195 
LYS CD  HD2  sing N N 196 
LYS CD  HD3  sing N N 197 
LYS CE  NZ   sing N N 198 
LYS CE  HE2  sing N N 199 
LYS CE  HE3  sing N N 200 
LYS NZ  HZ1  sing N N 201 
LYS NZ  HZ2  sing N N 202 
LYS NZ  HZ3  sing N N 203 
LYS OXT HXT  sing N N 204 
O4B CAA OAM  sing N N 205 
O4B CAA CAB  sing N N 206 
O4B OAM CAC  sing N N 207 
O4B CAC CAD  sing N N 208 
O4B CAD OAO  sing N N 209 
O4B OAO CAG  sing N N 210 
O4B CAG CAH  sing N N 211 
O4B CAH OAQ  sing N N 212 
O4B OAQ CAK  sing N N 213 
O4B CAK CAL  sing N N 214 
O4B CAL OAR  sing N N 215 
O4B OAR CAJ  sing N N 216 
O4B CAJ CAI  sing N N 217 
O4B CAI OAP  sing N N 218 
O4B OAP CAF  sing N N 219 
O4B CAF CAE  sing N N 220 
O4B CAE OAN  sing N N 221 
O4B OAN CAB  sing N N 222 
O4B CAA HAA1 sing N N 223 
O4B CAA HAA2 sing N N 224 
O4B CAB HAB1 sing N N 225 
O4B CAB HAB2 sing N N 226 
O4B CAC HAC1 sing N N 227 
O4B CAC HAC2 sing N N 228 
O4B CAD HAD1 sing N N 229 
O4B CAD HAD2 sing N N 230 
O4B CAG HAG1 sing N N 231 
O4B CAG HAG2 sing N N 232 
O4B CAH HAH1 sing N N 233 
O4B CAH HAH2 sing N N 234 
O4B CAK HAK1 sing N N 235 
O4B CAK HAK2 sing N N 236 
O4B CAL HAL1 sing N N 237 
O4B CAL HAL2 sing N N 238 
O4B CAJ HAJ1 sing N N 239 
O4B CAJ HAJ2 sing N N 240 
O4B CAI HAI1 sing N N 241 
O4B CAI HAI2 sing N N 242 
O4B CAF HAF1 sing N N 243 
O4B CAF HAF2 sing N N 244 
O4B CAE HAE1 sing N N 245 
O4B CAE HAE2 sing N N 246 
PHE N   CA   sing N N 247 
PHE N   H    sing N N 248 
PHE N   H2   sing N N 249 
PHE CA  C    sing N N 250 
PHE CA  CB   sing N N 251 
PHE CA  HA   sing N N 252 
PHE C   O    doub N N 253 
PHE C   OXT  sing N N 254 
PHE CB  CG   sing N N 255 
PHE CB  HB2  sing N N 256 
PHE CB  HB3  sing N N 257 
PHE CG  CD1  doub Y N 258 
PHE CG  CD2  sing Y N 259 
PHE CD1 CE1  sing Y N 260 
PHE CD1 HD1  sing N N 261 
PHE CD2 CE2  doub Y N 262 
PHE CD2 HD2  sing N N 263 
PHE CE1 CZ   doub Y N 264 
PHE CE1 HE1  sing N N 265 
PHE CE2 CZ   sing Y N 266 
PHE CE2 HE2  sing N N 267 
PHE CZ  HZ   sing N N 268 
PHE OXT HXT  sing N N 269 
PRO N   CA   sing N N 270 
PRO N   CD   sing N N 271 
PRO N   H    sing N N 272 
PRO CA  C    sing N N 273 
PRO CA  CB   sing N N 274 
PRO CA  HA   sing N N 275 
PRO C   O    doub N N 276 
PRO C   OXT  sing N N 277 
PRO CB  CG   sing N N 278 
PRO CB  HB2  sing N N 279 
PRO CB  HB3  sing N N 280 
PRO CG  CD   sing N N 281 
PRO CG  HG2  sing N N 282 
PRO CG  HG3  sing N N 283 
PRO CD  HD2  sing N N 284 
PRO CD  HD3  sing N N 285 
PRO OXT HXT  sing N N 286 
SER N   CA   sing N N 287 
SER N   H    sing N N 288 
SER N   H2   sing N N 289 
SER CA  C    sing N N 290 
SER CA  CB   sing N N 291 
SER CA  HA   sing N N 292 
SER C   O    doub N N 293 
SER C   OXT  sing N N 294 
SER CB  OG   sing N N 295 
SER CB  HB2  sing N N 296 
SER CB  HB3  sing N N 297 
SER OG  HG   sing N N 298 
SER OXT HXT  sing N N 299 
THR N   CA   sing N N 300 
THR N   H    sing N N 301 
THR N   H2   sing N N 302 
THR CA  C    sing N N 303 
THR CA  CB   sing N N 304 
THR CA  HA   sing N N 305 
THR C   O    doub N N 306 
THR C   OXT  sing N N 307 
THR CB  OG1  sing N N 308 
THR CB  CG2  sing N N 309 
THR CB  HB   sing N N 310 
THR OG1 HG1  sing N N 311 
THR CG2 HG21 sing N N 312 
THR CG2 HG22 sing N N 313 
THR CG2 HG23 sing N N 314 
THR OXT HXT  sing N N 315 
TRP N   CA   sing N N 316 
TRP N   H    sing N N 317 
TRP N   H2   sing N N 318 
TRP CA  C    sing N N 319 
TRP CA  CB   sing N N 320 
TRP CA  HA   sing N N 321 
TRP C   O    doub N N 322 
TRP C   OXT  sing N N 323 
TRP CB  CG   sing N N 324 
TRP CB  HB2  sing N N 325 
TRP CB  HB3  sing N N 326 
TRP CG  CD1  doub Y N 327 
TRP CG  CD2  sing Y N 328 
TRP CD1 NE1  sing Y N 329 
TRP CD1 HD1  sing N N 330 
TRP CD2 CE2  doub Y N 331 
TRP CD2 CE3  sing Y N 332 
TRP NE1 CE2  sing Y N 333 
TRP NE1 HE1  sing N N 334 
TRP CE2 CZ2  sing Y N 335 
TRP CE3 CZ3  doub Y N 336 
TRP CE3 HE3  sing N N 337 
TRP CZ2 CH2  doub Y N 338 
TRP CZ2 HZ2  sing N N 339 
TRP CZ3 CH2  sing Y N 340 
TRP CZ3 HZ3  sing N N 341 
TRP CH2 HH2  sing N N 342 
TRP OXT HXT  sing N N 343 
TYR N   CA   sing N N 344 
TYR N   H    sing N N 345 
TYR N   H2   sing N N 346 
TYR CA  C    sing N N 347 
TYR CA  CB   sing N N 348 
TYR CA  HA   sing N N 349 
TYR C   O    doub N N 350 
TYR C   OXT  sing N N 351 
TYR CB  CG   sing N N 352 
TYR CB  HB2  sing N N 353 
TYR CB  HB3  sing N N 354 
TYR CG  CD1  doub Y N 355 
TYR CG  CD2  sing Y N 356 
TYR CD1 CE1  sing Y N 357 
TYR CD1 HD1  sing N N 358 
TYR CD2 CE2  doub Y N 359 
TYR CD2 HD2  sing N N 360 
TYR CE1 CZ   doub Y N 361 
TYR CE1 HE1  sing N N 362 
TYR CE2 CZ   sing Y N 363 
TYR CE2 HE2  sing N N 364 
TYR CZ  OH   sing N N 365 
TYR OH  HH   sing N N 366 
TYR OXT HXT  sing N N 367 
VAL N   CA   sing N N 368 
VAL N   H    sing N N 369 
VAL N   H2   sing N N 370 
VAL CA  C    sing N N 371 
VAL CA  CB   sing N N 372 
VAL CA  HA   sing N N 373 
VAL C   O    doub N N 374 
VAL C   OXT  sing N N 375 
VAL CB  CG1  sing N N 376 
VAL CB  CG2  sing N N 377 
VAL CB  HB   sing N N 378 
VAL CG1 HG11 sing N N 379 
VAL CG1 HG12 sing N N 380 
VAL CG1 HG13 sing N N 381 
VAL CG2 HG21 sing N N 382 
VAL CG2 HG22 sing N N 383 
VAL CG2 HG23 sing N N 384 
VAL OXT HXT  sing N N 385 
# 
_pdbx_audit_support.funding_organization   'Other government' 
_pdbx_audit_support.country                'Saudi Arabia' 
_pdbx_audit_support.grant_number           'KAUST - BAS/1/1056-01' 
_pdbx_audit_support.ordinal                1 
# 
loop_
_pdbx_entity_nonpoly.entity_id 
_pdbx_entity_nonpoly.name 
_pdbx_entity_nonpoly.comp_id 
2 1,4,7,10,13,16-HEXAOXACYCLOOCTADECANE O4B 
3 water                                 HOH 
# 
_pdbx_initial_refinement_model.id               1 
_pdbx_initial_refinement_model.entity_id_list   ? 
_pdbx_initial_refinement_model.type             'experimental model' 
_pdbx_initial_refinement_model.source_name      PDB 
_pdbx_initial_refinement_model.accession_code   3H0F 
_pdbx_initial_refinement_model.details          ? 
# 
_pdbx_struct_assembly_auth_evidence.id                     1 
_pdbx_struct_assembly_auth_evidence.assembly_id            1 
_pdbx_struct_assembly_auth_evidence.experimental_support   'gel filtration' 
_pdbx_struct_assembly_auth_evidence.details                ? 
# 
